data_6H49
# 
_entry.id   6H49 
# 
_audit_conform.dict_name       mmcif_pdbx.dic 
_audit_conform.dict_version    5.392 
_audit_conform.dict_location   http://mmcif.pdb.org/dictionaries/ascii/mmcif_pdbx.dic 
# 
loop_
_database_2.database_id 
_database_2.database_code 
_database_2.pdbx_database_accession 
_database_2.pdbx_DOI 
PDB   6H49         pdb_00006h49 10.2210/pdb6h49/pdb 
WWPDB D_1200011013 ?            ?                   
# 
loop_
_pdbx_audit_revision_history.ordinal 
_pdbx_audit_revision_history.data_content_type 
_pdbx_audit_revision_history.major_revision 
_pdbx_audit_revision_history.minor_revision 
_pdbx_audit_revision_history.revision_date 
1 'Structure model' 1 0 2019-08-28 
2 'Structure model' 1 1 2019-10-16 
3 'Structure model' 1 2 2024-05-15 
# 
_pdbx_audit_revision_details.ordinal             1 
_pdbx_audit_revision_details.revision_ordinal    1 
_pdbx_audit_revision_details.data_content_type   'Structure model' 
_pdbx_audit_revision_details.provider            repository 
_pdbx_audit_revision_details.type                'Initial release' 
_pdbx_audit_revision_details.description         ? 
_pdbx_audit_revision_details.details             ? 
# 
loop_
_pdbx_audit_revision_group.ordinal 
_pdbx_audit_revision_group.revision_ordinal 
_pdbx_audit_revision_group.data_content_type 
_pdbx_audit_revision_group.group 
1 2 'Structure model' 'Data collection'      
2 2 'Structure model' 'Derived calculations' 
3 3 'Structure model' 'Data collection'      
4 3 'Structure model' 'Database references'  
# 
loop_
_pdbx_audit_revision_category.ordinal 
_pdbx_audit_revision_category.revision_ordinal 
_pdbx_audit_revision_category.data_content_type 
_pdbx_audit_revision_category.category 
1 2 'Structure model' reflns_shell   
2 2 'Structure model' struct_conn    
3 3 'Structure model' chem_comp_atom 
4 3 'Structure model' chem_comp_bond 
5 3 'Structure model' database_2     
# 
loop_
_pdbx_audit_revision_item.ordinal 
_pdbx_audit_revision_item.revision_ordinal 
_pdbx_audit_revision_item.data_content_type 
_pdbx_audit_revision_item.item 
1 2 'Structure model' '_reflns_shell.d_res_high'            
2 2 'Structure model' '_reflns_shell.d_res_low'             
3 3 'Structure model' '_database_2.pdbx_DOI'                
4 3 'Structure model' '_database_2.pdbx_database_accession' 
# 
_pdbx_database_status.status_code                     REL 
_pdbx_database_status.status_code_sf                  REL 
_pdbx_database_status.status_code_mr                  ? 
_pdbx_database_status.entry_id                        6H49 
_pdbx_database_status.recvd_initial_deposition_date   2018-07-20 
_pdbx_database_status.SG_entry                        N 
_pdbx_database_status.deposit_site                    PDBE 
_pdbx_database_status.process_site                    PDBE 
_pdbx_database_status.status_code_cs                  ? 
_pdbx_database_status.methods_development_category    ? 
_pdbx_database_status.pdb_format_compatible           Y 
_pdbx_database_status.status_code_nmr_data            ? 
# 
loop_
_audit_author.name 
_audit_author.pdbx_ordinal 
_audit_author.identifier_ORCID 
'Ciges-Tomas, J.R.' 1 ? 
'Alite, C.'         2 ? 
'Bowring, J.Z.'     3 ? 
'Donderis, J.'      4 ? 
'Penades, J.R.'     5 ? 
'Marina, A.'        6 ? 
# 
_citation.abstract                  ? 
_citation.abstract_id_CAS           ? 
_citation.book_id_ISBN              ? 
_citation.book_publisher            ? 
_citation.book_publisher_city       ? 
_citation.book_title                ? 
_citation.coordinate_linkage        ? 
_citation.country                   UK 
_citation.database_id_Medline       ? 
_citation.details                   ? 
_citation.id                        primary 
_citation.journal_abbrev            'Nat Commun' 
_citation.journal_id_ASTM           ? 
_citation.journal_id_CSD            ? 
_citation.journal_id_ISSN           2041-1723 
_citation.journal_full              ? 
_citation.journal_issue             ? 
_citation.journal_volume            10 
_citation.language                  ? 
_citation.page_first                3676 
_citation.page_last                 3676 
_citation.title                     
'The structure of a polygamous repressor reveals how phage-inducible chromosomal islands spread in nature.' 
_citation.year                      2019 
_citation.database_id_CSD           ? 
_citation.pdbx_database_id_DOI      10.1038/s41467-019-11504-2 
_citation.pdbx_database_id_PubMed   31417084 
_citation.unpublished_flag          ? 
# 
loop_
_citation_author.citation_id 
_citation_author.name 
_citation_author.ordinal 
_citation_author.identifier_ORCID 
primary 'Rafael Ciges-Tomas, J.' 1 0000-0003-2647-3052 
primary 'Alite, C.'              2 ?                   
primary 'Humphrey, S.'           3 0000-0002-9893-3209 
primary 'Donderis, J.'           4 ?                   
primary 'Bowring, J.'            5 ?                   
primary 'Salvatella, X.'         6 0000-0002-8371-4185 
primary 'Penades, J.R.'          7 0000-0002-6439-5262 
primary 'Marina, A.'             8 0000-0002-1334-5273 
# 
loop_
_entity.id 
_entity.type 
_entity.src_method 
_entity.pdbx_description 
_entity.formula_weight 
_entity.pdbx_number_of_molecules 
_entity.pdbx_ec 
_entity.pdbx_mutation 
_entity.pdbx_fragment 
_entity.details 
1 polymer     man Orf20         18157.391 1  ? ? ? ? 
2 non-polymer syn 'SULFATE ION' 96.063    2  ? ? ? ? 
3 water       nat water         18.015    85 ? ? ? ? 
# 
_entity_poly.entity_id                      1 
_entity_poly.type                           'polypeptide(L)' 
_entity_poly.nstd_linkage                   no 
_entity_poly.nstd_monomer                   no 
_entity_poly.pdbx_seq_one_letter_code       
;GMEGAGQMAELPTHYGTIIKTLRKYMKLTQSKLSERTGFSQNTISNHENGNRNIGVNEIEIYGKGLGIPSYILHRISDEF
KEKGYSPTLNDFGKFDKMYSYVNKAYYNDGDIYYSSYDLYDETIKLLELLKESKINVNDIDYDYVLKLYKQILSTDT
;
_entity_poly.pdbx_seq_one_letter_code_can   
;GMEGAGQMAELPTHYGTIIKTLRKYMKLTQSKLSERTGFSQNTISNHENGNRNIGVNEIEIYGKGLGIPSYILHRISDEF
KEKGYSPTLNDFGKFDKMYSYVNKAYYNDGDIYYSSYDLYDETIKLLELLKESKINVNDIDYDYVLKLYKQILSTDT
;
_entity_poly.pdbx_strand_id                 A 
_entity_poly.pdbx_target_identifier         ? 
# 
loop_
_pdbx_entity_nonpoly.entity_id 
_pdbx_entity_nonpoly.name 
_pdbx_entity_nonpoly.comp_id 
2 'SULFATE ION' SO4 
3 water         HOH 
# 
loop_
_entity_poly_seq.entity_id 
_entity_poly_seq.num 
_entity_poly_seq.mon_id 
_entity_poly_seq.hetero 
1 1   GLY n 
1 2   MET n 
1 3   GLU n 
1 4   GLY n 
1 5   ALA n 
1 6   GLY n 
1 7   GLN n 
1 8   MET n 
1 9   ALA n 
1 10  GLU n 
1 11  LEU n 
1 12  PRO n 
1 13  THR n 
1 14  HIS n 
1 15  TYR n 
1 16  GLY n 
1 17  THR n 
1 18  ILE n 
1 19  ILE n 
1 20  LYS n 
1 21  THR n 
1 22  LEU n 
1 23  ARG n 
1 24  LYS n 
1 25  TYR n 
1 26  MET n 
1 27  LYS n 
1 28  LEU n 
1 29  THR n 
1 30  GLN n 
1 31  SER n 
1 32  LYS n 
1 33  LEU n 
1 34  SER n 
1 35  GLU n 
1 36  ARG n 
1 37  THR n 
1 38  GLY n 
1 39  PHE n 
1 40  SER n 
1 41  GLN n 
1 42  ASN n 
1 43  THR n 
1 44  ILE n 
1 45  SER n 
1 46  ASN n 
1 47  HIS n 
1 48  GLU n 
1 49  ASN n 
1 50  GLY n 
1 51  ASN n 
1 52  ARG n 
1 53  ASN n 
1 54  ILE n 
1 55  GLY n 
1 56  VAL n 
1 57  ASN n 
1 58  GLU n 
1 59  ILE n 
1 60  GLU n 
1 61  ILE n 
1 62  TYR n 
1 63  GLY n 
1 64  LYS n 
1 65  GLY n 
1 66  LEU n 
1 67  GLY n 
1 68  ILE n 
1 69  PRO n 
1 70  SER n 
1 71  TYR n 
1 72  ILE n 
1 73  LEU n 
1 74  HIS n 
1 75  ARG n 
1 76  ILE n 
1 77  SER n 
1 78  ASP n 
1 79  GLU n 
1 80  PHE n 
1 81  LYS n 
1 82  GLU n 
1 83  LYS n 
1 84  GLY n 
1 85  TYR n 
1 86  SER n 
1 87  PRO n 
1 88  THR n 
1 89  LEU n 
1 90  ASN n 
1 91  ASP n 
1 92  PHE n 
1 93  GLY n 
1 94  LYS n 
1 95  PHE n 
1 96  ASP n 
1 97  LYS n 
1 98  MET n 
1 99  TYR n 
1 100 SER n 
1 101 TYR n 
1 102 VAL n 
1 103 ASN n 
1 104 LYS n 
1 105 ALA n 
1 106 TYR n 
1 107 TYR n 
1 108 ASN n 
1 109 ASP n 
1 110 GLY n 
1 111 ASP n 
1 112 ILE n 
1 113 TYR n 
1 114 TYR n 
1 115 SER n 
1 116 SER n 
1 117 TYR n 
1 118 ASP n 
1 119 LEU n 
1 120 TYR n 
1 121 ASP n 
1 122 GLU n 
1 123 THR n 
1 124 ILE n 
1 125 LYS n 
1 126 LEU n 
1 127 LEU n 
1 128 GLU n 
1 129 LEU n 
1 130 LEU n 
1 131 LYS n 
1 132 GLU n 
1 133 SER n 
1 134 LYS n 
1 135 ILE n 
1 136 ASN n 
1 137 VAL n 
1 138 ASN n 
1 139 ASP n 
1 140 ILE n 
1 141 ASP n 
1 142 TYR n 
1 143 ASP n 
1 144 TYR n 
1 145 VAL n 
1 146 LEU n 
1 147 LYS n 
1 148 LEU n 
1 149 TYR n 
1 150 LYS n 
1 151 GLN n 
1 152 ILE n 
1 153 LEU n 
1 154 SER n 
1 155 THR n 
1 156 ASP n 
1 157 THR n 
# 
_entity_src_gen.entity_id                          1 
_entity_src_gen.pdbx_src_id                        1 
_entity_src_gen.pdbx_alt_source_flag               sample 
_entity_src_gen.pdbx_seq_type                      'Biological sequence' 
_entity_src_gen.pdbx_beg_seq_num                   1 
_entity_src_gen.pdbx_end_seq_num                   157 
_entity_src_gen.gene_src_common_name               ? 
_entity_src_gen.gene_src_genus                     ? 
_entity_src_gen.pdbx_gene_src_gene                 ? 
_entity_src_gen.gene_src_species                   ? 
_entity_src_gen.gene_src_strain                    ? 
_entity_src_gen.gene_src_tissue                    ? 
_entity_src_gen.gene_src_tissue_fraction           ? 
_entity_src_gen.gene_src_details                   ? 
_entity_src_gen.pdbx_gene_src_fragment             ? 
_entity_src_gen.pdbx_gene_src_scientific_name      'Staphylococcus aureus' 
_entity_src_gen.pdbx_gene_src_ncbi_taxonomy_id     1280 
_entity_src_gen.pdbx_gene_src_variant              ? 
_entity_src_gen.pdbx_gene_src_cell_line            ? 
_entity_src_gen.pdbx_gene_src_atcc                 ? 
_entity_src_gen.pdbx_gene_src_organ                ? 
_entity_src_gen.pdbx_gene_src_organelle            ? 
_entity_src_gen.pdbx_gene_src_cell                 ? 
_entity_src_gen.pdbx_gene_src_cellular_location    ? 
_entity_src_gen.host_org_common_name               ? 
_entity_src_gen.pdbx_host_org_scientific_name      'Escherichia coli' 
_entity_src_gen.pdbx_host_org_ncbi_taxonomy_id     562 
_entity_src_gen.host_org_genus                     ? 
_entity_src_gen.pdbx_host_org_gene                 ? 
_entity_src_gen.pdbx_host_org_organ                ? 
_entity_src_gen.host_org_species                   ? 
_entity_src_gen.pdbx_host_org_tissue               ? 
_entity_src_gen.pdbx_host_org_tissue_fraction      ? 
_entity_src_gen.pdbx_host_org_strain               ? 
_entity_src_gen.pdbx_host_org_variant              ? 
_entity_src_gen.pdbx_host_org_cell_line            ? 
_entity_src_gen.pdbx_host_org_atcc                 ? 
_entity_src_gen.pdbx_host_org_culture_collection   ? 
_entity_src_gen.pdbx_host_org_cell                 ? 
_entity_src_gen.pdbx_host_org_organelle            ? 
_entity_src_gen.pdbx_host_org_cellular_location    ? 
_entity_src_gen.pdbx_host_org_vector_type          ? 
_entity_src_gen.pdbx_host_org_vector               ? 
_entity_src_gen.host_org_details                   ? 
_entity_src_gen.expression_system_id               ? 
_entity_src_gen.plasmid_name                       ? 
_entity_src_gen.plasmid_details                    ? 
_entity_src_gen.pdbx_description                   ? 
# 
loop_
_chem_comp.id 
_chem_comp.type 
_chem_comp.mon_nstd_flag 
_chem_comp.name 
_chem_comp.pdbx_synonyms 
_chem_comp.formula 
_chem_comp.formula_weight 
ALA 'L-peptide linking' y ALANINE         ? 'C3 H7 N O2'     89.093  
ARG 'L-peptide linking' y ARGININE        ? 'C6 H15 N4 O2 1' 175.209 
ASN 'L-peptide linking' y ASPARAGINE      ? 'C4 H8 N2 O3'    132.118 
ASP 'L-peptide linking' y 'ASPARTIC ACID' ? 'C4 H7 N O4'     133.103 
GLN 'L-peptide linking' y GLUTAMINE       ? 'C5 H10 N2 O3'   146.144 
GLU 'L-peptide linking' y 'GLUTAMIC ACID' ? 'C5 H9 N O4'     147.129 
GLY 'peptide linking'   y GLYCINE         ? 'C2 H5 N O2'     75.067  
HIS 'L-peptide linking' y HISTIDINE       ? 'C6 H10 N3 O2 1' 156.162 
HOH non-polymer         . WATER           ? 'H2 O'           18.015  
ILE 'L-peptide linking' y ISOLEUCINE      ? 'C6 H13 N O2'    131.173 
LEU 'L-peptide linking' y LEUCINE         ? 'C6 H13 N O2'    131.173 
LYS 'L-peptide linking' y LYSINE          ? 'C6 H15 N2 O2 1' 147.195 
MET 'L-peptide linking' y METHIONINE      ? 'C5 H11 N O2 S'  149.211 
PHE 'L-peptide linking' y PHENYLALANINE   ? 'C9 H11 N O2'    165.189 
PRO 'L-peptide linking' y PROLINE         ? 'C5 H9 N O2'     115.130 
SER 'L-peptide linking' y SERINE          ? 'C3 H7 N O3'     105.093 
SO4 non-polymer         . 'SULFATE ION'   ? 'O4 S -2'        96.063  
THR 'L-peptide linking' y THREONINE       ? 'C4 H9 N O3'     119.119 
TYR 'L-peptide linking' y TYROSINE        ? 'C9 H11 N O3'    181.189 
VAL 'L-peptide linking' y VALINE          ? 'C5 H11 N O2'    117.146 
# 
loop_
_pdbx_poly_seq_scheme.asym_id 
_pdbx_poly_seq_scheme.entity_id 
_pdbx_poly_seq_scheme.seq_id 
_pdbx_poly_seq_scheme.mon_id 
_pdbx_poly_seq_scheme.ndb_seq_num 
_pdbx_poly_seq_scheme.pdb_seq_num 
_pdbx_poly_seq_scheme.auth_seq_num 
_pdbx_poly_seq_scheme.pdb_mon_id 
_pdbx_poly_seq_scheme.auth_mon_id 
_pdbx_poly_seq_scheme.pdb_strand_id 
_pdbx_poly_seq_scheme.pdb_ins_code 
_pdbx_poly_seq_scheme.hetero 
A 1 1   GLY 1   0   ?   ?   ?   A . n 
A 1 2   MET 2   1   ?   ?   ?   A . n 
A 1 3   GLU 3   2   ?   ?   ?   A . n 
A 1 4   GLY 4   3   ?   ?   ?   A . n 
A 1 5   ALA 5   4   ?   ?   ?   A . n 
A 1 6   GLY 6   5   ?   ?   ?   A . n 
A 1 7   GLN 7   6   ?   ?   ?   A . n 
A 1 8   MET 8   7   7   MET MET A . n 
A 1 9   ALA 9   8   8   ALA ALA A . n 
A 1 10  GLU 10  9   9   GLU GLU A . n 
A 1 11  LEU 11  10  10  LEU LEU A . n 
A 1 12  PRO 12  11  11  PRO PRO A . n 
A 1 13  THR 13  12  12  THR THR A . n 
A 1 14  HIS 14  13  13  HIS HIS A . n 
A 1 15  TYR 15  14  14  TYR TYR A . n 
A 1 16  GLY 16  15  15  GLY GLY A . n 
A 1 17  THR 17  16  16  THR THR A . n 
A 1 18  ILE 18  17  17  ILE ILE A . n 
A 1 19  ILE 19  18  18  ILE ILE A . n 
A 1 20  LYS 20  19  19  LYS LYS A . n 
A 1 21  THR 21  20  20  THR THR A . n 
A 1 22  LEU 22  21  21  LEU LEU A . n 
A 1 23  ARG 23  22  22  ARG ARG A . n 
A 1 24  LYS 24  23  23  LYS LYS A . n 
A 1 25  TYR 25  24  24  TYR TYR A . n 
A 1 26  MET 26  25  25  MET MET A . n 
A 1 27  LYS 27  26  26  LYS LYS A . n 
A 1 28  LEU 28  27  27  LEU LEU A . n 
A 1 29  THR 29  28  28  THR THR A . n 
A 1 30  GLN 30  29  29  GLN GLN A . n 
A 1 31  SER 31  30  30  SER SER A . n 
A 1 32  LYS 32  31  31  LYS LYS A . n 
A 1 33  LEU 33  32  32  LEU LEU A . n 
A 1 34  SER 34  33  33  SER SER A . n 
A 1 35  GLU 35  34  34  GLU GLU A . n 
A 1 36  ARG 36  35  35  ARG ARG A . n 
A 1 37  THR 37  36  36  THR THR A . n 
A 1 38  GLY 38  37  37  GLY GLY A . n 
A 1 39  PHE 39  38  38  PHE PHE A . n 
A 1 40  SER 40  39  39  SER SER A . n 
A 1 41  GLN 41  40  40  GLN GLN A . n 
A 1 42  ASN 42  41  41  ASN ASN A . n 
A 1 43  THR 43  42  42  THR THR A . n 
A 1 44  ILE 44  43  43  ILE ILE A . n 
A 1 45  SER 45  44  44  SER SER A . n 
A 1 46  ASN 46  45  45  ASN ASN A . n 
A 1 47  HIS 47  46  46  HIS HIS A . n 
A 1 48  GLU 48  47  47  GLU GLU A . n 
A 1 49  ASN 49  48  48  ASN ASN A . n 
A 1 50  GLY 50  49  49  GLY GLY A . n 
A 1 51  ASN 51  50  50  ASN ASN A . n 
A 1 52  ARG 52  51  51  ARG ARG A . n 
A 1 53  ASN 53  52  52  ASN ASN A . n 
A 1 54  ILE 54  53  53  ILE ILE A . n 
A 1 55  GLY 55  54  54  GLY GLY A . n 
A 1 56  VAL 56  55  55  VAL VAL A . n 
A 1 57  ASN 57  56  56  ASN ASN A . n 
A 1 58  GLU 58  57  57  GLU GLU A . n 
A 1 59  ILE 59  58  58  ILE ILE A . n 
A 1 60  GLU 60  59  59  GLU GLU A . n 
A 1 61  ILE 61  60  60  ILE ILE A . n 
A 1 62  TYR 62  61  61  TYR TYR A . n 
A 1 63  GLY 63  62  62  GLY GLY A . n 
A 1 64  LYS 64  63  63  LYS LYS A . n 
A 1 65  GLY 65  64  64  GLY GLY A . n 
A 1 66  LEU 66  65  65  LEU LEU A . n 
A 1 67  GLY 67  66  66  GLY GLY A . n 
A 1 68  ILE 68  67  67  ILE ILE A . n 
A 1 69  PRO 69  68  68  PRO PRO A . n 
A 1 70  SER 70  69  69  SER SER A . n 
A 1 71  TYR 71  70  70  TYR TYR A . n 
A 1 72  ILE 72  71  71  ILE ILE A . n 
A 1 73  LEU 73  72  72  LEU LEU A . n 
A 1 74  HIS 74  73  73  HIS HIS A . n 
A 1 75  ARG 75  74  74  ARG ARG A . n 
A 1 76  ILE 76  75  75  ILE ILE A . n 
A 1 77  SER 77  76  76  SER SER A . n 
A 1 78  ASP 78  77  77  ASP ASP A . n 
A 1 79  GLU 79  78  78  GLU GLU A . n 
A 1 80  PHE 80  79  79  PHE PHE A . n 
A 1 81  LYS 81  80  80  LYS LYS A . n 
A 1 82  GLU 82  81  81  GLU GLU A . n 
A 1 83  LYS 83  82  82  LYS LYS A . n 
A 1 84  GLY 84  83  83  GLY GLY A . n 
A 1 85  TYR 85  84  84  TYR TYR A . n 
A 1 86  SER 86  85  85  SER SER A . n 
A 1 87  PRO 87  86  86  PRO PRO A . n 
A 1 88  THR 88  87  87  THR THR A . n 
A 1 89  LEU 89  88  88  LEU LEU A . n 
A 1 90  ASN 90  89  89  ASN ASN A . n 
A 1 91  ASP 91  90  90  ASP ASP A . n 
A 1 92  PHE 92  91  91  PHE PHE A . n 
A 1 93  GLY 93  92  92  GLY GLY A . n 
A 1 94  LYS 94  93  93  LYS LYS A . n 
A 1 95  PHE 95  94  94  PHE PHE A . n 
A 1 96  ASP 96  95  95  ASP ASP A . n 
A 1 97  LYS 97  96  96  LYS LYS A . n 
A 1 98  MET 98  97  97  MET MET A . n 
A 1 99  TYR 99  98  98  TYR TYR A . n 
A 1 100 SER 100 99  99  SER SER A . n 
A 1 101 TYR 101 100 100 TYR TYR A . n 
A 1 102 VAL 102 101 101 VAL VAL A . n 
A 1 103 ASN 103 102 102 ASN ASN A . n 
A 1 104 LYS 104 103 103 LYS LYS A . n 
A 1 105 ALA 105 104 104 ALA ALA A . n 
A 1 106 TYR 106 105 105 TYR TYR A . n 
A 1 107 TYR 107 106 106 TYR TYR A . n 
A 1 108 ASN 108 107 107 ASN ASN A . n 
A 1 109 ASP 109 108 108 ASP ASP A . n 
A 1 110 GLY 110 109 109 GLY GLY A . n 
A 1 111 ASP 111 110 110 ASP ASP A . n 
A 1 112 ILE 112 111 111 ILE ILE A . n 
A 1 113 TYR 113 112 112 TYR TYR A . n 
A 1 114 TYR 114 113 113 TYR TYR A . n 
A 1 115 SER 115 114 114 SER SER A . n 
A 1 116 SER 116 115 115 SER SER A . n 
A 1 117 TYR 117 116 116 TYR TYR A . n 
A 1 118 ASP 118 117 117 ASP ASP A . n 
A 1 119 LEU 119 118 118 LEU LEU A . n 
A 1 120 TYR 120 119 119 TYR TYR A . n 
A 1 121 ASP 121 120 120 ASP ASP A . n 
A 1 122 GLU 122 121 121 GLU GLU A . n 
A 1 123 THR 123 122 122 THR THR A . n 
A 1 124 ILE 124 123 123 ILE ILE A . n 
A 1 125 LYS 125 124 124 LYS LYS A . n 
A 1 126 LEU 126 125 125 LEU LEU A . n 
A 1 127 LEU 127 126 126 LEU LEU A . n 
A 1 128 GLU 128 127 127 GLU GLU A . n 
A 1 129 LEU 129 128 128 LEU LEU A . n 
A 1 130 LEU 130 129 129 LEU LEU A . n 
A 1 131 LYS 131 130 130 LYS LYS A . n 
A 1 132 GLU 132 131 131 GLU GLU A . n 
A 1 133 SER 133 132 132 SER SER A . n 
A 1 134 LYS 134 133 133 LYS LYS A . n 
A 1 135 ILE 135 134 134 ILE ILE A . n 
A 1 136 ASN 136 135 135 ASN ASN A . n 
A 1 137 VAL 137 136 136 VAL VAL A . n 
A 1 138 ASN 138 137 137 ASN ASN A . n 
A 1 139 ASP 139 138 138 ASP ASP A . n 
A 1 140 ILE 140 139 139 ILE ILE A . n 
A 1 141 ASP 141 140 140 ASP ASP A . n 
A 1 142 TYR 142 141 141 TYR TYR A . n 
A 1 143 ASP 143 142 142 ASP ASP A . n 
A 1 144 TYR 144 143 143 TYR TYR A . n 
A 1 145 VAL 145 144 144 VAL VAL A . n 
A 1 146 LEU 146 145 145 LEU LEU A . n 
A 1 147 LYS 147 146 146 LYS LYS A . n 
A 1 148 LEU 148 147 147 LEU LEU A . n 
A 1 149 TYR 149 148 148 TYR TYR A . n 
A 1 150 LYS 150 149 149 LYS LYS A . n 
A 1 151 GLN 151 150 150 GLN GLN A . n 
A 1 152 ILE 152 151 151 ILE ILE A . n 
A 1 153 LEU 153 152 152 LEU LEU A . n 
A 1 154 SER 154 153 153 SER SER A . n 
A 1 155 THR 155 154 ?   ?   ?   A . n 
A 1 156 ASP 156 155 ?   ?   ?   A . n 
A 1 157 THR 157 156 ?   ?   ?   A . n 
# 
loop_
_pdbx_nonpoly_scheme.asym_id 
_pdbx_nonpoly_scheme.entity_id 
_pdbx_nonpoly_scheme.mon_id 
_pdbx_nonpoly_scheme.ndb_seq_num 
_pdbx_nonpoly_scheme.pdb_seq_num 
_pdbx_nonpoly_scheme.auth_seq_num 
_pdbx_nonpoly_scheme.pdb_mon_id 
_pdbx_nonpoly_scheme.auth_mon_id 
_pdbx_nonpoly_scheme.pdb_strand_id 
_pdbx_nonpoly_scheme.pdb_ins_code 
B 2 SO4 1  201 1   SO4 SO4 A . 
C 2 SO4 1  202 2   SO4 SO4 A . 
D 3 HOH 1  301 74  HOH HOH A . 
D 3 HOH 2  302 79  HOH HOH A . 
D 3 HOH 3  303 16  HOH HOH A . 
D 3 HOH 4  304 20  HOH HOH A . 
D 3 HOH 5  305 32  HOH HOH A . 
D 3 HOH 6  306 103 HOH HOH A . 
D 3 HOH 7  307 58  HOH HOH A . 
D 3 HOH 8  308 7   HOH HOH A . 
D 3 HOH 9  309 21  HOH HOH A . 
D 3 HOH 10 310 49  HOH HOH A . 
D 3 HOH 11 311 83  HOH HOH A . 
D 3 HOH 12 312 41  HOH HOH A . 
D 3 HOH 13 313 77  HOH HOH A . 
D 3 HOH 14 314 86  HOH HOH A . 
D 3 HOH 15 315 4   HOH HOH A . 
D 3 HOH 16 316 101 HOH HOH A . 
D 3 HOH 17 317 2   HOH HOH A . 
D 3 HOH 18 318 87  HOH HOH A . 
D 3 HOH 19 319 73  HOH HOH A . 
D 3 HOH 20 320 43  HOH HOH A . 
D 3 HOH 21 321 31  HOH HOH A . 
D 3 HOH 22 322 11  HOH HOH A . 
D 3 HOH 23 323 22  HOH HOH A . 
D 3 HOH 24 324 61  HOH HOH A . 
D 3 HOH 25 325 100 HOH HOH A . 
D 3 HOH 26 326 62  HOH HOH A . 
D 3 HOH 27 327 85  HOH HOH A . 
D 3 HOH 28 328 95  HOH HOH A . 
D 3 HOH 29 329 48  HOH HOH A . 
D 3 HOH 30 330 8   HOH HOH A . 
D 3 HOH 31 331 99  HOH HOH A . 
D 3 HOH 32 332 97  HOH HOH A . 
D 3 HOH 33 333 9   HOH HOH A . 
D 3 HOH 34 334 93  HOH HOH A . 
D 3 HOH 35 335 84  HOH HOH A . 
D 3 HOH 36 336 5   HOH HOH A . 
D 3 HOH 37 337 14  HOH HOH A . 
D 3 HOH 38 338 35  HOH HOH A . 
D 3 HOH 39 339 92  HOH HOH A . 
D 3 HOH 40 340 67  HOH HOH A . 
D 3 HOH 41 341 27  HOH HOH A . 
D 3 HOH 42 342 28  HOH HOH A . 
D 3 HOH 43 343 69  HOH HOH A . 
D 3 HOH 44 344 1   HOH HOH A . 
D 3 HOH 45 345 13  HOH HOH A . 
D 3 HOH 46 346 98  HOH HOH A . 
D 3 HOH 47 347 94  HOH HOH A . 
D 3 HOH 48 348 75  HOH HOH A . 
D 3 HOH 49 349 24  HOH HOH A . 
D 3 HOH 50 350 36  HOH HOH A . 
D 3 HOH 51 351 59  HOH HOH A . 
D 3 HOH 52 352 76  HOH HOH A . 
D 3 HOH 53 353 68  HOH HOH A . 
D 3 HOH 54 354 96  HOH HOH A . 
D 3 HOH 55 355 6   HOH HOH A . 
D 3 HOH 56 356 50  HOH HOH A . 
D 3 HOH 57 357 10  HOH HOH A . 
D 3 HOH 58 358 33  HOH HOH A . 
D 3 HOH 59 359 29  HOH HOH A . 
D 3 HOH 60 360 91  HOH HOH A . 
D 3 HOH 61 361 89  HOH HOH A . 
D 3 HOH 62 362 3   HOH HOH A . 
D 3 HOH 63 363 102 HOH HOH A . 
D 3 HOH 64 364 25  HOH HOH A . 
D 3 HOH 65 365 57  HOH HOH A . 
D 3 HOH 66 366 80  HOH HOH A . 
D 3 HOH 67 367 40  HOH HOH A . 
D 3 HOH 68 368 64  HOH HOH A . 
D 3 HOH 69 369 19  HOH HOH A . 
D 3 HOH 70 370 12  HOH HOH A . 
D 3 HOH 71 371 81  HOH HOH A . 
D 3 HOH 72 372 90  HOH HOH A . 
D 3 HOH 73 373 70  HOH HOH A . 
D 3 HOH 74 374 30  HOH HOH A . 
D 3 HOH 75 375 78  HOH HOH A . 
D 3 HOH 76 376 66  HOH HOH A . 
D 3 HOH 77 377 23  HOH HOH A . 
D 3 HOH 78 378 26  HOH HOH A . 
D 3 HOH 79 379 71  HOH HOH A . 
D 3 HOH 80 380 88  HOH HOH A . 
D 3 HOH 81 381 15  HOH HOH A . 
D 3 HOH 82 382 51  HOH HOH A . 
D 3 HOH 83 383 65  HOH HOH A . 
D 3 HOH 84 384 82  HOH HOH A . 
D 3 HOH 85 385 37  HOH HOH A . 
# 
loop_
_pdbx_unobs_or_zero_occ_atoms.id 
_pdbx_unobs_or_zero_occ_atoms.PDB_model_num 
_pdbx_unobs_or_zero_occ_atoms.polymer_flag 
_pdbx_unobs_or_zero_occ_atoms.occupancy_flag 
_pdbx_unobs_or_zero_occ_atoms.auth_asym_id 
_pdbx_unobs_or_zero_occ_atoms.auth_comp_id 
_pdbx_unobs_or_zero_occ_atoms.auth_seq_id 
_pdbx_unobs_or_zero_occ_atoms.PDB_ins_code 
_pdbx_unobs_or_zero_occ_atoms.auth_atom_id 
_pdbx_unobs_or_zero_occ_atoms.label_alt_id 
_pdbx_unobs_or_zero_occ_atoms.label_asym_id 
_pdbx_unobs_or_zero_occ_atoms.label_comp_id 
_pdbx_unobs_or_zero_occ_atoms.label_seq_id 
_pdbx_unobs_or_zero_occ_atoms.label_atom_id 
1  1 Y 1 A MET 7  ? N   ? A MET 8  N   
2  1 Y 1 A MET 7  ? CA  ? A MET 8  CA  
3  1 Y 1 A MET 7  ? CB  ? A MET 8  CB  
4  1 Y 1 A MET 7  ? CG  ? A MET 8  CG  
5  1 Y 1 A MET 7  ? SD  ? A MET 8  SD  
6  1 Y 1 A MET 7  ? CE  ? A MET 8  CE  
7  1 Y 1 A GLU 34 ? CG  ? A GLU 35 CG  
8  1 Y 1 A GLU 34 ? CD  ? A GLU 35 CD  
9  1 Y 1 A GLU 34 ? OE1 ? A GLU 35 OE1 
10 1 Y 1 A GLU 34 ? OE2 ? A GLU 35 OE2 
# 
loop_
_software.citation_id 
_software.classification 
_software.compiler_name 
_software.compiler_version 
_software.contact_author 
_software.contact_author_email 
_software.date 
_software.description 
_software.dependencies 
_software.hardware 
_software.language 
_software.location 
_software.mods 
_software.name 
_software.os 
_software.os_version 
_software.type 
_software.version 
_software.pdbx_ordinal 
? refinement        ? ? ? ? ? ? ? ? ? ? ? REFMAC      ? ? ? 5.8.0230 1 
? 'data scaling'    ? ? ? ? ? ? ? ? ? ? ? Aimless     ? ? ? 0.5.27   2 
? 'data extraction' ? ? ? ? ? ? ? ? ? ? ? PDB_EXTRACT ? ? ? 3.24     3 
? 'data reduction'  ? ? ? ? ? ? ? ? ? ? ? xia2        ? ? ? .        4 
? phasing           ? ? ? ? ? ? ? ? ? ? ? MOLREP      ? ? ? .        5 
# 
_cell.angle_alpha                  90.00 
_cell.angle_alpha_esd              ? 
_cell.angle_beta                   95.96 
_cell.angle_beta_esd               ? 
_cell.angle_gamma                  90.00 
_cell.angle_gamma_esd              ? 
_cell.entry_id                     6H49 
_cell.details                      ? 
_cell.formula_units_Z              ? 
_cell.length_a                     132.538 
_cell.length_a_esd                 ? 
_cell.length_b                     34.553 
_cell.length_b_esd                 ? 
_cell.length_c                     36.990 
_cell.length_c_esd                 ? 
_cell.volume                       ? 
_cell.volume_esd                   ? 
_cell.Z_PDB                        4 
_cell.reciprocal_angle_alpha       ? 
_cell.reciprocal_angle_beta        ? 
_cell.reciprocal_angle_gamma       ? 
_cell.reciprocal_angle_alpha_esd   ? 
_cell.reciprocal_angle_beta_esd    ? 
_cell.reciprocal_angle_gamma_esd   ? 
_cell.reciprocal_length_a          ? 
_cell.reciprocal_length_b          ? 
_cell.reciprocal_length_c          ? 
_cell.reciprocal_length_a_esd      ? 
_cell.reciprocal_length_b_esd      ? 
_cell.reciprocal_length_c_esd      ? 
_cell.pdbx_unique_axis             ? 
# 
_symmetry.entry_id                         6H49 
_symmetry.cell_setting                     ? 
_symmetry.Int_Tables_number                5 
_symmetry.space_group_name_Hall            ? 
_symmetry.space_group_name_H-M             'C 1 2 1' 
_symmetry.pdbx_full_space_group_name_H-M   ? 
# 
_exptl.absorpt_coefficient_mu     ? 
_exptl.absorpt_correction_T_max   ? 
_exptl.absorpt_correction_T_min   ? 
_exptl.absorpt_correction_type    ? 
_exptl.absorpt_process_details    ? 
_exptl.entry_id                   6H49 
_exptl.crystals_number            1 
_exptl.details                    ? 
_exptl.method                     'X-RAY DIFFRACTION' 
_exptl.method_details             ? 
# 
_exptl_crystal.colour                      ? 
_exptl_crystal.density_diffrn              ? 
_exptl_crystal.density_Matthews            2.45 
_exptl_crystal.density_method              ? 
_exptl_crystal.density_percent_sol         49.75 
_exptl_crystal.description                 ? 
_exptl_crystal.F_000                       ? 
_exptl_crystal.id                          1 
_exptl_crystal.preparation                 ? 
_exptl_crystal.size_max                    ? 
_exptl_crystal.size_mid                    ? 
_exptl_crystal.size_min                    ? 
_exptl_crystal.size_rad                    ? 
_exptl_crystal.colour_lustre               ? 
_exptl_crystal.colour_modifier             ? 
_exptl_crystal.colour_primary              ? 
_exptl_crystal.density_meas                ? 
_exptl_crystal.density_meas_esd            ? 
_exptl_crystal.density_meas_gt             ? 
_exptl_crystal.density_meas_lt             ? 
_exptl_crystal.density_meas_temp           ? 
_exptl_crystal.density_meas_temp_esd       ? 
_exptl_crystal.density_meas_temp_gt        ? 
_exptl_crystal.density_meas_temp_lt        ? 
_exptl_crystal.pdbx_crystal_image_url      ? 
_exptl_crystal.pdbx_crystal_image_format   ? 
_exptl_crystal.pdbx_mosaicity              ? 
_exptl_crystal.pdbx_mosaicity_esd          ? 
# 
_exptl_crystal_grow.apparatus       ? 
_exptl_crystal_grow.atmosphere      ? 
_exptl_crystal_grow.crystal_id      1 
_exptl_crystal_grow.details         ? 
_exptl_crystal_grow.method          'VAPOR DIFFUSION, SITTING DROP' 
_exptl_crystal_grow.method_ref      ? 
_exptl_crystal_grow.pH              ? 
_exptl_crystal_grow.pressure        ? 
_exptl_crystal_grow.pressure_esd    ? 
_exptl_crystal_grow.seeding         ? 
_exptl_crystal_grow.seeding_ref     ? 
_exptl_crystal_grow.temp            294.15 
_exptl_crystal_grow.temp_details    ? 
_exptl_crystal_grow.temp_esd        ? 
_exptl_crystal_grow.time            ? 
_exptl_crystal_grow.pdbx_details    '0.2 M Lithium Sulfate, 0.1M Bis-Tris 5.5 pH, 25% PEG3350' 
_exptl_crystal_grow.pdbx_pH_range   ? 
# 
_diffrn.ambient_environment    ? 
_diffrn.ambient_temp           100 
_diffrn.ambient_temp_details   ? 
_diffrn.ambient_temp_esd       ? 
_diffrn.crystal_id             1 
_diffrn.crystal_support        ? 
_diffrn.crystal_treatment      ? 
_diffrn.details                ? 
_diffrn.id                     1 
_diffrn.ambient_pressure       ? 
_diffrn.ambient_pressure_esd   ? 
_diffrn.ambient_pressure_gt    ? 
_diffrn.ambient_pressure_lt    ? 
_diffrn.ambient_temp_gt        ? 
_diffrn.ambient_temp_lt        ? 
# 
_diffrn_detector.details                      ? 
_diffrn_detector.detector                     PIXEL 
_diffrn_detector.diffrn_id                    1 
_diffrn_detector.type                         'DECTRIS PILATUS3 6M' 
_diffrn_detector.area_resol_mean              ? 
_diffrn_detector.dtime                        ? 
_diffrn_detector.pdbx_frames_total            ? 
_diffrn_detector.pdbx_collection_time_total   ? 
_diffrn_detector.pdbx_collection_date         2016-09-18 
# 
_diffrn_radiation.collimation                      ? 
_diffrn_radiation.diffrn_id                        1 
_diffrn_radiation.filter_edge                      ? 
_diffrn_radiation.inhomogeneity                    ? 
_diffrn_radiation.monochromator                    ? 
_diffrn_radiation.polarisn_norm                    ? 
_diffrn_radiation.polarisn_ratio                   ? 
_diffrn_radiation.probe                            ? 
_diffrn_radiation.type                             ? 
_diffrn_radiation.xray_symbol                      ? 
_diffrn_radiation.wavelength_id                    1 
_diffrn_radiation.pdbx_monochromatic_or_laue_m_l   M 
_diffrn_radiation.pdbx_wavelength_list             ? 
_diffrn_radiation.pdbx_wavelength                  ? 
_diffrn_radiation.pdbx_diffrn_protocol             'SINGLE WAVELENGTH' 
_diffrn_radiation.pdbx_analyzer                    ? 
_diffrn_radiation.pdbx_scattering_type             x-ray 
# 
_diffrn_radiation_wavelength.id           1 
_diffrn_radiation_wavelength.wavelength   0.97623 
_diffrn_radiation_wavelength.wt           1.0 
# 
_diffrn_source.current                     ? 
_diffrn_source.details                     ? 
_diffrn_source.diffrn_id                   1 
_diffrn_source.power                       ? 
_diffrn_source.size                        ? 
_diffrn_source.source                      SYNCHROTRON 
_diffrn_source.target                      ? 
_diffrn_source.type                        'DIAMOND BEAMLINE I03' 
_diffrn_source.voltage                     ? 
_diffrn_source.take-off_angle              ? 
_diffrn_source.pdbx_wavelength_list        0.97623 
_diffrn_source.pdbx_wavelength             ? 
_diffrn_source.pdbx_synchrotron_beamline   I03 
_diffrn_source.pdbx_synchrotron_site       Diamond 
# 
_reflns.B_iso_Wilson_estimate            ? 
_reflns.entry_id                         6H49 
_reflns.data_reduction_details           ? 
_reflns.data_reduction_method            ? 
_reflns.d_resolution_high                1.800 
_reflns.d_resolution_low                 33.690 
_reflns.details                          ? 
_reflns.limit_h_max                      ? 
_reflns.limit_h_min                      ? 
_reflns.limit_k_max                      ? 
_reflns.limit_k_min                      ? 
_reflns.limit_l_max                      ? 
_reflns.limit_l_min                      ? 
_reflns.number_all                       ? 
_reflns.number_obs                       15780 
_reflns.observed_criterion               ? 
_reflns.observed_criterion_F_max         ? 
_reflns.observed_criterion_F_min         ? 
_reflns.observed_criterion_I_max         ? 
_reflns.observed_criterion_I_min         ? 
_reflns.observed_criterion_sigma_F       ? 
_reflns.observed_criterion_sigma_I       ? 
_reflns.percent_possible_obs             100.000 
_reflns.R_free_details                   ? 
_reflns.Rmerge_F_all                     ? 
_reflns.Rmerge_F_obs                     ? 
_reflns.Friedel_coverage                 ? 
_reflns.number_gt                        ? 
_reflns.threshold_expression             ? 
_reflns.pdbx_redundancy                  6.300 
_reflns.pdbx_Rmerge_I_obs                0.208 
_reflns.pdbx_Rmerge_I_all                ? 
_reflns.pdbx_Rsym_value                  ? 
_reflns.pdbx_netI_over_av_sigmaI         ? 
_reflns.pdbx_netI_over_sigmaI            12.400 
_reflns.pdbx_res_netI_over_av_sigmaI_2   ? 
_reflns.pdbx_res_netI_over_sigmaI_2      ? 
_reflns.pdbx_chi_squared                 ? 
_reflns.pdbx_scaling_rejects             ? 
_reflns.pdbx_d_res_high_opt              ? 
_reflns.pdbx_d_res_low_opt               ? 
_reflns.pdbx_d_res_opt_method            ? 
_reflns.phase_calculation_details        ? 
_reflns.pdbx_Rrim_I_all                  0.237 
_reflns.pdbx_Rpim_I_all                  0.094 
_reflns.pdbx_d_opt                       ? 
_reflns.pdbx_number_measured_all         ? 
_reflns.pdbx_diffrn_id                   1 
_reflns.pdbx_ordinal                     1 
_reflns.pdbx_CC_half                     0.984 
_reflns.pdbx_R_split                     ? 
# 
loop_
_reflns_shell.d_res_high 
_reflns_shell.d_res_low 
_reflns_shell.meanI_over_sigI_all 
_reflns_shell.meanI_over_sigI_obs 
_reflns_shell.number_measured_all 
_reflns_shell.number_measured_obs 
_reflns_shell.number_possible 
_reflns_shell.number_unique_all 
_reflns_shell.number_unique_obs 
_reflns_shell.percent_possible_all 
_reflns_shell.percent_possible_obs 
_reflns_shell.Rmerge_F_all 
_reflns_shell.Rmerge_F_obs 
_reflns_shell.Rmerge_I_all 
_reflns_shell.Rmerge_I_obs 
_reflns_shell.meanI_over_sigI_gt 
_reflns_shell.meanI_over_uI_all 
_reflns_shell.meanI_over_uI_gt 
_reflns_shell.number_measured_gt 
_reflns_shell.number_unique_gt 
_reflns_shell.percent_possible_gt 
_reflns_shell.Rmerge_F_gt 
_reflns_shell.Rmerge_I_gt 
_reflns_shell.pdbx_redundancy 
_reflns_shell.pdbx_Rsym_value 
_reflns_shell.pdbx_chi_squared 
_reflns_shell.pdbx_netI_over_sigmaI_all 
_reflns_shell.pdbx_netI_over_sigmaI_obs 
_reflns_shell.pdbx_Rrim_I_all 
_reflns_shell.pdbx_Rpim_I_all 
_reflns_shell.pdbx_rejects 
_reflns_shell.pdbx_ordinal 
_reflns_shell.pdbx_diffrn_id 
_reflns_shell.pdbx_CC_half 
_reflns_shell.pdbx_R_split 
1.800 1.850 ? ? ? ? ? ? 1169 100.000 ? ? ? ? 0.208 ? ? ? ? ? ? ? ? 6.200 ? ? ? ? 0.227 0.901 ? 1 1 0.481 ? 
8.05  33.69 ? ? ? ? ? ? 200  99.100  ? ? ? ? 0.160 ? ? ? ? ? ? ? ? 5.800 ? ? ? ? 0.177 0.073 ? 2 1 0.952 ? 
# 
_refine.aniso_B[1][1]                            -0.03 
_refine.aniso_B[1][2]                            0.00 
_refine.aniso_B[1][3]                            0.11 
_refine.aniso_B[2][2]                            0.34 
_refine.aniso_B[2][3]                            0.00 
_refine.aniso_B[3][3]                            -0.33 
_refine.B_iso_max                                ? 
_refine.B_iso_mean                               16.599 
_refine.B_iso_min                                ? 
_refine.correlation_coeff_Fo_to_Fc               0.952 
_refine.correlation_coeff_Fo_to_Fc_free          0.923 
_refine.details                                  'HYDROGENS HAVE BEEN ADDED IN THE RIDING POSITIONS' 
_refine.diff_density_max                         ? 
_refine.diff_density_max_esd                     ? 
_refine.diff_density_min                         ? 
_refine.diff_density_min_esd                     ? 
_refine.diff_density_rms                         ? 
_refine.diff_density_rms_esd                     ? 
_refine.entry_id                                 6H49 
_refine.pdbx_refine_id                           'X-RAY DIFFRACTION' 
_refine.ls_abs_structure_details                 ? 
_refine.ls_abs_structure_Flack                   ? 
_refine.ls_abs_structure_Flack_esd               ? 
_refine.ls_abs_structure_Rogers                  ? 
_refine.ls_abs_structure_Rogers_esd              ? 
_refine.ls_d_res_high                            1.80 
_refine.ls_d_res_low                             33.64 
_refine.ls_extinction_coef                       ? 
_refine.ls_extinction_coef_esd                   ? 
_refine.ls_extinction_expression                 ? 
_refine.ls_extinction_method                     ? 
_refine.ls_goodness_of_fit_all                   ? 
_refine.ls_goodness_of_fit_all_esd               ? 
_refine.ls_goodness_of_fit_obs                   ? 
_refine.ls_goodness_of_fit_obs_esd               ? 
_refine.ls_hydrogen_treatment                    ? 
_refine.ls_matrix_type                           ? 
_refine.ls_number_constraints                    ? 
_refine.ls_number_parameters                     ? 
_refine.ls_number_reflns_all                     ? 
_refine.ls_number_reflns_obs                     15020 
_refine.ls_number_reflns_R_free                  760 
_refine.ls_number_reflns_R_work                  ? 
_refine.ls_number_restraints                     ? 
_refine.ls_percent_reflns_obs                    99.96 
_refine.ls_percent_reflns_R_free                 4.8 
_refine.ls_R_factor_all                          ? 
_refine.ls_R_factor_obs                          0.17363 
_refine.ls_R_factor_R_free                       0.21582 
_refine.ls_R_factor_R_free_error                 ? 
_refine.ls_R_factor_R_free_error_details         ? 
_refine.ls_R_factor_R_work                       0.17155 
_refine.ls_R_Fsqd_factor_obs                     ? 
_refine.ls_R_I_factor_obs                        ? 
_refine.ls_redundancy_reflns_all                 ? 
_refine.ls_redundancy_reflns_obs                 ? 
_refine.ls_restrained_S_all                      ? 
_refine.ls_restrained_S_obs                      ? 
_refine.ls_shift_over_esd_max                    ? 
_refine.ls_shift_over_esd_mean                   ? 
_refine.ls_structure_factor_coef                 ? 
_refine.ls_weighting_details                     ? 
_refine.ls_weighting_scheme                      ? 
_refine.ls_wR_factor_all                         ? 
_refine.ls_wR_factor_obs                         ? 
_refine.ls_wR_factor_R_free                      ? 
_refine.ls_wR_factor_R_work                      ? 
_refine.occupancy_max                            ? 
_refine.occupancy_min                            ? 
_refine.solvent_model_details                    MASK 
_refine.solvent_model_param_bsol                 ? 
_refine.solvent_model_param_ksol                 ? 
_refine.ls_R_factor_gt                           ? 
_refine.ls_goodness_of_fit_gt                    ? 
_refine.ls_goodness_of_fit_ref                   ? 
_refine.ls_shift_over_su_max                     ? 
_refine.ls_shift_over_su_max_lt                  ? 
_refine.ls_shift_over_su_mean                    ? 
_refine.ls_shift_over_su_mean_lt                 ? 
_refine.pdbx_ls_sigma_I                          ? 
_refine.pdbx_ls_sigma_F                          ? 
_refine.pdbx_ls_sigma_Fsqd                       ? 
_refine.pdbx_data_cutoff_high_absF               ? 
_refine.pdbx_data_cutoff_high_rms_absF           ? 
_refine.pdbx_data_cutoff_low_absF                ? 
_refine.pdbx_isotropic_thermal_model             ? 
_refine.pdbx_ls_cross_valid_method               THROUGHOUT 
_refine.pdbx_method_to_determine_struct          'MOLECULAR REPLACEMENT' 
_refine.pdbx_starting_model                      ? 
_refine.pdbx_stereochemistry_target_values       'MAXIMUM LIKELIHOOD' 
_refine.pdbx_R_Free_selection_details            RANDOM 
_refine.pdbx_stereochem_target_val_spec_case     ? 
_refine.pdbx_overall_ESU_R                       0.114 
_refine.pdbx_overall_ESU_R_Free                  0.116 
_refine.pdbx_solvent_vdw_probe_radii             1.20 
_refine.pdbx_solvent_ion_probe_radii             0.80 
_refine.pdbx_solvent_shrinkage_radii             0.80 
_refine.pdbx_real_space_R                        ? 
_refine.pdbx_density_correlation                 ? 
_refine.pdbx_pd_number_of_powder_patterns        ? 
_refine.pdbx_pd_number_of_points                 ? 
_refine.pdbx_pd_meas_number_of_points            ? 
_refine.pdbx_pd_proc_ls_prof_R_factor            ? 
_refine.pdbx_pd_proc_ls_prof_wR_factor           ? 
_refine.pdbx_pd_Marquardt_correlation_coeff      ? 
_refine.pdbx_pd_Fsqrd_R_factor                   ? 
_refine.pdbx_pd_ls_matrix_band_width             ? 
_refine.pdbx_overall_phase_error                 ? 
_refine.pdbx_overall_SU_R_free_Cruickshank_DPI   ? 
_refine.pdbx_overall_SU_R_free_Blow_DPI          ? 
_refine.pdbx_overall_SU_R_Blow_DPI               ? 
_refine.pdbx_TLS_residual_ADP_flag               ? 
_refine.pdbx_diffrn_id                           1 
_refine.overall_SU_B                             ? 
_refine.overall_SU_ML                            ? 
_refine.overall_SU_R_Cruickshank_DPI             ? 
_refine.overall_SU_R_free                        ? 
_refine.overall_FOM_free_R_set                   ? 
_refine.overall_FOM_work_R_set                   ? 
_refine.pdbx_average_fsc_overall                 ? 
_refine.pdbx_average_fsc_work                    ? 
_refine.pdbx_average_fsc_free                    ? 
# 
_refine_hist.pdbx_refine_id                   'X-RAY DIFFRACTION' 
_refine_hist.cycle_id                         1 
_refine_hist.pdbx_number_atoms_protein        1204 
_refine_hist.pdbx_number_atoms_nucleic_acid   0 
_refine_hist.pdbx_number_atoms_ligand         10 
_refine_hist.number_atoms_solvent             85 
_refine_hist.number_atoms_total               1299 
_refine_hist.d_res_high                       1.80 
_refine_hist.d_res_low                        33.64 
# 
loop_
_refine_ls_restr.pdbx_refine_id 
_refine_ls_restr.criterion 
_refine_ls_restr.dev_ideal 
_refine_ls_restr.dev_ideal_target 
_refine_ls_restr.number 
_refine_ls_restr.rejects 
_refine_ls_restr.type 
_refine_ls_restr.weight 
_refine_ls_restr.pdbx_restraint_function 
'X-RAY DIFFRACTION' ? 0.019  0.014  1237 ? r_bond_refined_d             ? ? 
'X-RAY DIFFRACTION' ? 0.001  0.017  1102 ? r_bond_other_d               ? ? 
'X-RAY DIFFRACTION' ? 1.968  1.670  1668 ? r_angle_refined_deg          ? ? 
'X-RAY DIFFRACTION' ? 1.605  1.644  2584 ? r_angle_other_deg            ? ? 
'X-RAY DIFFRACTION' ? 4.451  5.000  145  ? r_dihedral_angle_1_deg       ? ? 
'X-RAY DIFFRACTION' ? 39.551 23.906 64   ? r_dihedral_angle_2_deg       ? ? 
'X-RAY DIFFRACTION' ? 13.318 15.000 228  ? r_dihedral_angle_3_deg       ? ? 
'X-RAY DIFFRACTION' ? 13.992 15.000 4    ? r_dihedral_angle_4_deg       ? ? 
'X-RAY DIFFRACTION' ? 0.133  0.200  160  ? r_chiral_restr               ? ? 
'X-RAY DIFFRACTION' ? 0.010  0.020  1359 ? r_gen_planes_refined         ? ? 
'X-RAY DIFFRACTION' ? 0.013  0.020  237  ? r_gen_planes_other           ? ? 
'X-RAY DIFFRACTION' ? ?      ?      ?    ? r_nbd_refined                ? ? 
'X-RAY DIFFRACTION' ? ?      ?      ?    ? r_nbd_other                  ? ? 
'X-RAY DIFFRACTION' ? ?      ?      ?    ? r_nbtor_refined              ? ? 
'X-RAY DIFFRACTION' ? ?      ?      ?    ? r_nbtor_other                ? ? 
'X-RAY DIFFRACTION' ? ?      ?      ?    ? r_xyhbond_nbd_refined        ? ? 
'X-RAY DIFFRACTION' ? ?      ?      ?    ? r_xyhbond_nbd_other          ? ? 
'X-RAY DIFFRACTION' ? ?      ?      ?    ? r_metal_ion_refined          ? ? 
'X-RAY DIFFRACTION' ? ?      ?      ?    ? r_metal_ion_other            ? ? 
'X-RAY DIFFRACTION' ? ?      ?      ?    ? r_symmetry_vdw_refined       ? ? 
'X-RAY DIFFRACTION' ? ?      ?      ?    ? r_symmetry_vdw_other         ? ? 
'X-RAY DIFFRACTION' ? ?      ?      ?    ? r_symmetry_hbond_refined     ? ? 
'X-RAY DIFFRACTION' ? ?      ?      ?    ? r_symmetry_hbond_other       ? ? 
'X-RAY DIFFRACTION' ? ?      ?      ?    ? r_symmetry_metal_ion_refined ? ? 
'X-RAY DIFFRACTION' ? ?      ?      ?    ? r_symmetry_metal_ion_other   ? ? 
'X-RAY DIFFRACTION' ? 4.668  1.200  585  ? r_mcbond_it                  ? ? 
'X-RAY DIFFRACTION' ? 4.630  1.194  584  ? r_mcbond_other               ? ? 
'X-RAY DIFFRACTION' ? 4.833  1.774  729  ? r_mcangle_it                 ? ? 
'X-RAY DIFFRACTION' ? 4.854  1.779  730  ? r_mcangle_other              ? ? 
'X-RAY DIFFRACTION' ? 10.301 1.793  652  ? r_scbond_it                  ? ? 
'X-RAY DIFFRACTION' ? 10.325 1.790  643  ? r_scbond_other               ? ? 
'X-RAY DIFFRACTION' ? ?      ?      ?    ? r_scangle_it                 ? ? 
'X-RAY DIFFRACTION' ? 11.921 2.399  927  ? r_scangle_other              ? ? 
'X-RAY DIFFRACTION' ? 11.347 15.110 1480 ? r_long_range_B_refined       ? ? 
'X-RAY DIFFRACTION' ? 11.311 14.773 1460 ? r_long_range_B_other         ? ? 
'X-RAY DIFFRACTION' ? ?      ?      ?    ? r_rigid_bond_restr           ? ? 
'X-RAY DIFFRACTION' ? ?      ?      ?    ? r_sphericity_free            ? ? 
'X-RAY DIFFRACTION' ? ?      ?      ?    ? r_sphericity_bonded          ? ? 
# 
_refine_ls_shell.pdbx_refine_id                   'X-RAY DIFFRACTION' 
_refine_ls_shell.d_res_high                       1.798 
_refine_ls_shell.d_res_low                        1.844 
_refine_ls_shell.number_reflns_all                ? 
_refine_ls_shell.number_reflns_obs                ? 
_refine_ls_shell.number_reflns_R_free             50 
_refine_ls_shell.number_reflns_R_work             1111 
_refine_ls_shell.percent_reflns_obs               99.57 
_refine_ls_shell.percent_reflns_R_free            ? 
_refine_ls_shell.R_factor_all                     ? 
_refine_ls_shell.R_factor_obs                     ? 
_refine_ls_shell.R_factor_R_free                  0.228 
_refine_ls_shell.R_factor_R_free_error            ? 
_refine_ls_shell.R_factor_R_work                  0.189 
_refine_ls_shell.redundancy_reflns_all            ? 
_refine_ls_shell.redundancy_reflns_obs            ? 
_refine_ls_shell.wR_factor_all                    ? 
_refine_ls_shell.wR_factor_obs                    ? 
_refine_ls_shell.wR_factor_R_free                 ? 
_refine_ls_shell.wR_factor_R_work                 ? 
_refine_ls_shell.pdbx_total_number_of_bins_used   20 
_refine_ls_shell.pdbx_phase_error                 ? 
_refine_ls_shell.pdbx_fsc_work                    ? 
_refine_ls_shell.pdbx_fsc_free                    ? 
# 
_struct.entry_id                     6H49 
_struct.title                        
'A polyamorous repressor: deciphering the evolutionary strategy used by the phage-inducible chromosomal islands to spread in nature.' 
_struct.pdbx_model_details           ? 
_struct.pdbx_formula_weight          ? 
_struct.pdbx_formula_weight_method   ? 
_struct.pdbx_model_type_details      ? 
_struct.pdbx_CASP_flag               N 
# 
_struct_keywords.entry_id        6H49 
_struct_keywords.text            'SaPI, Repressor, STRUCTURAL PROTEIN' 
_struct_keywords.pdbx_keywords   'STRUCTURAL PROTEIN' 
# 
loop_
_struct_asym.id 
_struct_asym.pdbx_blank_PDB_chainid_flag 
_struct_asym.pdbx_modified 
_struct_asym.entity_id 
_struct_asym.details 
A N N 1 ? 
B N N 2 ? 
C N N 2 ? 
D N N 3 ? 
# 
_struct_ref.id                         1 
_struct_ref.db_name                    UNP 
_struct_ref.db_code                    Q9F0J8_STAAU 
_struct_ref.pdbx_db_accession          Q9F0J8 
_struct_ref.pdbx_db_isoform            ? 
_struct_ref.entity_id                  1 
_struct_ref.pdbx_seq_one_letter_code   
;MEGAGQMAELPTHYGTIIKTLRKYMKLTQSKLSERTGFSQNTISNHENGNRNIGVNEIEIYGKGLGIPSYILHRISDEFK
EKGYSPTLNDFGKFDKMYSYVNKAYYNDGDIYYSSYDLYDETIKLLELLKESKINVNDIDYDYVLKLYKQILSTDT
;
_struct_ref.pdbx_align_begin           1 
# 
_struct_ref_seq.align_id                      1 
_struct_ref_seq.ref_id                        1 
_struct_ref_seq.pdbx_PDB_id_code              6H49 
_struct_ref_seq.pdbx_strand_id                A 
_struct_ref_seq.seq_align_beg                 2 
_struct_ref_seq.pdbx_seq_align_beg_ins_code   ? 
_struct_ref_seq.seq_align_end                 157 
_struct_ref_seq.pdbx_seq_align_end_ins_code   ? 
_struct_ref_seq.pdbx_db_accession             Q9F0J8 
_struct_ref_seq.db_align_beg                  1 
_struct_ref_seq.pdbx_db_align_beg_ins_code    ? 
_struct_ref_seq.db_align_end                  156 
_struct_ref_seq.pdbx_db_align_end_ins_code    ? 
_struct_ref_seq.pdbx_auth_seq_align_beg       1 
_struct_ref_seq.pdbx_auth_seq_align_end       156 
# 
_struct_ref_seq_dif.align_id                     1 
_struct_ref_seq_dif.pdbx_pdb_id_code             6H49 
_struct_ref_seq_dif.mon_id                       GLY 
_struct_ref_seq_dif.pdbx_pdb_strand_id           A 
_struct_ref_seq_dif.seq_num                      1 
_struct_ref_seq_dif.pdbx_pdb_ins_code            ? 
_struct_ref_seq_dif.pdbx_seq_db_name             UNP 
_struct_ref_seq_dif.pdbx_seq_db_accession_code   Q9F0J8 
_struct_ref_seq_dif.db_mon_id                    ? 
_struct_ref_seq_dif.pdbx_seq_db_seq_num          ? 
_struct_ref_seq_dif.details                      'expression tag' 
_struct_ref_seq_dif.pdbx_auth_seq_num            0 
_struct_ref_seq_dif.pdbx_ordinal                 1 
# 
_pdbx_struct_assembly.id                   1 
_pdbx_struct_assembly.details              author_and_software_defined_assembly 
_pdbx_struct_assembly.method_details       PISA 
_pdbx_struct_assembly.oligomeric_details   monomeric 
_pdbx_struct_assembly.oligomeric_count     1 
# 
loop_
_pdbx_struct_assembly_prop.biol_id 
_pdbx_struct_assembly_prop.type 
_pdbx_struct_assembly_prop.value 
_pdbx_struct_assembly_prop.details 
1 'ABSA (A^2)' 300  ? 
1 MORE         -20  ? 
1 'SSA (A^2)'  8430 ? 
# 
_pdbx_struct_assembly_gen.assembly_id       1 
_pdbx_struct_assembly_gen.oper_expression   1 
_pdbx_struct_assembly_gen.asym_id_list      A,B,C,D 
# 
_pdbx_struct_assembly_auth_evidence.id                     1 
_pdbx_struct_assembly_auth_evidence.assembly_id            1 
_pdbx_struct_assembly_auth_evidence.experimental_support   'gel filtration' 
_pdbx_struct_assembly_auth_evidence.details                ? 
# 
_pdbx_struct_oper_list.id                   1 
_pdbx_struct_oper_list.type                 'identity operation' 
_pdbx_struct_oper_list.name                 1_555 
_pdbx_struct_oper_list.symmetry_operation   x,y,z 
_pdbx_struct_oper_list.matrix[1][1]         1.0000000000 
_pdbx_struct_oper_list.matrix[1][2]         0.0000000000 
_pdbx_struct_oper_list.matrix[1][3]         0.0000000000 
_pdbx_struct_oper_list.vector[1]            0.0000000000 
_pdbx_struct_oper_list.matrix[2][1]         0.0000000000 
_pdbx_struct_oper_list.matrix[2][2]         1.0000000000 
_pdbx_struct_oper_list.matrix[2][3]         0.0000000000 
_pdbx_struct_oper_list.vector[2]            0.0000000000 
_pdbx_struct_oper_list.matrix[3][1]         0.0000000000 
_pdbx_struct_oper_list.matrix[3][2]         0.0000000000 
_pdbx_struct_oper_list.matrix[3][3]         1.0000000000 
_pdbx_struct_oper_list.vector[3]            0.0000000000 
# 
loop_
_struct_conf.conf_type_id 
_struct_conf.id 
_struct_conf.pdbx_PDB_helix_id 
_struct_conf.beg_label_comp_id 
_struct_conf.beg_label_asym_id 
_struct_conf.beg_label_seq_id 
_struct_conf.pdbx_beg_PDB_ins_code 
_struct_conf.end_label_comp_id 
_struct_conf.end_label_asym_id 
_struct_conf.end_label_seq_id 
_struct_conf.pdbx_end_PDB_ins_code 
_struct_conf.beg_auth_comp_id 
_struct_conf.beg_auth_asym_id 
_struct_conf.beg_auth_seq_id 
_struct_conf.end_auth_comp_id 
_struct_conf.end_auth_asym_id 
_struct_conf.end_auth_seq_id 
_struct_conf.pdbx_PDB_helix_class 
_struct_conf.details 
_struct_conf.pdbx_PDB_helix_length 
HELX_P HELX_P1  AA1 THR A 13  ? MET A 26  ? THR A 12  MET A 25  1 ? 14 
HELX_P HELX_P2  AA2 THR A 29  ? GLY A 38  ? THR A 28  GLY A 37  1 ? 10 
HELX_P HELX_P3  AA3 SER A 40  ? ASN A 49  ? SER A 39  ASN A 48  1 ? 10 
HELX_P HELX_P4  AA4 ASN A 57  ? GLY A 67  ? ASN A 56  GLY A 66  1 ? 11 
HELX_P HELX_P5  AA5 PRO A 69  ? GLY A 84  ? PRO A 68  GLY A 83  1 ? 16 
HELX_P HELX_P6  AA6 SER A 86  ? ASP A 91  ? SER A 85  ASP A 90  1 ? 6  
HELX_P HELX_P7  AA7 ASP A 91  ? ASP A 109 ? ASP A 90  ASP A 108 1 ? 19 
HELX_P HELX_P8  AA8 ASP A 109 ? SER A 116 ? ASP A 108 SER A 115 1 ? 8  
HELX_P HELX_P9  AA9 ASP A 118 ? SER A 133 ? ASP A 117 SER A 132 1 ? 16 
HELX_P HELX_P10 AB1 ASN A 136 ? ILE A 140 ? ASN A 135 ILE A 139 5 ? 5  
HELX_P HELX_P11 AB2 ASP A 141 ? SER A 154 ? ASP A 140 SER A 153 1 ? 14 
# 
_struct_conf_type.id          HELX_P 
_struct_conf_type.criteria    ? 
_struct_conf_type.reference   ? 
# 
loop_
_struct_site.id 
_struct_site.pdbx_evidence_code 
_struct_site.pdbx_auth_asym_id 
_struct_site.pdbx_auth_comp_id 
_struct_site.pdbx_auth_seq_id 
_struct_site.pdbx_auth_ins_code 
_struct_site.pdbx_num_residues 
_struct_site.details 
AC1 Software A SO4 201 ? 8 'binding site for residues SO4 A 201 and SO4 A 202' 
AC2 Software A SO4 201 ? 8 'binding site for residues SO4 A 201 and SO4 A 202' 
AC3 Software A SO4 201 ? 8 'binding site for residues SO4 A 201 and SO4 A 202' 
AC4 Software A SO4 201 ? 8 'binding site for residues SO4 A 201 and SO4 A 202' 
# 
loop_
_struct_site_gen.id 
_struct_site_gen.site_id 
_struct_site_gen.pdbx_num_res 
_struct_site_gen.label_comp_id 
_struct_site_gen.label_asym_id 
_struct_site_gen.label_seq_id 
_struct_site_gen.pdbx_auth_ins_code 
_struct_site_gen.auth_comp_id 
_struct_site_gen.auth_asym_id 
_struct_site_gen.auth_seq_id 
_struct_site_gen.label_atom_id 
_struct_site_gen.label_alt_id 
_struct_site_gen.symmetry 
_struct_site_gen.details 
1  AC1 8 PRO A 12 ? PRO A 11  . ? 1_555 ? 
2  AC1 8 THR A 13 ? THR A 12  . ? 1_555 ? 
3  AC1 8 HIS A 14 ? HIS A 13  . ? 1_555 ? 
4  AC1 8 GLN A 30 ? GLN A 29  . ? 1_555 ? 
5  AC1 8 SER A 45 ? SER A 44  . ? 1_555 ? 
6  AC1 8 ASN A 49 ? ASN A 48  . ? 1_555 ? 
7  AC1 8 HOH D .  ? HOH A 303 . ? 1_555 ? 
8  AC1 8 HOH D .  ? HOH A 322 . ? 1_555 ? 
9  AC2 8 PRO A 12 ? PRO A 11  . ? 1_555 ? 
10 AC2 8 THR A 13 ? THR A 12  . ? 1_555 ? 
11 AC2 8 HIS A 14 ? HIS A 13  . ? 1_555 ? 
12 AC2 8 GLN A 30 ? GLN A 29  . ? 1_555 ? 
13 AC2 8 SER A 45 ? SER A 44  . ? 1_555 ? 
14 AC2 8 ASN A 49 ? ASN A 48  . ? 1_555 ? 
15 AC2 8 HOH D .  ? HOH A 303 . ? 1_555 ? 
16 AC2 8 HOH D .  ? HOH A 322 . ? 1_555 ? 
17 AC3 8 PRO A 12 ? PRO A 11  . ? 1_555 ? 
18 AC3 8 THR A 13 ? THR A 12  . ? 1_555 ? 
19 AC3 8 HIS A 14 ? HIS A 13  . ? 1_555 ? 
20 AC3 8 GLN A 30 ? GLN A 29  . ? 1_555 ? 
21 AC3 8 SER A 45 ? SER A 44  . ? 1_555 ? 
22 AC3 8 ASN A 49 ? ASN A 48  . ? 1_555 ? 
23 AC3 8 HOH D .  ? HOH A 303 . ? 1_555 ? 
24 AC3 8 HOH D .  ? HOH A 322 . ? 1_555 ? 
25 AC4 8 PRO A 12 ? PRO A 11  . ? 1_555 ? 
26 AC4 8 THR A 13 ? THR A 12  . ? 1_555 ? 
27 AC4 8 HIS A 14 ? HIS A 13  . ? 1_555 ? 
28 AC4 8 GLN A 30 ? GLN A 29  . ? 1_555 ? 
29 AC4 8 SER A 45 ? SER A 44  . ? 1_555 ? 
30 AC4 8 ASN A 49 ? ASN A 48  . ? 1_555 ? 
31 AC4 8 HOH D .  ? HOH A 303 . ? 1_555 ? 
32 AC4 8 HOH D .  ? HOH A 322 . ? 1_555 ? 
# 
loop_
_pdbx_validate_planes.id 
_pdbx_validate_planes.PDB_model_num 
_pdbx_validate_planes.auth_comp_id 
_pdbx_validate_planes.auth_asym_id 
_pdbx_validate_planes.auth_seq_id 
_pdbx_validate_planes.PDB_ins_code 
_pdbx_validate_planes.label_alt_id 
_pdbx_validate_planes.rmsd 
_pdbx_validate_planes.type 
1 1 ARG A 35 ? ? 0.265 'SIDE CHAIN' 
2 1 ARG A 74 ? ? 0.124 'SIDE CHAIN' 
# 
loop_
_pdbx_unobs_or_zero_occ_residues.id 
_pdbx_unobs_or_zero_occ_residues.PDB_model_num 
_pdbx_unobs_or_zero_occ_residues.polymer_flag 
_pdbx_unobs_or_zero_occ_residues.occupancy_flag 
_pdbx_unobs_or_zero_occ_residues.auth_asym_id 
_pdbx_unobs_or_zero_occ_residues.auth_comp_id 
_pdbx_unobs_or_zero_occ_residues.auth_seq_id 
_pdbx_unobs_or_zero_occ_residues.PDB_ins_code 
_pdbx_unobs_or_zero_occ_residues.label_asym_id 
_pdbx_unobs_or_zero_occ_residues.label_comp_id 
_pdbx_unobs_or_zero_occ_residues.label_seq_id 
1  1 Y 1 A GLY 0   ? A GLY 1   
2  1 Y 1 A MET 1   ? A MET 2   
3  1 Y 1 A GLU 2   ? A GLU 3   
4  1 Y 1 A GLY 3   ? A GLY 4   
5  1 Y 1 A ALA 4   ? A ALA 5   
6  1 Y 1 A GLY 5   ? A GLY 6   
7  1 Y 1 A GLN 6   ? A GLN 7   
8  1 Y 1 A THR 154 ? A THR 155 
9  1 Y 1 A ASP 155 ? A ASP 156 
10 1 Y 1 A THR 156 ? A THR 157 
# 
loop_
_chem_comp_atom.comp_id 
_chem_comp_atom.atom_id 
_chem_comp_atom.type_symbol 
_chem_comp_atom.pdbx_aromatic_flag 
_chem_comp_atom.pdbx_stereo_config 
_chem_comp_atom.pdbx_ordinal 
ALA N    N N N 1   
ALA CA   C N S 2   
ALA C    C N N 3   
ALA O    O N N 4   
ALA CB   C N N 5   
ALA OXT  O N N 6   
ALA H    H N N 7   
ALA H2   H N N 8   
ALA HA   H N N 9   
ALA HB1  H N N 10  
ALA HB2  H N N 11  
ALA HB3  H N N 12  
ALA HXT  H N N 13  
ARG N    N N N 14  
ARG CA   C N S 15  
ARG C    C N N 16  
ARG O    O N N 17  
ARG CB   C N N 18  
ARG CG   C N N 19  
ARG CD   C N N 20  
ARG NE   N N N 21  
ARG CZ   C N N 22  
ARG NH1  N N N 23  
ARG NH2  N N N 24  
ARG OXT  O N N 25  
ARG H    H N N 26  
ARG H2   H N N 27  
ARG HA   H N N 28  
ARG HB2  H N N 29  
ARG HB3  H N N 30  
ARG HG2  H N N 31  
ARG HG3  H N N 32  
ARG HD2  H N N 33  
ARG HD3  H N N 34  
ARG HE   H N N 35  
ARG HH11 H N N 36  
ARG HH12 H N N 37  
ARG HH21 H N N 38  
ARG HH22 H N N 39  
ARG HXT  H N N 40  
ASN N    N N N 41  
ASN CA   C N S 42  
ASN C    C N N 43  
ASN O    O N N 44  
ASN CB   C N N 45  
ASN CG   C N N 46  
ASN OD1  O N N 47  
ASN ND2  N N N 48  
ASN OXT  O N N 49  
ASN H    H N N 50  
ASN H2   H N N 51  
ASN HA   H N N 52  
ASN HB2  H N N 53  
ASN HB3  H N N 54  
ASN HD21 H N N 55  
ASN HD22 H N N 56  
ASN HXT  H N N 57  
ASP N    N N N 58  
ASP CA   C N S 59  
ASP C    C N N 60  
ASP O    O N N 61  
ASP CB   C N N 62  
ASP CG   C N N 63  
ASP OD1  O N N 64  
ASP OD2  O N N 65  
ASP OXT  O N N 66  
ASP H    H N N 67  
ASP H2   H N N 68  
ASP HA   H N N 69  
ASP HB2  H N N 70  
ASP HB3  H N N 71  
ASP HD2  H N N 72  
ASP HXT  H N N 73  
GLN N    N N N 74  
GLN CA   C N S 75  
GLN C    C N N 76  
GLN O    O N N 77  
GLN CB   C N N 78  
GLN CG   C N N 79  
GLN CD   C N N 80  
GLN OE1  O N N 81  
GLN NE2  N N N 82  
GLN OXT  O N N 83  
GLN H    H N N 84  
GLN H2   H N N 85  
GLN HA   H N N 86  
GLN HB2  H N N 87  
GLN HB3  H N N 88  
GLN HG2  H N N 89  
GLN HG3  H N N 90  
GLN HE21 H N N 91  
GLN HE22 H N N 92  
GLN HXT  H N N 93  
GLU N    N N N 94  
GLU CA   C N S 95  
GLU C    C N N 96  
GLU O    O N N 97  
GLU CB   C N N 98  
GLU CG   C N N 99  
GLU CD   C N N 100 
GLU OE1  O N N 101 
GLU OE2  O N N 102 
GLU OXT  O N N 103 
GLU H    H N N 104 
GLU H2   H N N 105 
GLU HA   H N N 106 
GLU HB2  H N N 107 
GLU HB3  H N N 108 
GLU HG2  H N N 109 
GLU HG3  H N N 110 
GLU HE2  H N N 111 
GLU HXT  H N N 112 
GLY N    N N N 113 
GLY CA   C N N 114 
GLY C    C N N 115 
GLY O    O N N 116 
GLY OXT  O N N 117 
GLY H    H N N 118 
GLY H2   H N N 119 
GLY HA2  H N N 120 
GLY HA3  H N N 121 
GLY HXT  H N N 122 
HIS N    N N N 123 
HIS CA   C N S 124 
HIS C    C N N 125 
HIS O    O N N 126 
HIS CB   C N N 127 
HIS CG   C Y N 128 
HIS ND1  N Y N 129 
HIS CD2  C Y N 130 
HIS CE1  C Y N 131 
HIS NE2  N Y N 132 
HIS OXT  O N N 133 
HIS H    H N N 134 
HIS H2   H N N 135 
HIS HA   H N N 136 
HIS HB2  H N N 137 
HIS HB3  H N N 138 
HIS HD1  H N N 139 
HIS HD2  H N N 140 
HIS HE1  H N N 141 
HIS HE2  H N N 142 
HIS HXT  H N N 143 
HOH O    O N N 144 
HOH H1   H N N 145 
HOH H2   H N N 146 
ILE N    N N N 147 
ILE CA   C N S 148 
ILE C    C N N 149 
ILE O    O N N 150 
ILE CB   C N S 151 
ILE CG1  C N N 152 
ILE CG2  C N N 153 
ILE CD1  C N N 154 
ILE OXT  O N N 155 
ILE H    H N N 156 
ILE H2   H N N 157 
ILE HA   H N N 158 
ILE HB   H N N 159 
ILE HG12 H N N 160 
ILE HG13 H N N 161 
ILE HG21 H N N 162 
ILE HG22 H N N 163 
ILE HG23 H N N 164 
ILE HD11 H N N 165 
ILE HD12 H N N 166 
ILE HD13 H N N 167 
ILE HXT  H N N 168 
LEU N    N N N 169 
LEU CA   C N S 170 
LEU C    C N N 171 
LEU O    O N N 172 
LEU CB   C N N 173 
LEU CG   C N N 174 
LEU CD1  C N N 175 
LEU CD2  C N N 176 
LEU OXT  O N N 177 
LEU H    H N N 178 
LEU H2   H N N 179 
LEU HA   H N N 180 
LEU HB2  H N N 181 
LEU HB3  H N N 182 
LEU HG   H N N 183 
LEU HD11 H N N 184 
LEU HD12 H N N 185 
LEU HD13 H N N 186 
LEU HD21 H N N 187 
LEU HD22 H N N 188 
LEU HD23 H N N 189 
LEU HXT  H N N 190 
LYS N    N N N 191 
LYS CA   C N S 192 
LYS C    C N N 193 
LYS O    O N N 194 
LYS CB   C N N 195 
LYS CG   C N N 196 
LYS CD   C N N 197 
LYS CE   C N N 198 
LYS NZ   N N N 199 
LYS OXT  O N N 200 
LYS H    H N N 201 
LYS H2   H N N 202 
LYS HA   H N N 203 
LYS HB2  H N N 204 
LYS HB3  H N N 205 
LYS HG2  H N N 206 
LYS HG3  H N N 207 
LYS HD2  H N N 208 
LYS HD3  H N N 209 
LYS HE2  H N N 210 
LYS HE3  H N N 211 
LYS HZ1  H N N 212 
LYS HZ2  H N N 213 
LYS HZ3  H N N 214 
LYS HXT  H N N 215 
MET N    N N N 216 
MET CA   C N S 217 
MET C    C N N 218 
MET O    O N N 219 
MET CB   C N N 220 
MET CG   C N N 221 
MET SD   S N N 222 
MET CE   C N N 223 
MET OXT  O N N 224 
MET H    H N N 225 
MET H2   H N N 226 
MET HA   H N N 227 
MET HB2  H N N 228 
MET HB3  H N N 229 
MET HG2  H N N 230 
MET HG3  H N N 231 
MET HE1  H N N 232 
MET HE2  H N N 233 
MET HE3  H N N 234 
MET HXT  H N N 235 
PHE N    N N N 236 
PHE CA   C N S 237 
PHE C    C N N 238 
PHE O    O N N 239 
PHE CB   C N N 240 
PHE CG   C Y N 241 
PHE CD1  C Y N 242 
PHE CD2  C Y N 243 
PHE CE1  C Y N 244 
PHE CE2  C Y N 245 
PHE CZ   C Y N 246 
PHE OXT  O N N 247 
PHE H    H N N 248 
PHE H2   H N N 249 
PHE HA   H N N 250 
PHE HB2  H N N 251 
PHE HB3  H N N 252 
PHE HD1  H N N 253 
PHE HD2  H N N 254 
PHE HE1  H N N 255 
PHE HE2  H N N 256 
PHE HZ   H N N 257 
PHE HXT  H N N 258 
PRO N    N N N 259 
PRO CA   C N S 260 
PRO C    C N N 261 
PRO O    O N N 262 
PRO CB   C N N 263 
PRO CG   C N N 264 
PRO CD   C N N 265 
PRO OXT  O N N 266 
PRO H    H N N 267 
PRO HA   H N N 268 
PRO HB2  H N N 269 
PRO HB3  H N N 270 
PRO HG2  H N N 271 
PRO HG3  H N N 272 
PRO HD2  H N N 273 
PRO HD3  H N N 274 
PRO HXT  H N N 275 
SER N    N N N 276 
SER CA   C N S 277 
SER C    C N N 278 
SER O    O N N 279 
SER CB   C N N 280 
SER OG   O N N 281 
SER OXT  O N N 282 
SER H    H N N 283 
SER H2   H N N 284 
SER HA   H N N 285 
SER HB2  H N N 286 
SER HB3  H N N 287 
SER HG   H N N 288 
SER HXT  H N N 289 
SO4 S    S N N 290 
SO4 O1   O N N 291 
SO4 O2   O N N 292 
SO4 O3   O N N 293 
SO4 O4   O N N 294 
THR N    N N N 295 
THR CA   C N S 296 
THR C    C N N 297 
THR O    O N N 298 
THR CB   C N R 299 
THR OG1  O N N 300 
THR CG2  C N N 301 
THR OXT  O N N 302 
THR H    H N N 303 
THR H2   H N N 304 
THR HA   H N N 305 
THR HB   H N N 306 
THR HG1  H N N 307 
THR HG21 H N N 308 
THR HG22 H N N 309 
THR HG23 H N N 310 
THR HXT  H N N 311 
TYR N    N N N 312 
TYR CA   C N S 313 
TYR C    C N N 314 
TYR O    O N N 315 
TYR CB   C N N 316 
TYR CG   C Y N 317 
TYR CD1  C Y N 318 
TYR CD2  C Y N 319 
TYR CE1  C Y N 320 
TYR CE2  C Y N 321 
TYR CZ   C Y N 322 
TYR OH   O N N 323 
TYR OXT  O N N 324 
TYR H    H N N 325 
TYR H2   H N N 326 
TYR HA   H N N 327 
TYR HB2  H N N 328 
TYR HB3  H N N 329 
TYR HD1  H N N 330 
TYR HD2  H N N 331 
TYR HE1  H N N 332 
TYR HE2  H N N 333 
TYR HH   H N N 334 
TYR HXT  H N N 335 
VAL N    N N N 336 
VAL CA   C N S 337 
VAL C    C N N 338 
VAL O    O N N 339 
VAL CB   C N N 340 
VAL CG1  C N N 341 
VAL CG2  C N N 342 
VAL OXT  O N N 343 
VAL H    H N N 344 
VAL H2   H N N 345 
VAL HA   H N N 346 
VAL HB   H N N 347 
VAL HG11 H N N 348 
VAL HG12 H N N 349 
VAL HG13 H N N 350 
VAL HG21 H N N 351 
VAL HG22 H N N 352 
VAL HG23 H N N 353 
VAL HXT  H N N 354 
# 
loop_
_chem_comp_bond.comp_id 
_chem_comp_bond.atom_id_1 
_chem_comp_bond.atom_id_2 
_chem_comp_bond.value_order 
_chem_comp_bond.pdbx_aromatic_flag 
_chem_comp_bond.pdbx_stereo_config 
_chem_comp_bond.pdbx_ordinal 
ALA N   CA   sing N N 1   
ALA N   H    sing N N 2   
ALA N   H2   sing N N 3   
ALA CA  C    sing N N 4   
ALA CA  CB   sing N N 5   
ALA CA  HA   sing N N 6   
ALA C   O    doub N N 7   
ALA C   OXT  sing N N 8   
ALA CB  HB1  sing N N 9   
ALA CB  HB2  sing N N 10  
ALA CB  HB3  sing N N 11  
ALA OXT HXT  sing N N 12  
ARG N   CA   sing N N 13  
ARG N   H    sing N N 14  
ARG N   H2   sing N N 15  
ARG CA  C    sing N N 16  
ARG CA  CB   sing N N 17  
ARG CA  HA   sing N N 18  
ARG C   O    doub N N 19  
ARG C   OXT  sing N N 20  
ARG CB  CG   sing N N 21  
ARG CB  HB2  sing N N 22  
ARG CB  HB3  sing N N 23  
ARG CG  CD   sing N N 24  
ARG CG  HG2  sing N N 25  
ARG CG  HG3  sing N N 26  
ARG CD  NE   sing N N 27  
ARG CD  HD2  sing N N 28  
ARG CD  HD3  sing N N 29  
ARG NE  CZ   sing N N 30  
ARG NE  HE   sing N N 31  
ARG CZ  NH1  sing N N 32  
ARG CZ  NH2  doub N N 33  
ARG NH1 HH11 sing N N 34  
ARG NH1 HH12 sing N N 35  
ARG NH2 HH21 sing N N 36  
ARG NH2 HH22 sing N N 37  
ARG OXT HXT  sing N N 38  
ASN N   CA   sing N N 39  
ASN N   H    sing N N 40  
ASN N   H2   sing N N 41  
ASN CA  C    sing N N 42  
ASN CA  CB   sing N N 43  
ASN CA  HA   sing N N 44  
ASN C   O    doub N N 45  
ASN C   OXT  sing N N 46  
ASN CB  CG   sing N N 47  
ASN CB  HB2  sing N N 48  
ASN CB  HB3  sing N N 49  
ASN CG  OD1  doub N N 50  
ASN CG  ND2  sing N N 51  
ASN ND2 HD21 sing N N 52  
ASN ND2 HD22 sing N N 53  
ASN OXT HXT  sing N N 54  
ASP N   CA   sing N N 55  
ASP N   H    sing N N 56  
ASP N   H2   sing N N 57  
ASP CA  C    sing N N 58  
ASP CA  CB   sing N N 59  
ASP CA  HA   sing N N 60  
ASP C   O    doub N N 61  
ASP C   OXT  sing N N 62  
ASP CB  CG   sing N N 63  
ASP CB  HB2  sing N N 64  
ASP CB  HB3  sing N N 65  
ASP CG  OD1  doub N N 66  
ASP CG  OD2  sing N N 67  
ASP OD2 HD2  sing N N 68  
ASP OXT HXT  sing N N 69  
GLN N   CA   sing N N 70  
GLN N   H    sing N N 71  
GLN N   H2   sing N N 72  
GLN CA  C    sing N N 73  
GLN CA  CB   sing N N 74  
GLN CA  HA   sing N N 75  
GLN C   O    doub N N 76  
GLN C   OXT  sing N N 77  
GLN CB  CG   sing N N 78  
GLN CB  HB2  sing N N 79  
GLN CB  HB3  sing N N 80  
GLN CG  CD   sing N N 81  
GLN CG  HG2  sing N N 82  
GLN CG  HG3  sing N N 83  
GLN CD  OE1  doub N N 84  
GLN CD  NE2  sing N N 85  
GLN NE2 HE21 sing N N 86  
GLN NE2 HE22 sing N N 87  
GLN OXT HXT  sing N N 88  
GLU N   CA   sing N N 89  
GLU N   H    sing N N 90  
GLU N   H2   sing N N 91  
GLU CA  C    sing N N 92  
GLU CA  CB   sing N N 93  
GLU CA  HA   sing N N 94  
GLU C   O    doub N N 95  
GLU C   OXT  sing N N 96  
GLU CB  CG   sing N N 97  
GLU CB  HB2  sing N N 98  
GLU CB  HB3  sing N N 99  
GLU CG  CD   sing N N 100 
GLU CG  HG2  sing N N 101 
GLU CG  HG3  sing N N 102 
GLU CD  OE1  doub N N 103 
GLU CD  OE2  sing N N 104 
GLU OE2 HE2  sing N N 105 
GLU OXT HXT  sing N N 106 
GLY N   CA   sing N N 107 
GLY N   H    sing N N 108 
GLY N   H2   sing N N 109 
GLY CA  C    sing N N 110 
GLY CA  HA2  sing N N 111 
GLY CA  HA3  sing N N 112 
GLY C   O    doub N N 113 
GLY C   OXT  sing N N 114 
GLY OXT HXT  sing N N 115 
HIS N   CA   sing N N 116 
HIS N   H    sing N N 117 
HIS N   H2   sing N N 118 
HIS CA  C    sing N N 119 
HIS CA  CB   sing N N 120 
HIS CA  HA   sing N N 121 
HIS C   O    doub N N 122 
HIS C   OXT  sing N N 123 
HIS CB  CG   sing N N 124 
HIS CB  HB2  sing N N 125 
HIS CB  HB3  sing N N 126 
HIS CG  ND1  sing Y N 127 
HIS CG  CD2  doub Y N 128 
HIS ND1 CE1  doub Y N 129 
HIS ND1 HD1  sing N N 130 
HIS CD2 NE2  sing Y N 131 
HIS CD2 HD2  sing N N 132 
HIS CE1 NE2  sing Y N 133 
HIS CE1 HE1  sing N N 134 
HIS NE2 HE2  sing N N 135 
HIS OXT HXT  sing N N 136 
HOH O   H1   sing N N 137 
HOH O   H2   sing N N 138 
ILE N   CA   sing N N 139 
ILE N   H    sing N N 140 
ILE N   H2   sing N N 141 
ILE CA  C    sing N N 142 
ILE CA  CB   sing N N 143 
ILE CA  HA   sing N N 144 
ILE C   O    doub N N 145 
ILE C   OXT  sing N N 146 
ILE CB  CG1  sing N N 147 
ILE CB  CG2  sing N N 148 
ILE CB  HB   sing N N 149 
ILE CG1 CD1  sing N N 150 
ILE CG1 HG12 sing N N 151 
ILE CG1 HG13 sing N N 152 
ILE CG2 HG21 sing N N 153 
ILE CG2 HG22 sing N N 154 
ILE CG2 HG23 sing N N 155 
ILE CD1 HD11 sing N N 156 
ILE CD1 HD12 sing N N 157 
ILE CD1 HD13 sing N N 158 
ILE OXT HXT  sing N N 159 
LEU N   CA   sing N N 160 
LEU N   H    sing N N 161 
LEU N   H2   sing N N 162 
LEU CA  C    sing N N 163 
LEU CA  CB   sing N N 164 
LEU CA  HA   sing N N 165 
LEU C   O    doub N N 166 
LEU C   OXT  sing N N 167 
LEU CB  CG   sing N N 168 
LEU CB  HB2  sing N N 169 
LEU CB  HB3  sing N N 170 
LEU CG  CD1  sing N N 171 
LEU CG  CD2  sing N N 172 
LEU CG  HG   sing N N 173 
LEU CD1 HD11 sing N N 174 
LEU CD1 HD12 sing N N 175 
LEU CD1 HD13 sing N N 176 
LEU CD2 HD21 sing N N 177 
LEU CD2 HD22 sing N N 178 
LEU CD2 HD23 sing N N 179 
LEU OXT HXT  sing N N 180 
LYS N   CA   sing N N 181 
LYS N   H    sing N N 182 
LYS N   H2   sing N N 183 
LYS CA  C    sing N N 184 
LYS CA  CB   sing N N 185 
LYS CA  HA   sing N N 186 
LYS C   O    doub N N 187 
LYS C   OXT  sing N N 188 
LYS CB  CG   sing N N 189 
LYS CB  HB2  sing N N 190 
LYS CB  HB3  sing N N 191 
LYS CG  CD   sing N N 192 
LYS CG  HG2  sing N N 193 
LYS CG  HG3  sing N N 194 
LYS CD  CE   sing N N 195 
LYS CD  HD2  sing N N 196 
LYS CD  HD3  sing N N 197 
LYS CE  NZ   sing N N 198 
LYS CE  HE2  sing N N 199 
LYS CE  HE3  sing N N 200 
LYS NZ  HZ1  sing N N 201 
LYS NZ  HZ2  sing N N 202 
LYS NZ  HZ3  sing N N 203 
LYS OXT HXT  sing N N 204 
MET N   CA   sing N N 205 
MET N   H    sing N N 206 
MET N   H2   sing N N 207 
MET CA  C    sing N N 208 
MET CA  CB   sing N N 209 
MET CA  HA   sing N N 210 
MET C   O    doub N N 211 
MET C   OXT  sing N N 212 
MET CB  CG   sing N N 213 
MET CB  HB2  sing N N 214 
MET CB  HB3  sing N N 215 
MET CG  SD   sing N N 216 
MET CG  HG2  sing N N 217 
MET CG  HG3  sing N N 218 
MET SD  CE   sing N N 219 
MET CE  HE1  sing N N 220 
MET CE  HE2  sing N N 221 
MET CE  HE3  sing N N 222 
MET OXT HXT  sing N N 223 
PHE N   CA   sing N N 224 
PHE N   H    sing N N 225 
PHE N   H2   sing N N 226 
PHE CA  C    sing N N 227 
PHE CA  CB   sing N N 228 
PHE CA  HA   sing N N 229 
PHE C   O    doub N N 230 
PHE C   OXT  sing N N 231 
PHE CB  CG   sing N N 232 
PHE CB  HB2  sing N N 233 
PHE CB  HB3  sing N N 234 
PHE CG  CD1  doub Y N 235 
PHE CG  CD2  sing Y N 236 
PHE CD1 CE1  sing Y N 237 
PHE CD1 HD1  sing N N 238 
PHE CD2 CE2  doub Y N 239 
PHE CD2 HD2  sing N N 240 
PHE CE1 CZ   doub Y N 241 
PHE CE1 HE1  sing N N 242 
PHE CE2 CZ   sing Y N 243 
PHE CE2 HE2  sing N N 244 
PHE CZ  HZ   sing N N 245 
PHE OXT HXT  sing N N 246 
PRO N   CA   sing N N 247 
PRO N   CD   sing N N 248 
PRO N   H    sing N N 249 
PRO CA  C    sing N N 250 
PRO CA  CB   sing N N 251 
PRO CA  HA   sing N N 252 
PRO C   O    doub N N 253 
PRO C   OXT  sing N N 254 
PRO CB  CG   sing N N 255 
PRO CB  HB2  sing N N 256 
PRO CB  HB3  sing N N 257 
PRO CG  CD   sing N N 258 
PRO CG  HG2  sing N N 259 
PRO CG  HG3  sing N N 260 
PRO CD  HD2  sing N N 261 
PRO CD  HD3  sing N N 262 
PRO OXT HXT  sing N N 263 
SER N   CA   sing N N 264 
SER N   H    sing N N 265 
SER N   H2   sing N N 266 
SER CA  C    sing N N 267 
SER CA  CB   sing N N 268 
SER CA  HA   sing N N 269 
SER C   O    doub N N 270 
SER C   OXT  sing N N 271 
SER CB  OG   sing N N 272 
SER CB  HB2  sing N N 273 
SER CB  HB3  sing N N 274 
SER OG  HG   sing N N 275 
SER OXT HXT  sing N N 276 
SO4 S   O1   doub N N 277 
SO4 S   O2   doub N N 278 
SO4 S   O3   sing N N 279 
SO4 S   O4   sing N N 280 
THR N   CA   sing N N 281 
THR N   H    sing N N 282 
THR N   H2   sing N N 283 
THR CA  C    sing N N 284 
THR CA  CB   sing N N 285 
THR CA  HA   sing N N 286 
THR C   O    doub N N 287 
THR C   OXT  sing N N 288 
THR CB  OG1  sing N N 289 
THR CB  CG2  sing N N 290 
THR CB  HB   sing N N 291 
THR OG1 HG1  sing N N 292 
THR CG2 HG21 sing N N 293 
THR CG2 HG22 sing N N 294 
THR CG2 HG23 sing N N 295 
THR OXT HXT  sing N N 296 
TYR N   CA   sing N N 297 
TYR N   H    sing N N 298 
TYR N   H2   sing N N 299 
TYR CA  C    sing N N 300 
TYR CA  CB   sing N N 301 
TYR CA  HA   sing N N 302 
TYR C   O    doub N N 303 
TYR C   OXT  sing N N 304 
TYR CB  CG   sing N N 305 
TYR CB  HB2  sing N N 306 
TYR CB  HB3  sing N N 307 
TYR CG  CD1  doub Y N 308 
TYR CG  CD2  sing Y N 309 
TYR CD1 CE1  sing Y N 310 
TYR CD1 HD1  sing N N 311 
TYR CD2 CE2  doub Y N 312 
TYR CD2 HD2  sing N N 313 
TYR CE1 CZ   doub Y N 314 
TYR CE1 HE1  sing N N 315 
TYR CE2 CZ   sing Y N 316 
TYR CE2 HE2  sing N N 317 
TYR CZ  OH   sing N N 318 
TYR OH  HH   sing N N 319 
TYR OXT HXT  sing N N 320 
VAL N   CA   sing N N 321 
VAL N   H    sing N N 322 
VAL N   H2   sing N N 323 
VAL CA  C    sing N N 324 
VAL CA  CB   sing N N 325 
VAL CA  HA   sing N N 326 
VAL C   O    doub N N 327 
VAL C   OXT  sing N N 328 
VAL CB  CG1  sing N N 329 
VAL CB  CG2  sing N N 330 
VAL CB  HB   sing N N 331 
VAL CG1 HG11 sing N N 332 
VAL CG1 HG12 sing N N 333 
VAL CG1 HG13 sing N N 334 
VAL CG2 HG21 sing N N 335 
VAL CG2 HG22 sing N N 336 
VAL CG2 HG23 sing N N 337 
VAL OXT HXT  sing N N 338 
# 
loop_
_pdbx_audit_support.funding_organization 
_pdbx_audit_support.country 
_pdbx_audit_support.grant_number 
_pdbx_audit_support.ordinal 
'Spanish Ministry of Economy and Competitiveness'        Spain            BIO2016-78571-P       1 
'Spanish Ministry of Economy and Competitiveness'        Spain            FPU13/02880           2 
'Spanish Ministry of Economy and Competitiveness'        Spain            BES-2014-068617       3 
'Medical Research Council (United Kingdom)'              'United Kingdom' MR/M003876/1          4 
'Biotechnology and Biological Sciences Research Council' 'United Kingdom' BB/N002873/1          5 
'European Research Council'                              'United Kingdom' 'ERC-ADG/2014 670932' 6 
# 
_atom_sites.entry_id                    6H49 
_atom_sites.fract_transf_matrix[1][1]   -0.00396696 
_atom_sites.fract_transf_matrix[1][2]   -0.00367704 
_atom_sites.fract_transf_matrix[1][3]   -0.00531874 
_atom_sites.fract_transf_matrix[2][1]   0.01785217 
_atom_sites.fract_transf_matrix[2][2]   -0.02265753 
_atom_sites.fract_transf_matrix[2][3]   0.00234902 
_atom_sites.fract_transf_matrix[3][1]   -0.01737755 
_atom_sites.fract_transf_matrix[3][2]   -0.01191149 
_atom_sites.fract_transf_matrix[3][3]   0.01717393 
_atom_sites.fract_transf_vector[1]      0.174721 
_atom_sites.fract_transf_vector[2]      -0.783149 
_atom_sites.fract_transf_vector[3]      2.904731 
# 
loop_
_atom_type.symbol 
C 
N 
O 
S 
# 
loop_
_atom_site.group_PDB 
_atom_site.id 
_atom_site.type_symbol 
_atom_site.label_atom_id 
_atom_site.label_alt_id 
_atom_site.label_comp_id 
_atom_site.label_asym_id 
_atom_site.label_entity_id 
_atom_site.label_seq_id 
_atom_site.pdbx_PDB_ins_code 
_atom_site.Cartn_x 
_atom_site.Cartn_y 
_atom_site.Cartn_z 
_atom_site.occupancy 
_atom_site.B_iso_or_equiv 
_atom_site.pdbx_formal_charge 
_atom_site.auth_seq_id 
_atom_site.auth_comp_id 
_atom_site.auth_asym_id 
_atom_site.auth_atom_id 
_atom_site.pdbx_PDB_model_num 
ATOM   1    C C   . MET A 1 8   ? -14.022 -4.406  -18.515 1.00 33.57  ? 7   MET A C   1 
ATOM   2    O O   . MET A 1 8   ? -13.230 -4.290  -19.457 1.00 38.26  ? 7   MET A O   1 
ATOM   3    N N   . ALA A 1 9   ? -14.037 -3.544  -17.506 1.00 78.95  ? 8   ALA A N   1 
ATOM   4    C CA  . ALA A 1 9   ? -13.557 -2.168  -17.673 1.00 29.15  ? 8   ALA A CA  1 
ATOM   5    C C   . ALA A 1 9   ? -12.025 -2.071  -17.545 1.00 39.67  ? 8   ALA A C   1 
ATOM   6    O O   . ALA A 1 9   ? -11.407 -3.002  -17.049 1.00 50.54  ? 8   ALA A O   1 
ATOM   7    C CB  . ALA A 1 9   ? -14.263 -1.241  -16.680 1.00 40.60  ? 8   ALA A CB  1 
ATOM   8    N N   . GLU A 1 10  ? -11.450 -0.959  -18.030 1.00 30.30  ? 9   GLU A N   1 
ATOM   9    C CA  . GLU A 1 10  ? -10.009 -0.624  -17.929 1.00 29.39  ? 9   GLU A CA  1 
ATOM   10   C C   . GLU A 1 10  ? -9.698  0.530   -16.932 1.00 26.45  ? 9   GLU A C   1 
ATOM   11   O O   . GLU A 1 10  ? -10.478 1.460   -16.769 1.00 25.47  ? 9   GLU A O   1 
ATOM   12   C CB  . GLU A 1 10  ? -9.433  -0.291  -19.338 1.00 42.38  ? 9   GLU A CB  1 
ATOM   13   C CG  . GLU A 1 10  ? -10.033 0.942   -20.057 1.00 54.09  ? 9   GLU A CG  1 
ATOM   14   C CD  . GLU A 1 10  ? -10.059 0.847   -21.606 1.00 108.94 ? 9   GLU A CD  1 
ATOM   15   O OE1 . GLU A 1 10  ? -10.981 0.234   -22.227 1.00 42.96  ? 9   GLU A OE1 1 
ATOM   16   O OE2 . GLU A 1 10  ? -9.163  1.442   -22.237 1.00 45.60  ? 9   GLU A OE2 1 
ATOM   17   N N   . LEU A 1 11  ? -8.534  0.469   -16.294 1.00 27.53  ? 10  LEU A N   1 
ATOM   18   C CA  . LEU A 1 11  ? -8.066  1.505   -15.345 1.00 19.29  ? 10  LEU A CA  1 
ATOM   19   C C   . LEU A 1 11  ? -7.086  2.583   -15.956 1.00 14.70  ? 10  LEU A C   1 
ATOM   20   O O   . LEU A 1 11  ? -6.494  2.370   -17.023 1.00 20.96  ? 10  LEU A O   1 
ATOM   21   C CB  . LEU A 1 11  ? -7.380  0.758   -14.206 1.00 14.00  ? 10  LEU A CB  1 
ATOM   22   C CG  . LEU A 1 11  ? -8.247  -0.054  -13.205 1.00 12.45  ? 10  LEU A CG  1 
ATOM   23   C CD1 . LEU A 1 11  ? -7.385  -0.987  -12.386 1.00 18.56  ? 10  LEU A CD1 1 
ATOM   24   C CD2 . LEU A 1 11  ? -9.123  0.872   -12.357 1.00 20.65  ? 10  LEU A CD2 1 
ATOM   25   N N   . PRO A 1 12  ? -6.864  3.719   -15.270 1.00 21.62  ? 11  PRO A N   1 
ATOM   26   C CA  . PRO A 1 12  ? -5.746  4.580   -15.757 1.00 14.55  ? 11  PRO A CA  1 
ATOM   27   C C   . PRO A 1 12  ? -4.400  3.784   -15.964 1.00 21.38  ? 11  PRO A C   1 
ATOM   28   O O   . PRO A 1 12  ? -4.066  2.823   -15.258 1.00 12.86  ? 11  PRO A O   1 
ATOM   29   C CB  . PRO A 1 12  ? -5.610  5.673   -14.667 1.00 24.09  ? 11  PRO A CB  1 
ATOM   30   C CG  . PRO A 1 12  ? -6.908  5.687   -13.949 1.00 22.38  ? 11  PRO A CG  1 
ATOM   31   C CD  . PRO A 1 12  ? -7.629  4.369   -14.198 1.00 19.65  ? 11  PRO A CD  1 
ATOM   32   N N   . THR A 1 13  ? -3.637  4.185   -16.986 1.00 16.75  ? 12  THR A N   1 
ATOM   33   C CA  . THR A 1 13  ? -2.307  3.630   -17.234 1.00 14.63  ? 12  THR A CA  1 
ATOM   34   C C   . THR A 1 13  ? -1.429  3.768   -16.091 1.00 10.47  ? 12  THR A C   1 
ATOM   35   O O   . THR A 1 13  ? -0.499  2.945   -15.904 1.00 10.51  ? 12  THR A O   1 
ATOM   36   C CB  . THR A 1 13  ? -1.616  4.370   -18.466 1.00 16.37  ? 12  THR A CB  1 
ATOM   37   O OG1 . THR A 1 13  ? -2.586  4.497   -19.489 1.00 25.40  ? 12  THR A OG1 1 
ATOM   38   C CG2 . THR A 1 13  ? -0.493  3.556   -18.971 1.00 30.27  ? 12  THR A CG2 1 
ATOM   39   N N   . HIS A 1 14  ? -1.644  4.792   -15.254 1.00 13.99  ? 13  HIS A N   1 
ATOM   40   C CA  . HIS A 1 14  ? -0.779  4.940   -14.130 1.00 11.18  ? 13  HIS A CA  1 
ATOM   41   C C   . HIS A 1 14  ? -0.830  3.801   -13.142 1.00 8.57   ? 13  HIS A C   1 
ATOM   42   O O   . HIS A 1 14  ? 0.066   3.701   -12.348 1.00 8.00   ? 13  HIS A O   1 
ATOM   43   C CB  . HIS A 1 14  ? -0.896  6.293   -13.354 1.00 16.42  ? 13  HIS A CB  1 
ATOM   44   C CG  . HIS A 1 14  ? -2.211  6.532   -12.662 1.00 14.19  ? 13  HIS A CG  1 
ATOM   45   N ND1 . HIS A 1 14  ? -2.901  7.720   -12.802 1.00 17.80  ? 13  HIS A ND1 1 
ATOM   46   C CD2 . HIS A 1 14  ? -2.929  5.778   -11.786 1.00 12.73  ? 13  HIS A CD2 1 
ATOM   47   C CE1 . HIS A 1 14  ? -4.019  7.650   -12.099 1.00 21.15  ? 13  HIS A CE1 1 
ATOM   48   N NE2 . HIS A 1 14  ? -4.068  6.475   -11.495 1.00 13.92  ? 13  HIS A NE2 1 
ATOM   49   N N   . TYR A 1 15  ? -1.838  2.935   -13.136 1.00 7.64   ? 14  TYR A N   1 
ATOM   50   C CA  . TYR A 1 15  ? -1.698  1.747   -12.316 1.00 7.25   ? 14  TYR A CA  1 
ATOM   51   C C   . TYR A 1 15  ? -0.479  0.932   -12.688 1.00 8.16   ? 14  TYR A C   1 
ATOM   52   O O   . TYR A 1 15  ? 0.116   0.282   -11.847 1.00 6.50   ? 14  TYR A O   1 
ATOM   53   C CB  . TYR A 1 15  ? -2.970  0.905   -12.406 1.00 8.80   ? 14  TYR A CB  1 
ATOM   54   C CG  . TYR A 1 15  ? -4.072  1.380   -11.490 1.00 7.30   ? 14  TYR A CG  1 
ATOM   55   C CD1 . TYR A 1 15  ? -4.956  2.348   -11.857 1.00 7.41   ? 14  TYR A CD1 1 
ATOM   56   C CD2 . TYR A 1 15  ? -4.250  0.799   -10.206 1.00 9.84   ? 14  TYR A CD2 1 
ATOM   57   C CE1 . TYR A 1 15  ? -6.030  2.729   -11.003 1.00 8.02   ? 14  TYR A CE1 1 
ATOM   58   C CE2 . TYR A 1 15  ? -5.299  1.197   -9.350  1.00 8.40   ? 14  TYR A CE2 1 
ATOM   59   C CZ  . TYR A 1 15  ? -6.172  2.148   -9.758  1.00 8.01   ? 14  TYR A CZ  1 
ATOM   60   O OH  . TYR A 1 15  ? -7.224  2.505   -8.945  1.00 12.78  ? 14  TYR A OH  1 
ATOM   61   N N   . GLY A 1 16  ? -0.109  0.910   -13.969 1.00 7.27   ? 15  GLY A N   1 
ATOM   62   C CA  . GLY A 1 16  ? 1.150   0.198   -14.366 1.00 7.80   ? 15  GLY A CA  1 
ATOM   63   C C   . GLY A 1 16  ? 2.401   0.721   -13.735 1.00 6.79   ? 15  GLY A C   1 
ATOM   64   O O   . GLY A 1 16  ? 3.256   -0.053  -13.302 1.00 7.31   ? 15  GLY A O   1 
ATOM   65   N N   . THR A 1 17  ? 2.487   2.031   -13.627 1.00 7.75   ? 16  THR A N   1 
ATOM   66   C CA  . THR A 1 17  ? 3.599   2.649   -12.928 1.00 10.25  ? 16  THR A CA  1 
ATOM   67   C C   . THR A 1 17  ? 3.611   2.399   -11.472 1.00 7.45   ? 16  THR A C   1 
ATOM   68   O O   . THR A 1 17  ? 4.634   2.190   -10.839 1.00 8.86   ? 16  THR A O   1 
ATOM   69   C CB  . THR A 1 17  ? 3.552   4.163   -13.233 1.00 18.95  ? 16  THR A CB  1 
ATOM   70   O OG1 . THR A 1 17  ? 3.102   4.304   -14.605 1.00 33.66  ? 16  THR A OG1 1 
ATOM   71   C CG2 . THR A 1 17  ? 4.904   4.761   -13.060 1.00 22.20  ? 16  THR A CG2 1 
ATOM   72   N N   . ILE A 1 18  ? 2.437   2.438   -10.864 1.00 6.69   ? 17  ILE A N   1 
ATOM   73   C CA  . ILE A 1 18  ? 2.331   2.095   -9.460  1.00 6.83   ? 17  ILE A CA  1 
ATOM   74   C C   . ILE A 1 18  ? 2.791   0.687   -9.206  1.00 8.14   ? 17  ILE A C   1 
ATOM   75   O O   . ILE A 1 18  ? 3.603   0.430   -8.301  1.00 6.85   ? 17  ILE A O   1 
ATOM   76   C CB  . ILE A 1 18  ? 0.867   2.260   -8.951  1.00 7.65   ? 17  ILE A CB  1 
ATOM   77   C CG1 . ILE A 1 18  ? 0.438   3.709   -9.083  1.00 7.41   ? 17  ILE A CG1 1 
ATOM   78   C CG2 . ILE A 1 18  ? 0.708   1.749   -7.518  1.00 9.19   ? 17  ILE A CG2 1 
ATOM   79   C CD1 . ILE A 1 18  ? -1.033  3.965   -8.898  1.00 11.56  ? 17  ILE A CD1 1 
ATOM   80   N N   . ILE A 1 19  ? 2.341   -0.260  -10.025 1.00 7.27   ? 18  ILE A N   1 
ATOM   81   C CA  . ILE A 1 19  ? 2.767   -1.639  -9.857  1.00 6.95   ? 18  ILE A CA  1 
ATOM   82   C C   . ILE A 1 19  ? 4.276   -1.751  -10.070 1.00 7.60   ? 18  ILE A C   1 
ATOM   83   O O   . ILE A 1 19  ? 4.939   -2.416  -9.328  1.00 9.03   ? 18  ILE A O   1 
ATOM   84   C CB  . ILE A 1 19  ? 1.989   -2.537  -10.842 1.00 7.87   ? 18  ILE A CB  1 
ATOM   85   C CG1 . ILE A 1 19  ? 0.531   -2.641  -10.399 1.00 11.20  ? 18  ILE A CG1 1 
ATOM   86   C CG2 . ILE A 1 19  ? 2.725   -3.870  -10.979 1.00 12.95  ? 18  ILE A CG2 1 
ATOM   87   C CD1 . ILE A 1 19  ? -0.375  -3.215  -11.478 1.00 16.60  ? 18  ILE A CD1 1 
ATOM   88   N N   . LYS A 1 20  ? 4.825   -1.083  -11.077 1.00 6.93   ? 19  LYS A N   1 
ATOM   89   C CA  . LYS A 1 20  ? 6.265   -1.193  -11.315 1.00 9.40   ? 19  LYS A CA  1 
ATOM   90   C C   . LYS A 1 20  ? 7.053   -0.662  -10.145 1.00 10.42  ? 19  LYS A C   1 
ATOM   91   O O   . LYS A 1 20  ? 8.030   -1.283  -9.664  1.00 10.64  ? 19  LYS A O   1 
ATOM   92   C CB  . LYS A 1 20  ? 6.644   -0.472  -12.551 1.00 9.91   ? 19  LYS A CB  1 
ATOM   93   C CG  . LYS A 1 20  ? 8.116   -0.584  -12.857 1.00 12.43  ? 19  LYS A CG  1 
ATOM   94   C CD  . LYS A 1 20  ? 8.340   -0.041  -14.235 1.00 16.64  ? 19  LYS A CD  1 
ATOM   95   C CE  . LYS A 1 20  ? 9.809   -0.077  -14.554 1.00 25.87  ? 19  LYS A CE  1 
ATOM   96   N NZ  . LYS A 1 20  ? 9.986   0.313   -15.969 1.00 27.03  ? 19  LYS A NZ  1 
ATOM   97   N N   . THR A 1 21  ? 6.646   0.500   -9.638  1.00 9.19   ? 20  THR A N   1 
ATOM   98   C CA  . THR A 1 21  ? 7.285   1.050   -8.434  1.00 7.71   ? 20  THR A CA  1 
ATOM   99   C C   . THR A 1 21  ? 7.201   0.131   -7.192  1.00 8.14   ? 20  THR A C   1 
ATOM   100  O O   . THR A 1 21  ? 8.215   -0.104  -6.510  1.00 9.74   ? 20  THR A O   1 
ATOM   101  C CB  . THR A 1 21  ? 6.731   2.472   -8.140  1.00 8.90   ? 20  THR A CB  1 
ATOM   102  O OG1 . THR A 1 21  ? 6.997   3.274   -9.253  1.00 12.76  ? 20  THR A OG1 1 
ATOM   103  C CG2 . THR A 1 21  ? 7.321   3.057   -6.942  1.00 11.71  ? 20  THR A CG2 1 
ATOM   104  N N   . LEU A 1 22  ? 6.029   -0.433  -6.944  1.00 6.96   ? 21  LEU A N   1 
ATOM   105  C CA  . LEU A 1 22  ? 5.834   -1.338  -5.818  1.00 6.92   ? 21  LEU A CA  1 
ATOM   106  C C   . LEU A 1 22  ? 6.553   -2.638  -6.010  1.00 8.90   ? 21  LEU A C   1 
ATOM   107  O O   . LEU A 1 22  ? 7.074   -3.177  -5.063  1.00 9.63   ? 21  LEU A O   1 
ATOM   108  C CB  . LEU A 1 22  ? 4.374   -1.557  -5.582  1.00 8.16   ? 21  LEU A CB  1 
ATOM   109  C CG  . LEU A 1 22  ? 3.642   -0.309  -5.087  1.00 9.72   ? 21  LEU A CG  1 
ATOM   110  C CD1 . LEU A 1 22  ? 2.187   -0.647  -4.958  1.00 13.49  ? 21  LEU A CD1 1 
ATOM   111  C CD2 . LEU A 1 22  ? 4.165   0.186   -3.760  1.00 14.34  ? 21  LEU A CD2 1 
ATOM   112  N N   . ARG A 1 23  ? 6.545   -3.195  -7.233  1.00 7.69   ? 22  ARG A N   1 
ATOM   113  C CA  . ARG A 1 23  ? 7.271   -4.420  -7.528  1.00 8.09   ? 22  ARG A CA  1 
ATOM   114  C C   . ARG A 1 23  ? 8.768   -4.264  -7.183  1.00 8.17   ? 22  ARG A C   1 
ATOM   115  O O   . ARG A 1 23  ? 9.367   -5.141  -6.527  1.00 8.86   ? 22  ARG A O   1 
ATOM   116  C CB  . ARG A 1 23  ? 7.061   -4.868  -8.980  1.00 9.27   ? 22  ARG A CB  1 
ATOM   117  C CG  . ARG A 1 23  ? 7.957   -6.043  -9.334  1.00 7.64   ? 22  ARG A CG  1 
ATOM   118  C CD  . ARG A 1 23  ? 7.818   -6.463  -10.751 1.00 9.00   ? 22  ARG A CD  1 
ATOM   119  N NE  . ARG A 1 23  ? 8.225   -5.442  -11.697 1.00 9.22   ? 22  ARG A NE  1 
ATOM   120  C CZ  . ARG A 1 23  ? 9.455   -5.135  -12.038 1.00 11.38  ? 22  ARG A CZ  1 
ATOM   121  N NH1 . ARG A 1 23  ? 10.495  -5.715  -11.469 1.00 12.04  ? 22  ARG A NH1 1 
ATOM   122  N NH2 . ARG A 1 23  ? 9.659   -4.208  -12.983 1.00 15.67  ? 22  ARG A NH2 1 
ATOM   123  N N   . LYS A 1 24  ? 9.355   -3.173  -7.619  1.00 8.29   ? 23  LYS A N   1 
ATOM   124  C CA  . LYS A 1 24  ? 10.726  -2.890  -7.310  1.00 14.95  ? 23  LYS A CA  1 
ATOM   125  C C   . LYS A 1 24  ? 11.031  -2.706  -5.830  1.00 13.30  ? 23  LYS A C   1 
ATOM   126  O O   . LYS A 1 24  ? 12.051  -3.229  -5.333  1.00 13.13  ? 23  LYS A O   1 
ATOM   127  C CB  . LYS A 1 24  ? 11.196  -1.711  -8.143  1.00 12.96  ? 23  LYS A CB  1 
ATOM   128  C CG  . LYS A 1 24  ? 11.308  -2.040  -9.616  1.00 16.26  ? 23  LYS A CG  1 
ATOM   129  C CD  . LYS A 1 24  ? 11.575  -0.784  -10.427 1.00 20.22  ? 23  LYS A CD  1 
ATOM   130  C CE  . LYS A 1 24  ? 11.873  -1.140  -11.867 1.00 38.15  ? 23  LYS A CE  1 
ATOM   131  N NZ  . LYS A 1 24  ? 12.451  -0.005  -12.631 1.00 50.35  ? 23  LYS A NZ  1 
ATOM   132  N N   . TYR A 1 25  ? 10.114  -2.055  -5.119  1.00 13.32  ? 24  TYR A N   1 
ATOM   133  C CA  . TYR A 1 25  ? 10.213  -1.842  -3.679  1.00 12.41  ? 24  TYR A CA  1 
ATOM   134  C C   . TYR A 1 25  ? 10.215  -3.191  -2.946  1.00 11.49  ? 24  TYR A C   1 
ATOM   135  O O   . TYR A 1 25  ? 11.021  -3.407  -2.061  1.00 14.22  ? 24  TYR A O   1 
ATOM   136  C CB  . TYR A 1 25  ? 9.021   -0.987  -3.226  1.00 15.13  ? 24  TYR A CB  1 
ATOM   137  C CG  . TYR A 1 25  ? 8.982   -0.949  -1.740  1.00 10.01  ? 24  TYR A CG  1 
ATOM   138  C CD1 . TYR A 1 25  ? 9.842   -0.087  -1.046  1.00 15.75  ? 24  TYR A CD1 1 
ATOM   139  C CD2 . TYR A 1 25  ? 8.162   -1.840  -1.031  1.00 13.15  ? 24  TYR A CD2 1 
ATOM   140  C CE1 . TYR A 1 25  ? 9.890   -0.137  0.347   1.00 15.74  ? 24  TYR A CE1 1 
ATOM   141  C CE2 . TYR A 1 25  ? 8.177   -1.857  0.357   1.00 16.29  ? 24  TYR A CE2 1 
ATOM   142  C CZ  . TYR A 1 25  ? 9.057   -1.014  1.017   1.00 17.70  ? 24  TYR A CZ  1 
ATOM   143  O OH  . TYR A 1 25  ? 9.085   -1.012  2.412   1.00 24.19  ? 24  TYR A OH  1 
ATOM   144  N N   . MET A 1 26  ? 9.362   -4.090  -3.389  1.00 9.90   ? 25  MET A N   1 
ATOM   145  C CA  . MET A 1 26  ? 9.261   -5.478  -2.915  1.00 12.76  ? 25  MET A CA  1 
ATOM   146  C C   . MET A 1 26  ? 10.407  -6.435  -3.335  1.00 9.31   ? 25  MET A C   1 
ATOM   147  O O   . MET A 1 26  ? 10.460  -7.597  -2.865  1.00 11.88  ? 25  MET A O   1 
ATOM   148  C CB  . MET A 1 26  ? 7.916   -6.026  -3.323  1.00 13.32  ? 25  MET A CB  1 
ATOM   149  C CG  . MET A 1 26  ? 6.634   -5.432  -2.664  1.00 17.47  ? 25  MET A CG  1 
ATOM   150  S SD  . MET A 1 26  ? 6.759   -5.379  -0.851  1.00 24.96  ? 25  MET A SD  1 
ATOM   151  C CE  . MET A 1 26  ? 5.202   -4.507  -0.547  1.00 26.49  ? 25  MET A CE  1 
ATOM   152  N N   . LYS A 1 27  ? 11.341  -5.928  -4.137  1.00 9.88   ? 26  LYS A N   1 
ATOM   153  C CA  . LYS A 1 27  ? 12.503  -6.639  -4.703  1.00 11.88  ? 26  LYS A CA  1 
ATOM   154  C C   . LYS A 1 27  ? 12.092  -7.875  -5.488  1.00 13.62  ? 26  LYS A C   1 
ATOM   155  O O   . LYS A 1 27  ? 12.682  -8.966  -5.324  1.00 10.36  ? 26  LYS A O   1 
ATOM   156  C CB  . LYS A 1 27  ? 13.452  -7.053  -3.591  1.00 19.94  ? 26  LYS A CB  1 
ATOM   157  C CG  . LYS A 1 27  ? 13.875  -5.837  -2.761  1.00 25.71  ? 26  LYS A CG  1 
ATOM   158  C CD  . LYS A 1 27  ? 15.101  -6.162  -1.931  1.00 41.61  ? 26  LYS A CD  1 
ATOM   159  C CE  . LYS A 1 27  ? 15.768  -4.887  -1.423  1.00 54.11  ? 26  LYS A CE  1 
ATOM   160  N NZ  . LYS A 1 27  ? 15.042  -4.377  -0.237  1.00 52.27  ? 26  LYS A NZ  1 
ATOM   161  N N   . LEU A 1 28  ? 11.036  -7.716  -6.285  1.00 8.62   ? 27  LEU A N   1 
ATOM   162  C CA  . LEU A 1 28  ? 10.560  -8.775  -7.123  1.00 8.24   ? 27  LEU A CA  1 
ATOM   163  C C   . LEU A 1 28  ? 10.922  -8.494  -8.574  1.00 8.23   ? 27  LEU A C   1 
ATOM   164  O O   . LEU A 1 28  ? 10.692  -7.388  -9.042  1.00 9.55   ? 27  LEU A O   1 
ATOM   165  C CB  . LEU A 1 28  ? 9.051   -8.876  -7.008  1.00 8.32   ? 27  LEU A CB  1 
ATOM   166  C CG  . LEU A 1 28  ? 8.461   -9.032  -5.598  1.00 9.93   ? 27  LEU A CG  1 
ATOM   167  C CD1 . LEU A 1 28  ? 6.945   -8.923  -5.709  1.00 11.99  ? 27  LEU A CD1 1 
ATOM   168  C CD2 . LEU A 1 28  ? 8.845   -10.363 -4.977  1.00 13.87  ? 27  LEU A CD2 1 
ATOM   169  N N   . THR A 1 29  ? 11.412  -9.506  -9.267  1.00 8.53   ? 28  THR A N   1 
ATOM   170  C CA  . THR A 1 29  ? 11.535  -9.423  -10.706 1.00 8.51   ? 28  THR A CA  1 
ATOM   171  C C   . THR A 1 29  ? 10.156  -9.579  -11.352 1.00 8.07   ? 28  THR A C   1 
ATOM   172  O O   . THR A 1 29  ? 9.200   -10.021 -10.708 1.00 7.88   ? 28  THR A O   1 
ATOM   173  C CB  . THR A 1 29  ? 12.464  -10.507 -11.268 1.00 9.02   ? 28  THR A CB  1 
ATOM   174  O OG1 . THR A 1 29  ? 11.956  -11.826 -10.965 1.00 9.37   ? 28  THR A OG1 1 
ATOM   175  C CG2 . THR A 1 29  ? 13.828  -10.395 -10.691 1.00 9.70   ? 28  THR A CG2 1 
ATOM   176  N N   . GLN A 1 30  ? 10.061  -9.227  -12.642 1.00 7.99   ? 29  GLN A N   1 
ATOM   177  C CA  . GLN A 1 30  ? 8.812   -9.545  -13.377 1.00 7.72   ? 29  GLN A CA  1 
ATOM   178  C C   . GLN A 1 30  ? 8.518   -11.043 -13.382 1.00 7.92   ? 29  GLN A C   1 
ATOM   179  O O   . GLN A 1 30  ? 7.366   -11.420 -13.281 1.00 7.77   ? 29  GLN A O   1 
ATOM   180  C CB  . GLN A 1 30  ? 8.900   -8.959  -14.778 1.00 8.53   ? 29  GLN A CB  1 
ATOM   181  C CG  . GLN A 1 30  ? 8.908   -7.455  -14.827 1.00 8.48   ? 29  GLN A CG  1 
ATOM   182  C CD  . GLN A 1 30  ? 9.098   -6.950  -16.269 1.00 13.51  ? 29  GLN A CD  1 
ATOM   183  O OE1 . GLN A 1 30  ? 9.566   -7.697  -17.131 1.00 13.23  ? 29  GLN A OE1 1 
ATOM   184  N NE2 . GLN A 1 30  ? 8.788   -5.709  -16.502 1.00 11.14  ? 29  GLN A NE2 1 
ATOM   185  N N   . SER A 1 31  ? 9.529   -11.893 -13.477 1.00 8.36   ? 30  SER A N   1 
ATOM   186  C CA  . SER A 1 31  ? 9.343   -13.342 -13.461 1.00 8.80   ? 30  SER A CA  1 
ATOM   187  C C   . SER A 1 31  ? 8.772   -13.801 -12.120 1.00 11.41  ? 30  SER A C   1 
ATOM   188  O O   . SER A 1 31  ? 7.916   -14.650 -12.073 1.00 8.72   ? 30  SER A O   1 
ATOM   189  C CB  . SER A 1 31  ? 10.643  -14.097 -13.688 1.00 11.23  ? 30  SER A CB  1 
ATOM   190  O OG  . SER A 1 31  ? 10.994  -13.868 -15.025 1.00 29.74  ? 30  SER A OG  1 
ATOM   191  N N   . LYS A 1 32  ? 9.259   -13.219 -11.038 1.00 8.63   ? 31  LYS A N   1 
ATOM   192  C CA  . LYS A 1 32  ? 8.756   -13.584 -9.705  1.00 8.66   ? 31  LYS A CA  1 
ATOM   193  C C   . LYS A 1 32  ? 7.352   -13.098 -9.512  1.00 8.19   ? 31  LYS A C   1 
ATOM   194  O O   . LYS A 1 32  ? 6.503   -13.869 -8.993  1.00 8.27   ? 31  LYS A O   1 
ATOM   195  C CB  . LYS A 1 32  ? 9.721   -13.051 -8.627  1.00 12.06  ? 31  LYS A CB  1 
ATOM   196  C CG  . LYS A 1 32  ? 9.435   -13.535 -7.208  1.00 16.57  ? 31  LYS A CG  1 
ATOM   197  C CD  . LYS A 1 32  ? 9.710   -15.028 -7.006  1.00 21.65  ? 31  LYS A CD  1 
ATOM   198  C CE  . LYS A 1 32  ? 8.508   -15.675 -6.314  1.00 50.20  ? 31  LYS A CE  1 
ATOM   199  N NZ  . LYS A 1 32  ? 8.609   -17.156 -6.162  1.00 37.83  ? 31  LYS A NZ  1 
ATOM   200  N N   . LEU A 1 33  ? 7.030   -11.894 -9.985  1.00 7.79   ? 32  LEU A N   1 
ATOM   201  C CA  . LEU A 1 33  ? 5.681   -11.417 -9.860  1.00 7.44   ? 32  LEU A CA  1 
ATOM   202  C C   . LEU A 1 33  ? 4.726   -12.281 -10.713 1.00 7.53   ? 32  LEU A C   1 
ATOM   203  O O   . LEU A 1 33  ? 3.594   -12.474 -10.358 1.00 7.47   ? 32  LEU A O   1 
ATOM   204  C CB  . LEU A 1 33  ? 5.581   -9.936  -10.183 1.00 7.11   ? 32  LEU A CB  1 
ATOM   205  C CG  . LEU A 1 33  ? 4.206   -9.313  -9.921  1.00 7.50   ? 32  LEU A CG  1 
ATOM   206  C CD1 . LEU A 1 33  ? 3.768   -9.523  -8.443  1.00 7.79   ? 32  LEU A CD1 1 
ATOM   207  C CD2 . LEU A 1 33  ? 4.206   -7.855  -10.278 1.00 11.45  ? 32  LEU A CD2 1 
ATOM   208  N N   . SER A 1 34  ? 5.185   -12.781 -11.850 1.00 7.73   ? 33  SER A N   1 
ATOM   209  C CA  . SER A 1 34  ? 4.400   -13.699 -12.672 1.00 7.92   ? 33  SER A CA  1 
ATOM   210  C C   . SER A 1 34  ? 4.078   -14.979 -11.866 1.00 8.28   ? 33  SER A C   1 
ATOM   211  O O   . SER A 1 34  ? 2.954   -15.447 -11.870 1.00 8.37   ? 33  SER A O   1 
ATOM   212  C CB  . SER A 1 34  ? 5.174   -14.079 -13.964 1.00 8.16   ? 33  SER A CB  1 
ATOM   213  O OG  . SER A 1 34  ? 4.544   -15.168 -14.657 1.00 8.47   ? 33  SER A OG  1 
ATOM   214  N N   . GLU A 1 35  ? 5.113   -15.540 -11.231 1.00 8.56   ? 34  GLU A N   1 
ATOM   215  C CA  . GLU A 1 35  ? 4.969   -16.775 -10.414 1.00 9.20   ? 34  GLU A CA  1 
ATOM   216  C C   . GLU A 1 35  ? 4.279   -16.439 -9.085  1.00 8.82   ? 34  GLU A C   1 
ATOM   217  O O   . GLU A 1 35  ? 4.402   -17.240 -8.136  1.00 10.83  ? 34  GLU A O   1 
ATOM   218  C CB  . GLU A 1 35  ? 6.337   -17.417 -10.173 1.00 12.68  ? 34  GLU A CB  1 
ATOM   219  N N   . ARG A 1 36  ? 3.584   -15.298 -9.029  1.00 8.36   ? 35  ARG A N   1 
ATOM   220  C CA  . ARG A 1 36  ? 2.865   -14.858 -7.805  1.00 8.23   ? 35  ARG A CA  1 
ATOM   221  C C   . ARG A 1 36  ? 1.492   -14.316 -8.213  1.00 10.27  ? 35  ARG A C   1 
ATOM   222  O O   . ARG A 1 36  ? 0.673   -14.044 -7.313  1.00 10.30  ? 35  ARG A O   1 
ATOM   223  C CB  . ARG A 1 36  ? 3.679   -13.796 -7.060  1.00 8.59   ? 35  ARG A CB  1 
ATOM   224  C CG  . ARG A 1 36  ? 4.918   -14.338 -6.361  1.00 9.93   ? 35  ARG A CG  1 
ATOM   225  C CD  . ARG A 1 36  ? 5.686   -13.256 -5.625  1.00 20.98  ? 35  ARG A CD  1 
ATOM   226  N NE  . ARG A 1 36  ? 5.755   -13.503 -4.192  1.00 37.47  ? 35  ARG A NE  1 
ATOM   227  C CZ  . ARG A 1 36  ? 6.176   -12.619 -3.295  1.00 23.37  ? 35  ARG A CZ  1 
ATOM   228  N NH1 . ARG A 1 36  ? 5.493   -11.504 -3.092  1.00 27.66  ? 35  ARG A NH1 1 
ATOM   229  N NH2 . ARG A 1 36  ? 7.278   -12.850 -2.605  1.00 22.28  ? 35  ARG A NH2 1 
ATOM   230  N N   . THR A 1 37  ? 1.258   -14.168 -9.522  1.00 7.87   ? 36  THR A N   1 
ATOM   231  C CA  . THR A 1 37  ? -0.044  -13.653 -10.013 1.00 7.75   ? 36  THR A CA  1 
ATOM   232  C C   . THR A 1 37  ? -0.690  -14.556 -11.079 1.00 8.12   ? 36  THR A C   1 
ATOM   233  O O   . THR A 1 37  ? -1.901  -14.593 -11.144 1.00 8.25   ? 36  THR A O   1 
ATOM   234  C CB  . THR A 1 37  ? 0.164   -12.285 -10.677 1.00 7.42   ? 36  THR A CB  1 
ATOM   235  O OG1 . THR A 1 37  ? 1.160   -12.449 -11.671 1.00 7.43   ? 36  THR A OG1 1 
ATOM   236  C CG2 . THR A 1 37  ? 0.574   -11.225 -9.679  1.00 7.06   ? 36  THR A CG2 1 
ATOM   237  N N   . GLY A 1 38  ? 0.132   -15.241 -11.850 1.00 8.33   ? 37  GLY A N   1 
ATOM   238  C CA  . GLY A 1 38  ? -0.338  -16.038 -12.987 1.00 8.71   ? 37  GLY A CA  1 
ATOM   239  C C   . GLY A 1 38  ? -0.357  -15.211 -14.291 1.00 8.53   ? 37  GLY A C   1 
ATOM   240  O O   . GLY A 1 38  ? -0.647  -15.763 -15.361 1.00 8.85   ? 37  GLY A O   1 
ATOM   241  N N   . PHE A 1 39  ? -0.092  -13.916 -14.238 1.00 8.10   ? 38  PHE A N   1 
ATOM   242  C CA  . PHE A 1 39  ? 0.111   -13.136 -15.472 1.00 7.99   ? 38  PHE A CA  1 
ATOM   243  C C   . PHE A 1 39  ? 1.461   -13.563 -16.057 1.00 8.08   ? 38  PHE A C   1 
ATOM   244  O O   . PHE A 1 39  ? 2.415   -13.741 -15.313 1.00 8.03   ? 38  PHE A O   1 
ATOM   245  C CB  . PHE A 1 39  ? 0.060   -11.612 -15.248 1.00 7.60   ? 38  PHE A CB  1 
ATOM   246  C CG  . PHE A 1 39  ? -1.292  -11.123 -14.782 1.00 7.97   ? 38  PHE A CG  1 
ATOM   247  C CD1 . PHE A 1 39  ? -2.403  -11.327 -15.584 1.00 11.73  ? 38  PHE A CD1 1 
ATOM   248  C CD2 . PHE A 1 39  ? -1.444  -10.446 -13.604 1.00 8.91   ? 38  PHE A CD2 1 
ATOM   249  C CE1 . PHE A 1 39  ? -3.679  -10.926 -15.156 1.00 16.13  ? 38  PHE A CE1 1 
ATOM   250  C CE2 . PHE A 1 39  ? -2.677  -9.994  -13.179 1.00 9.90   ? 38  PHE A CE2 1 
ATOM   251  C CZ  . PHE A 1 39  ? -3.800  -10.247 -13.960 1.00 12.36  ? 38  PHE A CZ  1 
ATOM   252  N N   . SER A 1 40  ? 1.566   -13.703 -17.373 1.00 8.27   ? 39  SER A N   1 
ATOM   253  C CA  . SER A 1 40  ? 2.817   -14.051 -17.957 1.00 8.40   ? 39  SER A CA  1 
ATOM   254  C C   . SER A 1 40  ? 3.829   -12.898 -17.680 1.00 8.07   ? 39  SER A C   1 
ATOM   255  O O   . SER A 1 40  ? 3.404   -11.758 -17.507 1.00 7.79   ? 39  SER A O   1 
ATOM   256  C CB  . SER A 1 40  ? 2.667   -14.273 -19.472 1.00 8.67   ? 39  SER A CB  1 
ATOM   257  O OG  . SER A 1 40  ? 2.542   -12.989 -20.086 1.00 8.45   ? 39  SER A OG  1 
ATOM   258  N N   . GLN A 1 41  ? 5.126   -13.219 -17.699 1.00 8.21   ? 40  GLN A N   1 
ATOM   259  C CA  . GLN A 1 41  ? 6.156   -12.200 -17.486 1.00 8.04   ? 40  GLN A CA  1 
ATOM   260  C C   . GLN A 1 41  ? 6.016   -11.054 -18.527 1.00 7.92   ? 40  GLN A C   1 
ATOM   261  O O   . GLN A 1 41  ? 6.061   -9.879  -18.208 1.00 7.69   ? 40  GLN A O   1 
ATOM   262  C CB  . GLN A 1 41  ? 7.549   -12.831 -17.526 1.00 11.86  ? 40  GLN A CB  1 
ATOM   263  C CG  . GLN A 1 41  ? 8.713   -11.879 -17.545 1.00 15.75  ? 40  GLN A CG  1 
ATOM   264  C CD  . GLN A 1 41  ? 9.007   -11.271 -18.947 1.00 13.91  ? 40  GLN A CD  1 
ATOM   265  O OE1 . GLN A 1 41  ? 9.027   -11.971 -20.020 1.00 20.02  ? 40  GLN A OE1 1 
ATOM   266  N NE2 . GLN A 1 41  ? 9.155   -9.956  -18.948 1.00 20.02  ? 40  GLN A NE2 1 
ATOM   267  N N   . ASN A 1 42  ? 5.744   -11.412 -19.765 1.00 8.13   ? 41  ASN A N   1 
ATOM   268  C CA  . ASN A 1 42  ? 5.559   -10.430 -20.800 1.00 8.12   ? 41  ASN A CA  1 
ATOM   269  C C   . ASN A 1 42  ? 4.322   -9.557  -20.579 1.00 7.91   ? 41  ASN A C   1 
ATOM   270  O O   . ASN A 1 42  ? 4.345   -8.303  -20.853 1.00 7.82   ? 41  ASN A O   1 
ATOM   271  C CB  . ASN A 1 42  ? 5.540   -11.106 -22.176 1.00 8.47   ? 41  ASN A CB  1 
ATOM   272  C CG  . ASN A 1 42  ? 5.616   -10.112 -23.341 1.00 8.56   ? 41  ASN A CG  1 
ATOM   273  O OD1 . ASN A 1 42  ? 6.496   -9.276  -23.383 1.00 8.53   ? 41  ASN A OD1 1 
ATOM   274  N ND2 . ASN A 1 42  ? 4.674   -10.200 -24.262 1.00 10.13  ? 41  ASN A ND2 1 
ATOM   275  N N   . THR A 1 43  ? 3.253   -10.152 -20.047 1.00 7.89   ? 42  THR A N   1 
ATOM   276  C CA  . THR A 1 43  ? 2.080   -9.391  -19.747 1.00 7.76   ? 42  THR A CA  1 
ATOM   277  C C   . THR A 1 43  ? 2.356   -8.359  -18.609 1.00 7.43   ? 42  THR A C   1 
ATOM   278  O O   . THR A 1 43  ? 1.909   -7.208  -18.686 1.00 7.36   ? 42  THR A O   1 
ATOM   279  C CB  . THR A 1 43  ? 0.946   -10.321 -19.402 1.00 8.28   ? 42  THR A CB  1 
ATOM   280  O OG1 . THR A 1 43  ? 0.513   -10.937 -20.604 1.00 8.29   ? 42  THR A OG1 1 
ATOM   281  C CG2 . THR A 1 43  ? -0.232  -9.554  -18.793 1.00 8.52   ? 42  THR A CG2 1 
ATOM   282  N N   . ILE A 1 44  ? 3.073   -8.796  -17.590 1.00 7.31   ? 43  ILE A N   1 
ATOM   283  C CA  . ILE A 1 44  ? 3.466   -7.840  -16.544 1.00 7.44   ? 43  ILE A CA  1 
ATOM   284  C C   . ILE A 1 44  ? 4.225   -6.619  -17.154 1.00 7.08   ? 43  ILE A C   1 
ATOM   285  O O   . ILE A 1 44  ? 3.961   -5.446  -16.827 1.00 6.97   ? 43  ILE A O   1 
ATOM   286  C CB  . ILE A 1 44  ? 4.270   -8.543  -15.426 1.00 7.04   ? 43  ILE A CB  1 
ATOM   287  C CG1 . ILE A 1 44  ? 3.318   -9.550  -14.828 1.00 10.87  ? 43  ILE A CG1 1 
ATOM   288  C CG2 . ILE A 1 44  ? 4.876   -7.510  -14.489 1.00 10.74  ? 43  ILE A CG2 1 
ATOM   289  C CD1 . ILE A 1 44  ? 3.922   -10.313 -13.724 1.00 12.17  ? 43  ILE A CD1 1 
ATOM   290  N N   . SER A 1 45  ? 5.126   -6.902  -18.067 1.00 7.29   ? 44  SER A N   1 
ATOM   291  C CA  . SER A 1 45  ? 5.867   -5.828  -18.727 1.00 7.40   ? 44  SER A CA  1 
ATOM   292  C C   . SER A 1 45  ? 4.923   -4.916  -19.491 1.00 7.61   ? 44  SER A C   1 
ATOM   293  O O   . SER A 1 45  ? 5.021   -3.653  -19.478 1.00 7.76   ? 44  SER A O   1 
ATOM   294  C CB  . SER A 1 45  ? 6.900   -6.417  -19.725 1.00 7.70   ? 44  SER A CB  1 
ATOM   295  O OG  . SER A 1 45  ? 7.530   -5.336  -20.431 1.00 9.94   ? 44  SER A OG  1 
ATOM   296  N N   . ASN A 1 46  ? 4.005   -5.540  -20.221 1.00 7.56   ? 45  ASN A N   1 
ATOM   297  C CA  . ASN A 1 46  ? 3.034   -4.759  -20.983 1.00 7.72   ? 45  ASN A CA  1 
ATOM   298  C C   . ASN A 1 46  ? 2.083   -3.947  -20.091 1.00 7.57   ? 45  ASN A C   1 
ATOM   299  O O   . ASN A 1 46  ? 1.752   -2.814  -20.433 1.00 7.72   ? 45  ASN A O   1 
ATOM   300  C CB  . ASN A 1 46  ? 2.239   -5.667  -21.911 1.00 7.96   ? 45  ASN A CB  1 
ATOM   301  C CG  . ASN A 1 46  ? 3.100   -6.124  -23.081 1.00 8.21   ? 45  ASN A CG  1 
ATOM   302  O OD1 . ASN A 1 46  ? 4.068   -5.428  -23.432 1.00 8.43   ? 45  ASN A OD1 1 
ATOM   303  N ND2 . ASN A 1 46  ? 2.772   -7.235  -23.700 1.00 9.32   ? 45  ASN A ND2 1 
ATOM   304  N N   . HIS A 1 47  ? 1.678   -4.478  -18.945 1.00 7.33   ? 46  HIS A N   1 
ATOM   305  C CA  . HIS A 1 47  ? 0.883   -3.693  -18.019 1.00 7.21   ? 46  HIS A CA  1 
ATOM   306  C C   . HIS A 1 47  ? 1.667   -2.505  -17.474 1.00 7.19   ? 46  HIS A C   1 
ATOM   307  O O   . HIS A 1 47  ? 1.133   -1.394  -17.385 1.00 8.10   ? 46  HIS A O   1 
ATOM   308  C CB  . HIS A 1 47  ? 0.434   -4.585  -16.854 1.00 7.01   ? 46  HIS A CB  1 
ATOM   309  C CG  . HIS A 1 47  ? -0.728  -5.451  -17.197 1.00 7.20   ? 46  HIS A CG  1 
ATOM   310  N ND1 . HIS A 1 47  ? -1.023  -6.582  -16.480 1.00 7.61   ? 46  HIS A ND1 1 
ATOM   311  C CD2 . HIS A 1 47  ? -1.737  -5.282  -18.069 1.00 7.51   ? 46  HIS A CD2 1 
ATOM   312  C CE1 . HIS A 1 47  ? -2.162  -7.089  -16.897 1.00 7.44   ? 46  HIS A CE1 1 
ATOM   313  N NE2 . HIS A 1 47  ? -2.621  -6.322  -17.877 1.00 7.96   ? 46  HIS A NE2 1 
ATOM   314  N N   . GLU A 1 48  ? 2.904   -2.747  -17.116 1.00 7.02   ? 47  GLU A N   1 
ATOM   315  C CA  . GLU A 1 48  ? 3.694   -1.701  -16.499 1.00 7.68   ? 47  GLU A CA  1 
ATOM   316  C C   . GLU A 1 48  ? 3.909   -0.581  -17.480 1.00 12.83  ? 47  GLU A C   1 
ATOM   317  O O   . GLU A 1 48  ? 3.914   0.586   -17.041 1.00 9.77   ? 47  GLU A O   1 
ATOM   318  C CB  . GLU A 1 48  ? 5.018   -2.212  -15.964 1.00 8.62   ? 47  GLU A CB  1 
ATOM   319  C CG  . GLU A 1 48  ? 4.840   -3.188  -14.797 1.00 8.75   ? 47  GLU A CG  1 
ATOM   320  C CD  . GLU A 1 48  ? 6.149   -3.777  -14.243 1.00 23.69  ? 47  GLU A CD  1 
ATOM   321  O OE1 . GLU A 1 48  ? 7.273   -3.716  -14.844 1.00 13.54  ? 47  GLU A OE1 1 
ATOM   322  O OE2 . GLU A 1 48  ? 6.035   -4.362  -13.153 1.00 14.98  ? 47  GLU A OE2 1 
ATOM   323  N N   . ASN A 1 49  ? 4.121   -0.914  -18.757 1.00 9.87   ? 48  ASN A N   1 
ATOM   324  C CA  . ASN A 1 49  ? 4.444   0.084   -19.804 1.00 10.30  ? 48  ASN A CA  1 
ATOM   325  C C   . ASN A 1 49  ? 3.261   0.745   -20.463 1.00 14.52  ? 48  ASN A C   1 
ATOM   326  O O   . ASN A 1 49  ? 3.405   1.678   -21.273 1.00 16.20  ? 48  ASN A O   1 
ATOM   327  C CB  . ASN A 1 49  ? 5.318   -0.555  -20.864 1.00 18.23  ? 48  ASN A CB  1 
ATOM   328  C CG  . ASN A 1 49  ? 6.728   -0.762  -20.359 1.00 30.02  ? 48  ASN A CG  1 
ATOM   329  O OD1 . ASN A 1 49  ? 7.348   0.171   -19.866 1.00 42.37  ? 48  ASN A OD1 1 
ATOM   330  N ND2 . ASN A 1 49  ? 7.218   -1.978  -20.425 1.00 22.72  ? 48  ASN A ND2 1 
ATOM   331  N N   . GLY A 1 50  ? 2.096   0.244   -20.191 1.00 9.95   ? 49  GLY A N   1 
ATOM   332  C CA  . GLY A 1 50  ? 0.914   0.721   -20.824 1.00 12.85  ? 49  GLY A CA  1 
ATOM   333  C C   . GLY A 1 50  ? 0.594   0.145   -22.195 1.00 15.10  ? 49  GLY A C   1 
ATOM   334  O O   . GLY A 1 50  ? -0.318  0.646   -22.837 1.00 19.46  ? 49  GLY A O   1 
ATOM   335  N N   . ASN A 1 51  ? 1.266   -0.933  -22.606 1.00 10.55  ? 50  ASN A N   1 
ATOM   336  C CA  . ASN A 1 51  ? 0.925   -1.619  -23.851 1.00 13.01  ? 50  ASN A CA  1 
ATOM   337  C C   . ASN A 1 51  ? -0.384  -2.418  -23.740 1.00 17.27  ? 50  ASN A C   1 
ATOM   338  O O   . ASN A 1 51  ? -1.032  -2.686  -24.760 1.00 15.38  ? 50  ASN A O   1 
ATOM   339  C CB  . ASN A 1 51  ? 2.013   -2.590  -24.251 1.00 11.00  ? 50  ASN A CB  1 
ATOM   340  C CG  . ASN A 1 51  ? 3.290   -1.920  -24.686 1.00 22.04  ? 50  ASN A CG  1 
ATOM   341  O OD1 . ASN A 1 51  ? 3.502   -1.636  -25.886 1.00 17.30  ? 50  ASN A OD1 1 
ATOM   342  N ND2 . ASN A 1 51  ? 4.128   -1.590  -23.719 1.00 18.69  ? 50  ASN A ND2 1 
ATOM   343  N N   . ARG A 1 52  ? -0.756  -2.839  -22.514 1.00 12.70  ? 51  ARG A N   1 
ATOM   344  C CA  . ARG A 1 52  ? -2.026  -3.508  -22.293 1.00 12.75  ? 51  ARG A CA  1 
ATOM   345  C C   . ARG A 1 52  ? -2.707  -2.886  -21.098 1.00 13.46  ? 51  ARG A C   1 
ATOM   346  O O   . ARG A 1 52  ? -2.052  -2.402  -20.177 1.00 9.63   ? 51  ARG A O   1 
ATOM   347  C CB  . ARG A 1 52  ? -1.831  -5.012  -22.039 1.00 16.47  ? 51  ARG A CB  1 
ATOM   348  C CG  . ARG A 1 52  ? -1.169  -5.809  -23.174 1.00 21.45  ? 51  ARG A CG  1 
ATOM   349  C CD  . ARG A 1 52  ? -1.989  -6.023  -24.464 1.00 31.10  ? 51  ARG A CD  1 
ATOM   350  N NE  . ARG A 1 52  ? -1.223  -6.862  -25.424 1.00 23.24  ? 51  ARG A NE  1 
ATOM   351  C CZ  . ARG A 1 52  ? -0.285  -6.415  -26.280 1.00 21.33  ? 51  ARG A CZ  1 
ATOM   352  N NH1 . ARG A 1 52  ? 0.029   -5.130  -26.334 1.00 22.48  ? 51  ARG A NH1 1 
ATOM   353  N NH2 . ARG A 1 52  ? 0.360   -7.270  -27.094 1.00 21.68  ? 51  ARG A NH2 1 
ATOM   354  N N   . ASN A 1 53  ? -4.016  -2.877  -21.140 1.00 16.22  ? 52  ASN A N   1 
ATOM   355  C CA  . ASN A 1 53  ? -4.824  -2.254  -20.057 1.00 19.53  ? 52  ASN A CA  1 
ATOM   356  C C   . ASN A 1 53  ? -4.916  -3.187  -18.869 1.00 12.85  ? 52  ASN A C   1 
ATOM   357  O O   . ASN A 1 53  ? -4.931  -4.420  -19.025 1.00 11.71  ? 52  ASN A O   1 
ATOM   358  C CB  . ASN A 1 53  ? -6.275  -2.048  -20.525 1.00 29.22  ? 52  ASN A CB  1 
ATOM   359  C CG  . ASN A 1 53  ? -6.375  -1.131  -21.709 1.00 53.24  ? 52  ASN A CG  1 
ATOM   360  O OD1 . ASN A 1 53  ? -7.197  -1.326  -22.611 1.00 49.69  ? 52  ASN A OD1 1 
ATOM   361  N ND2 . ASN A 1 53  ? -5.534  -0.123  -21.713 1.00 23.47  ? 52  ASN A ND2 1 
ATOM   362  N N   . ILE A 1 54  ? -5.041  -2.618  -17.678 1.00 18.35  ? 53  ILE A N   1 
ATOM   363  C CA  . ILE A 1 54  ? -5.222  -3.439  -16.488 1.00 13.17  ? 53  ILE A CA  1 
ATOM   364  C C   . ILE A 1 54  ? -6.689  -3.406  -16.130 1.00 21.51  ? 53  ILE A C   1 
ATOM   365  O O   . ILE A 1 54  ? -7.279  -2.343  -16.106 1.00 19.01  ? 53  ILE A O   1 
ATOM   366  C CB  . ILE A 1 54  ? -4.405  -3.029  -15.276 1.00 20.19  ? 53  ILE A CB  1 
ATOM   367  C CG1 . ILE A 1 54  ? -2.907  -3.031  -15.631 1.00 25.66  ? 53  ILE A CG1 1 
ATOM   368  C CG2 . ILE A 1 54  ? -4.609  -4.062  -14.191 1.00 23.69  ? 53  ILE A CG2 1 
ATOM   369  C CD1 . ILE A 1 54  ? -2.013  -2.698  -14.432 1.00 25.13  ? 53  ILE A CD1 1 
ATOM   370  N N   . GLY A 1 55  ? -7.216  -4.607  -15.995 1.00 24.40  ? 54  GLY A N   1 
ATOM   371  C CA  . GLY A 1 55  ? -8.533  -4.865  -15.516 1.00 57.52  ? 54  GLY A CA  1 
ATOM   372  C C   . GLY A 1 55  ? -8.842  -4.413  -14.101 1.00 20.37  ? 54  GLY A C   1 
ATOM   373  O O   . GLY A 1 55  ? -8.064  -4.453  -13.117 1.00 16.72  ? 54  GLY A O   1 
ATOM   374  N N   . VAL A 1 56  ? -10.059 -3.964  -13.986 1.00 40.81  ? 55  VAL A N   1 
ATOM   375  C CA  . VAL A 1 56  ? -10.585 -3.638  -12.701 1.00 20.94  ? 55  VAL A CA  1 
ATOM   376  C C   . VAL A 1 56  ? -10.344 -4.824  -11.714 1.00 26.16  ? 55  VAL A C   1 
ATOM   377  O O   . VAL A 1 56  ? -9.807  -4.660  -10.616 1.00 22.79  ? 55  VAL A O   1 
ATOM   378  C CB  . VAL A 1 56  ? -12.089 -3.415  -12.940 1.00 32.11  ? 55  VAL A CB  1 
ATOM   379  C CG1 . VAL A 1 56  ? -12.865 -3.285  -11.632 1.00 33.74  ? 55  VAL A CG1 1 
ATOM   380  C CG2 . VAL A 1 56  ? -12.235 -2.212  -13.852 1.00 23.69  ? 55  VAL A CG2 1 
ATOM   381  N N   . ASN A 1 57  ? -10.693 -6.040  -12.157 1.00 25.19  ? 56  ASN A N   1 
ATOM   382  C CA  . ASN A 1 57  ? -10.560 -7.227  -11.280 1.00 31.75  ? 56  ASN A CA  1 
ATOM   383  C C   . ASN A 1 57  ? -9.134  -7.783  -11.240 1.00 26.21  ? 56  ASN A C   1 
ATOM   384  O O   . ASN A 1 57  ? -8.780  -8.558  -10.337 1.00 35.43  ? 56  ASN A O   1 
ATOM   385  C CB  . ASN A 1 57  ? -11.592 -8.331  -11.646 1.00 39.30  ? 56  ASN A CB  1 
ATOM   386  C CG  . ASN A 1 57  ? -13.048 -8.003  -11.205 1.00 42.95  ? 56  ASN A CG  1 
ATOM   387  O OD1 . ASN A 1 57  ? -13.976 -8.401  -11.883 1.00 49.80  ? 56  ASN A OD1 1 
ATOM   388  N ND2 . ASN A 1 57  ? -13.240 -7.310  -10.086 1.00 28.60  ? 56  ASN A ND2 1 
ATOM   389  N N   . GLU A 1 58  ? -8.258  -7.307  -12.126 1.00 15.90  ? 57  GLU A N   1 
ATOM   390  C CA  . GLU A 1 58  ? -6.869  -7.687  -12.120 1.00 18.72  ? 57  GLU A CA  1 
ATOM   391  C C   . GLU A 1 58  ? -5.982  -7.019  -11.059 1.00 21.85  ? 57  GLU A C   1 
ATOM   392  O O   . GLU A 1 58  ? -4.961  -7.558  -10.665 1.00 13.49  ? 57  GLU A O   1 
ATOM   393  C CB  . GLU A 1 58  ? -6.288  -7.513  -13.520 1.00 23.41  ? 57  GLU A CB  1 
ATOM   394  C CG  . GLU A 1 58  ? -7.114  -8.295  -14.555 1.00 23.95  ? 57  GLU A CG  1 
ATOM   395  C CD  . GLU A 1 58  ? -6.651  -8.104  -16.026 1.00 20.09  ? 57  GLU A CD  1 
ATOM   396  O OE1 . GLU A 1 58  ? -6.047  -7.072  -16.350 1.00 46.05  ? 57  GLU A OE1 1 
ATOM   397  O OE2 . GLU A 1 58  ? -6.971  -9.012  -16.828 1.00 47.70  ? 57  GLU A OE2 1 
ATOM   398  N N   . ILE A 1 59  ? -6.345  -5.831  -10.598 1.00 11.02  ? 58  ILE A N   1 
ATOM   399  C CA  . ILE A 1 59  ? -5.602  -5.241  -9.568  1.00 12.10  ? 58  ILE A CA  1 
ATOM   400  C C   . ILE A 1 59  ? -5.641  -6.100  -8.315  1.00 8.73   ? 58  ILE A C   1 
ATOM   401  O O   . ILE A 1 59  ? -4.700  -6.069  -7.534  1.00 11.81  ? 58  ILE A O   1 
ATOM   402  C CB  . ILE A 1 59  ? -6.079  -3.805  -9.291  1.00 19.92  ? 58  ILE A CB  1 
ATOM   403  C CG1 . ILE A 1 59  ? -5.606  -2.943  -10.421 1.00 22.79  ? 58  ILE A CG1 1 
ATOM   404  C CG2 . ILE A 1 59  ? -5.476  -3.258  -7.997  1.00 17.48  ? 58  ILE A CG2 1 
ATOM   405  C CD1 . ILE A 1 59  ? -4.092  -2.896  -10.583 1.00 19.15  ? 58  ILE A CD1 1 
ATOM   406  N N   . GLU A 1 60  ? -6.728  -6.851  -8.121  1.00 13.26  ? 59  GLU A N   1 
ATOM   407  C CA  . GLU A 1 60  ? -6.840  -7.696  -6.909  1.00 17.75  ? 59  GLU A CA  1 
ATOM   408  C C   . GLU A 1 60  ? -5.704  -8.747  -6.942  1.00 10.76  ? 59  GLU A C   1 
ATOM   409  O O   . GLU A 1 60  ? -5.121  -9.126  -5.937  1.00 10.78  ? 59  GLU A O   1 
ATOM   410  C CB  . GLU A 1 60  ? -8.233  -8.406  -6.832  1.00 18.17  ? 59  GLU A CB  1 
ATOM   411  C CG  . GLU A 1 60  ? -9.411  -7.550  -6.352  1.00 52.62  ? 59  GLU A CG  1 
ATOM   412  C CD  . GLU A 1 60  ? -9.780  -6.376  -7.267  1.00 98.31  ? 59  GLU A CD  1 
ATOM   413  O OE1 . GLU A 1 60  ? -9.204  -6.267  -8.387  1.00 98.70  ? 59  GLU A OE1 1 
ATOM   414  O OE2 . GLU A 1 60  ? -10.651 -5.534  -6.855  1.00 193.62 ? 59  GLU A OE2 1 
ATOM   415  N N   . ILE A 1 61  ? -5.496  -9.289  -8.124  1.00 9.14   ? 60  ILE A N   1 
ATOM   416  C CA  . ILE A 1 61  ? -4.459  -10.299 -8.368  1.00 8.11   ? 60  ILE A CA  1 
ATOM   417  C C   . ILE A 1 61  ? -3.083  -9.731  -8.166  1.00 7.34   ? 60  ILE A C   1 
ATOM   418  O O   . ILE A 1 61  ? -2.216  -10.330 -7.496  1.00 6.95   ? 60  ILE A O   1 
ATOM   419  C CB  . ILE A 1 61  ? -4.602  -10.891 -9.783  1.00 10.23  ? 60  ILE A CB  1 
ATOM   420  C CG1 . ILE A 1 61  ? -5.958  -11.553 -9.956  1.00 10.13  ? 60  ILE A CG1 1 
ATOM   421  C CG2 . ILE A 1 61  ? -3.437  -11.807 -10.117 1.00 12.15  ? 60  ILE A CG2 1 
ATOM   422  C CD1 . ILE A 1 61  ? -6.268  -11.887 -11.371 1.00 13.26  ? 60  ILE A CD1 1 
ATOM   423  N N   . TYR A 1 62  ? -2.823  -8.520  -8.701  1.00 6.71   ? 61  TYR A N   1 
ATOM   424  C CA  . TYR A 1 62  ? -1.588  -7.843  -8.383  1.00 6.48   ? 61  TYR A CA  1 
ATOM   425  C C   . TYR A 1 62  ? -1.379  -7.583  -6.905  1.00 9.28   ? 61  TYR A C   1 
ATOM   426  O O   . TYR A 1 62  ? -0.286  -7.739  -6.421  1.00 7.48   ? 61  TYR A O   1 
ATOM   427  C CB  . TYR A 1 62  ? -1.474  -6.575  -9.215  1.00 6.59   ? 61  TYR A CB  1 
ATOM   428  C CG  . TYR A 1 62  ? -0.987  -6.786  -10.636 1.00 6.42   ? 61  TYR A CG  1 
ATOM   429  C CD1 . TYR A 1 62  ? 0.303   -7.224  -10.865 1.00 6.42   ? 61  TYR A CD1 1 
ATOM   430  C CD2 . TYR A 1 62  ? -1.762  -6.525  -11.723 1.00 6.89   ? 61  TYR A CD2 1 
ATOM   431  C CE1 . TYR A 1 62  ? 0.812   -7.431  -12.125 1.00 7.84   ? 61  TYR A CE1 1 
ATOM   432  C CE2 . TYR A 1 62  ? -1.264  -6.713  -13.010 1.00 6.88   ? 61  TYR A CE2 1 
ATOM   433  C CZ  . TYR A 1 62  ? 0.058   -7.105  -13.194 1.00 6.63   ? 61  TYR A CZ  1 
ATOM   434  O OH  . TYR A 1 62  ? 0.546   -7.298  -14.491 1.00 7.83   ? 61  TYR A OH  1 
ATOM   435  N N   . GLY A 1 63  ? -2.415  -7.131  -6.189  1.00 8.37   ? 62  GLY A N   1 
ATOM   436  C CA  . GLY A 1 63  ? -2.259  -6.849  -4.764  1.00 11.16  ? 62  GLY A CA  1 
ATOM   437  C C   . GLY A 1 63  ? -1.800  -8.064  -4.020  1.00 11.09  ? 62  GLY A C   1 
ATOM   438  O O   . GLY A 1 63  ? -0.848  -7.970  -3.266  1.00 11.60  ? 62  GLY A O   1 
ATOM   439  N N   . LYS A 1 64  ? -2.434  -9.211  -4.278  1.00 9.86   ? 63  LYS A N   1 
ATOM   440  C CA  . LYS A 1 64  ? -2.036  -10.464 -3.620  1.00 11.28  ? 63  LYS A CA  1 
ATOM   441  C C   . LYS A 1 64  ? -0.603  -10.851 -3.947  1.00 11.75  ? 63  LYS A C   1 
ATOM   442  O O   . LYS A 1 64  ? 0.190   -11.224 -3.049  1.00 12.52  ? 63  LYS A O   1 
ATOM   443  C CB  . LYS A 1 64  ? -2.991  -11.579 -3.941  1.00 14.18  ? 63  LYS A CB  1 
ATOM   444  C CG  . LYS A 1 64  ? -2.734  -12.825 -3.113  1.00 28.46  ? 63  LYS A CG  1 
ATOM   445  C CD  . LYS A 1 64  ? -3.446  -12.777 -1.755  1.00 39.07  ? 63  LYS A CD  1 
ATOM   446  C CE  . LYS A 1 64  ? -4.963  -12.958 -1.897  1.00 61.10  ? 63  LYS A CE  1 
ATOM   447  N NZ  . LYS A 1 64  ? -5.400  -13.955 -2.936  1.00 53.23  ? 63  LYS A NZ  1 
ATOM   448  N N   . GLY A 1 65  ? -0.224  -10.673 -5.217  1.00 11.41  ? 64  GLY A N   1 
ATOM   449  C CA  . GLY A 1 65  ? 1.125   -10.940 -5.627  1.00 9.35   ? 64  GLY A CA  1 
ATOM   450  C C   . GLY A 1 65  ? 2.173   -10.059 -5.003  1.00 13.77  ? 64  GLY A C   1 
ATOM   451  O O   . GLY A 1 65  ? 3.317   -10.462 -4.807  1.00 14.39  ? 64  GLY A O   1 
ATOM   452  N N   . LEU A 1 66  ? 1.800   -8.811  -4.728  1.00 9.44   ? 65  LEU A N   1 
ATOM   453  C CA  . LEU A 1 66  ? 2.726   -7.883  -4.089  1.00 12.00  ? 65  LEU A CA  1 
ATOM   454  C C   . LEU A 1 66  ? 2.631   -7.954  -2.589  1.00 20.01  ? 65  LEU A C   1 
ATOM   455  O O   . LEU A 1 66  ? 3.396   -7.279  -1.876  1.00 21.01  ? 65  LEU A O   1 
ATOM   456  C CB  . LEU A 1 66  ? 2.366   -6.455  -4.494  1.00 9.96   ? 65  LEU A CB  1 
ATOM   457  C CG  . LEU A 1 66  ? 2.588   -6.116  -5.955  1.00 6.44   ? 65  LEU A CG  1 
ATOM   458  C CD1 . LEU A 1 66  ? 1.844   -4.846  -6.322  1.00 13.24  ? 65  LEU A CD1 1 
ATOM   459  C CD2 . LEU A 1 66  ? 4.071   -6.035  -6.244  1.00 9.51   ? 65  LEU A CD2 1 
ATOM   460  N N   . GLY A 1 67  ? 1.639   -8.679  -2.090  1.00 13.18  ? 66  GLY A N   1 
ATOM   461  C CA  . GLY A 1 67  ? 1.487   -8.825  -0.629  1.00 16.78  ? 66  GLY A CA  1 
ATOM   462  C C   . GLY A 1 67  ? 0.834   -7.601  0.022   1.00 25.69  ? 66  GLY A C   1 
ATOM   463  O O   . GLY A 1 67  ? 1.064   -7.312  1.174   1.00 21.59  ? 66  GLY A O   1 
ATOM   464  N N   . ILE A 1 68  ? -0.032  -6.929  -0.725  1.00 15.87  ? 67  ILE A N   1 
ATOM   465  C CA  . ILE A 1 68  ? -0.600  -5.597  -0.439  1.00 31.11  ? 67  ILE A CA  1 
ATOM   466  C C   . ILE A 1 68  ? -2.116  -5.723  -0.679  1.00 28.24  ? 67  ILE A C   1 
ATOM   467  O O   . ILE A 1 68  ? -2.526  -6.379  -1.636  1.00 19.23  ? 67  ILE A O   1 
ATOM   468  C CB  . ILE A 1 68  ? 0.008   -4.594  -1.441  1.00 28.51  ? 67  ILE A CB  1 
ATOM   469  C CG1 . ILE A 1 68  ? 1.468   -4.349  -1.066  1.00 61.15  ? 67  ILE A CG1 1 
ATOM   470  C CG2 . ILE A 1 68  ? -0.745  -3.271  -1.461  1.00 65.94  ? 67  ILE A CG2 1 
ATOM   471  C CD1 . ILE A 1 68  ? 2.213   -3.511  -2.073  1.00 30.50  ? 67  ILE A CD1 1 
ATOM   472  N N   . PRO A 1 69  ? -2.969  -5.163  0.201   1.00 18.77  ? 68  PRO A N   1 
ATOM   473  C CA  . PRO A 1 69  ? -4.394  -5.166  -0.181  1.00 13.79  ? 68  PRO A CA  1 
ATOM   474  C C   . PRO A 1 69  ? -4.643  -4.205  -1.299  1.00 8.64   ? 68  PRO A C   1 
ATOM   475  O O   . PRO A 1 69  ? -3.972  -3.152  -1.385  1.00 10.96  ? 68  PRO A O   1 
ATOM   476  C CB  . PRO A 1 69  ? -5.138  -4.687  1.082   1.00 19.32  ? 68  PRO A CB  1 
ATOM   477  C CG  . PRO A 1 69  ? -4.070  -4.208  1.962   1.00 17.59  ? 68  PRO A CG  1 
ATOM   478  C CD  . PRO A 1 69  ? -2.778  -4.865  1.620   1.00 22.19  ? 68  PRO A CD  1 
ATOM   479  N N   . SER A 1 70  ? -5.592  -4.531  -2.167  1.00 8.26   ? 69  SER A N   1 
ATOM   480  C CA  . SER A 1 70  ? -5.785  -3.671  -3.348  1.00 13.09  ? 69  SER A CA  1 
ATOM   481  C C   . SER A 1 70  ? -6.134  -2.253  -3.053  1.00 10.03  ? 69  SER A C   1 
ATOM   482  O O   . SER A 1 70  ? -5.862  -1.362  -3.865  1.00 6.97   ? 69  SER A O   1 
ATOM   483  C CB  . SER A 1 70  ? -6.794  -4.300  -4.307  1.00 16.85  ? 69  SER A CB  1 
ATOM   484  O OG  . SER A 1 70  ? -8.118  -4.164  -3.855  1.00 13.91  ? 69  SER A OG  1 
ATOM   485  N N   . TYR A 1 71  ? -6.774  -1.963  -1.925  1.00 7.74   ? 70  TYR A N   1 
ATOM   486  C CA  . TYR A 1 71  ? -7.086  -0.567  -1.652  1.00 6.52   ? 70  TYR A CA  1 
ATOM   487  C C   . TYR A 1 71  ? -5.908  0.406   -1.645  1.00 7.36   ? 70  TYR A C   1 
ATOM   488  O O   . TYR A 1 71  ? -6.067  1.581   -1.961  1.00 9.20   ? 70  TYR A O   1 
ATOM   489  C CB  . TYR A 1 71  ? -7.966  -0.432  -0.376  1.00 8.23   ? 70  TYR A CB  1 
ATOM   490  C CG  . TYR A 1 71  ? -7.277  -0.666  0.884   1.00 7.54   ? 70  TYR A CG  1 
ATOM   491  C CD1 . TYR A 1 71  ? -6.553  0.372   1.498   1.00 8.91   ? 70  TYR A CD1 1 
ATOM   492  C CD2 . TYR A 1 71  ? -7.408  -1.852  1.579   1.00 10.98  ? 70  TYR A CD2 1 
ATOM   493  C CE1 . TYR A 1 71  ? -5.935  0.164   2.681   1.00 10.75  ? 70  TYR A CE1 1 
ATOM   494  C CE2 . TYR A 1 71  ? -6.761  -2.022  2.814   1.00 15.12  ? 70  TYR A CE2 1 
ATOM   495  C CZ  . TYR A 1 71  ? -6.041  -0.985  3.331   1.00 17.22  ? 70  TYR A CZ  1 
ATOM   496  O OH  . TYR A 1 71  ? -5.355  -1.045  4.581   1.00 17.47  ? 70  TYR A OH  1 
ATOM   497  N N   . ILE A 1 72  ? -4.745  -0.084  -1.292  1.00 7.51   ? 71  ILE A N   1 
ATOM   498  C CA  . ILE A 1 72  ? -3.552  0.731   -1.195  1.00 7.55   ? 71  ILE A CA  1 
ATOM   499  C C   . ILE A 1 72  ? -3.253  1.241   -2.622  1.00 6.64   ? 71  ILE A C   1 
ATOM   500  O O   . ILE A 1 72  ? -2.979  2.434   -2.798  1.00 7.25   ? 71  ILE A O   1 
ATOM   501  C CB  . ILE A 1 72  ? -2.394  -0.011  -0.587  1.00 9.06   ? 71  ILE A CB  1 
ATOM   502  C CG1 . ILE A 1 72  ? -2.699  -0.186  0.939   1.00 9.84   ? 71  ILE A CG1 1 
ATOM   503  C CG2 . ILE A 1 72  ? -1.079  0.771   -0.700  1.00 13.20  ? 71  ILE A CG2 1 
ATOM   504  C CD1 . ILE A 1 72  ? -1.800  -1.127  1.671   1.00 17.76  ? 71  ILE A CD1 1 
ATOM   505  N N   . LEU A 1 73  ? -3.385  0.351   -3.602  1.00 8.47   ? 72  LEU A N   1 
ATOM   506  C CA  . LEU A 1 73  ? -3.186  0.777   -5.031  1.00 7.52   ? 72  LEU A CA  1 
ATOM   507  C C   . LEU A 1 73  ? -4.193  1.802   -5.464  1.00 8.28   ? 72  LEU A C   1 
ATOM   508  O O   . LEU A 1 73  ? -3.883  2.793   -6.119  1.00 6.52   ? 72  LEU A O   1 
ATOM   509  C CB  . LEU A 1 73  ? -3.248  -0.424  -5.963  1.00 10.19  ? 72  LEU A CB  1 
ATOM   510  C CG  . LEU A 1 73  ? -2.064  -1.381  -5.911  1.00 22.07  ? 72  LEU A CG  1 
ATOM   511  C CD1 . LEU A 1 73  ? -0.819  -0.676  -5.615  1.00 31.30  ? 72  LEU A CD1 1 
ATOM   512  C CD2 . LEU A 1 73  ? -2.231  -2.539  -4.954  1.00 37.23  ? 72  LEU A CD2 1 
ATOM   513  N N   . HIS A 1 74  ? -5.451  1.553   -5.084  1.00 7.95   ? 73  HIS A N   1 
ATOM   514  C CA  . HIS A 1 74  ? -6.574  2.469   -5.421  1.00 6.86   ? 73  HIS A CA  1 
ATOM   515  C C   . HIS A 1 74  ? -6.357  3.817   -4.724  1.00 7.37   ? 73  HIS A C   1 
ATOM   516  O O   . HIS A 1 74  ? -6.594  4.859   -5.366  1.00 7.94   ? 73  HIS A O   1 
ATOM   517  C CB  . HIS A 1 74  ? -7.919  1.830   -5.044  1.00 8.49   ? 73  HIS A CB  1 
ATOM   518  C CG  . HIS A 1 74  ? -8.278  0.648   -5.880  1.00 8.58   ? 73  HIS A CG  1 
ATOM   519  N ND1 . HIS A 1 74  ? -8.061  0.615   -7.243  1.00 11.28  ? 73  HIS A ND1 1 
ATOM   520  C CD2 . HIS A 1 74  ? -8.836  -0.538  -5.556  1.00 10.74  ? 73  HIS A CD2 1 
ATOM   521  C CE1 . HIS A 1 74  ? -8.471  -0.542  -7.724  1.00 16.27  ? 73  HIS A CE1 1 
ATOM   522  N NE2 . HIS A 1 74  ? -8.950  -1.269  -6.708  1.00 13.12  ? 73  HIS A NE2 1 
ATOM   523  N N   . ARG A 1 75  ? -5.924  3.782   -3.459  1.00 7.54   ? 74  ARG A N   1 
ATOM   524  C CA  . ARG A 1 75  ? -5.668  5.023   -2.679  1.00 7.42   ? 74  ARG A CA  1 
ATOM   525  C C   . ARG A 1 75  ? -4.536  5.809   -3.350  1.00 7.12   ? 74  ARG A C   1 
ATOM   526  O O   . ARG A 1 75  ? -4.654  7.047   -3.451  1.00 9.11   ? 74  ARG A O   1 
ATOM   527  C CB  . ARG A 1 75  ? -5.314  4.678   -1.230  1.00 12.06  ? 74  ARG A CB  1 
ATOM   528  C CG  . ARG A 1 75  ? -6.486  4.157   -0.410  1.00 14.06  ? 74  ARG A CG  1 
ATOM   529  C CD  . ARG A 1 75  ? -7.811  4.745   -0.858  1.00 24.83  ? 74  ARG A CD  1 
ATOM   530  N NE  . ARG A 1 75  ? -8.287  5.787   0.040   1.00 19.74  ? 74  ARG A NE  1 
ATOM   531  C CZ  . ARG A 1 75  ? -8.693  5.578   1.288   1.00 13.38  ? 74  ARG A CZ  1 
ATOM   532  N NH1 . ARG A 1 75  ? -9.164  4.394   1.641   1.00 11.69  ? 74  ARG A NH1 1 
ATOM   533  N NH2 . ARG A 1 75  ? -8.626  6.552   2.177   1.00 15.28  ? 74  ARG A NH2 1 
ATOM   534  N N   . ILE A 1 76  ? -3.486  5.107   -3.789  1.00 7.33   ? 75  ILE A N   1 
ATOM   535  C CA  . ILE A 1 76  ? -2.325  5.757   -4.468  1.00 6.82   ? 75  ILE A CA  1 
ATOM   536  C C   . ILE A 1 76  ? -2.827  6.430   -5.750  1.00 8.07   ? 75  ILE A C   1 
ATOM   537  O O   . ILE A 1 76  ? -2.458  7.597   -5.990  1.00 7.41   ? 75  ILE A O   1 
ATOM   538  C CB  . ILE A 1 76  ? -1.214  4.728   -4.759  1.00 6.77   ? 75  ILE A CB  1 
ATOM   539  C CG1 . ILE A 1 76  ? -0.534  4.247   -3.473  1.00 6.55   ? 75  ILE A CG1 1 
ATOM   540  C CG2 . ILE A 1 76  ? -0.208  5.287   -5.754  1.00 7.38   ? 75  ILE A CG2 1 
ATOM   541  C CD1 . ILE A 1 76  ? 0.555   3.227   -3.701  1.00 9.65   ? 75  ILE A CD1 1 
ATOM   542  N N   . SER A 1 77  ? -3.637  5.712   -6.535  1.00 7.08   ? 76  SER A N   1 
ATOM   543  C CA  . SER A 1 77  ? -4.198  6.258   -7.804  1.00 7.45   ? 76  SER A CA  1 
ATOM   544  C C   . SER A 1 77  ? -4.977  7.542   -7.605  1.00 7.89   ? 76  SER A C   1 
ATOM   545  O O   . SER A 1 77  ? -4.864  8.471   -8.408  1.00 8.28   ? 76  SER A O   1 
ATOM   546  C CB  . SER A 1 77  ? -5.111  5.230   -8.470  1.00 8.44   ? 76  SER A CB  1 
ATOM   547  O OG  . SER A 1 77  ? -5.892  5.830   -9.509  1.00 8.32   ? 76  SER A OG  1 
ATOM   548  N N   . ASP A 1 78  ? -5.782  7.620   -6.520  1.00 8.00   ? 77  ASP A N   1 
ATOM   549  C CA  . ASP A 1 78  ? -6.582  8.769   -6.216  1.00 8.85   ? 77  ASP A CA  1 
ATOM   550  C C   . ASP A 1 78  ? -5.659  10.011  -5.970  1.00 8.57   ? 77  ASP A C   1 
ATOM   551  O O   . ASP A 1 78  ? -5.976  11.116  -6.407  1.00 9.82   ? 77  ASP A O   1 
ATOM   552  C CB  . ASP A 1 78  ? -7.419  8.534   -4.944  1.00 12.16  ? 77  ASP A CB  1 
ATOM   553  C CG  . ASP A 1 78  ? -8.645  7.602   -5.147  1.00 26.95  ? 77  ASP A CG  1 
ATOM   554  O OD1 . ASP A 1 78  ? -9.081  7.400   -6.296  1.00 19.14  ? 77  ASP A OD1 1 
ATOM   555  O OD2 . ASP A 1 78  ? -9.221  7.042   -4.135  1.00 27.77  ? 77  ASP A OD2 1 
ATOM   556  N N   . GLU A 1 79  ? -4.524  9.791   -5.334  1.00 8.24   ? 78  GLU A N   1 
ATOM   557  C CA  . GLU A 1 79  ? -3.508  10.857  -5.138  1.00 8.94   ? 78  GLU A CA  1 
ATOM   558  C C   . GLU A 1 79  ? -3.003  11.337  -6.490  1.00 8.79   ? 78  GLU A C   1 
ATOM   559  O O   . GLU A 1 79  ? -2.881  12.519  -6.682  1.00 10.41  ? 78  GLU A O   1 
ATOM   560  C CB  . GLU A 1 79  ? -2.371  10.377  -4.246  1.00 8.62   ? 78  GLU A CB  1 
ATOM   561  C CG  . GLU A 1 79  ? -2.812  9.930   -2.844  1.00 10.44  ? 78  GLU A CG  1 
ATOM   562  C CD  . GLU A 1 79  ? -1.641  9.585   -1.877  1.00 19.23  ? 78  GLU A CD  1 
ATOM   563  O OE1 . GLU A 1 79  ? -0.408  9.729   -2.223  1.00 11.85  ? 78  GLU A OE1 1 
ATOM   564  O OE2 . GLU A 1 79  ? -2.002  9.151   -0.729  1.00 20.68  ? 78  GLU A OE2 1 
ATOM   565  N N   . PHE A 1 80  ? -2.640  10.450  -7.395  1.00 8.54   ? 79  PHE A N   1 
ATOM   566  C CA  . PHE A 1 80  ? -2.195  10.867  -8.743  1.00 8.86   ? 79  PHE A CA  1 
ATOM   567  C C   . PHE A 1 80  ? -3.242  11.701  -9.414  1.00 9.43   ? 79  PHE A C   1 
ATOM   568  O O   . PHE A 1 80  ? -2.953  12.695  -10.129 1.00 9.97   ? 79  PHE A O   1 
ATOM   569  C CB  . PHE A 1 80  ? -1.902  9.651   -9.653  1.00 8.52   ? 79  PHE A CB  1 
ATOM   570  C CG  . PHE A 1 80  ? -0.530  9.041   -9.486  1.00 8.20   ? 79  PHE A CG  1 
ATOM   571  C CD1 . PHE A 1 80  ? -0.264  8.051   -8.564  1.00 7.74   ? 79  PHE A CD1 1 
ATOM   572  C CD2 . PHE A 1 80  ? 0.471   9.416   -10.306 1.00 9.04   ? 79  PHE A CD2 1 
ATOM   573  C CE1 . PHE A 1 80  ? 0.984   7.463   -8.429  1.00 7.58   ? 79  PHE A CE1 1 
ATOM   574  C CE2 . PHE A 1 80  ? 1.714   8.845   -10.203 1.00 10.82  ? 79  PHE A CE2 1 
ATOM   575  C CZ  . PHE A 1 80  ? 1.999   7.888   -9.259  1.00 9.28   ? 79  PHE A CZ  1 
ATOM   576  N N   . LYS A 1 81  ? -4.494  11.272  -9.298  1.00 9.40   ? 80  LYS A N   1 
ATOM   577  C CA  . LYS A 1 81  ? -5.547  12.026  -9.942  1.00 11.03  ? 80  LYS A CA  1 
ATOM   578  C C   . LYS A 1 81  ? -5.665  13.478  -9.406  1.00 10.74  ? 80  LYS A C   1 
ATOM   579  O O   . LYS A 1 81  ? -5.927  14.416  -10.166 1.00 13.43  ? 80  LYS A O   1 
ATOM   580  C CB  . LYS A 1 81  ? -6.886  11.277  -9.852  1.00 11.52  ? 80  LYS A CB  1 
ATOM   581  C CG  . LYS A 1 81  ? -6.937  10.101  -10.816 1.00 18.03  ? 80  LYS A CG  1 
ATOM   582  C CD  . LYS A 1 81  ? -8.275  9.357   -10.679 1.00 25.56  ? 80  LYS A CD  1 
ATOM   583  C CE  . LYS A 1 81  ? -8.309  8.097   -11.549 1.00 24.37  ? 80  LYS A CE  1 
ATOM   584  N NZ  . LYS A 1 81  ? -9.634  7.397   -11.443 1.00 49.77  ? 80  LYS A NZ  1 
ATOM   585  N N   . GLU A 1 82  ? -5.497  13.643  -8.108  1.00 11.03  ? 81  GLU A N   1 
ATOM   586  C CA  . GLU A 1 82  ? -5.621  14.958  -7.532  1.00 12.38  ? 81  GLU A CA  1 
ATOM   587  C C   . GLU A 1 82  ? -4.385  15.834  -7.718  1.00 12.53  ? 81  GLU A C   1 
ATOM   588  O O   . GLU A 1 82  ? -4.510  17.003  -8.124  1.00 15.86  ? 81  GLU A O   1 
ATOM   589  C CB  . GLU A 1 82  ? -5.945  14.899  -6.085  1.00 15.70  ? 81  GLU A CB  1 
ATOM   590  C CG  . GLU A 1 82  ? -6.071  16.313  -5.491  1.00 15.17  ? 81  GLU A CG  1 
ATOM   591  C CD  . GLU A 1 82  ? -6.562  16.285  -4.065  1.00 44.67  ? 81  GLU A CD  1 
ATOM   592  O OE1 . GLU A 1 82  ? -7.785  16.252  -3.822  1.00 35.62  ? 81  GLU A OE1 1 
ATOM   593  O OE2 . GLU A 1 82  ? -5.711  16.305  -3.180  1.00 28.99  ? 81  GLU A OE2 1 
ATOM   594  N N   . LYS A 1 83  ? -3.216  15.256  -7.459  1.00 10.75  ? 82  LYS A N   1 
ATOM   595  C CA  . LYS A 1 83  ? -1.962  16.038  -7.347  1.00 11.25  ? 82  LYS A CA  1 
ATOM   596  C C   . LYS A 1 83  ? -1.021  15.872  -8.497  1.00 11.12  ? 82  LYS A C   1 
ATOM   597  O O   . LYS A 1 83  ? -0.095  16.726  -8.672  1.00 12.48  ? 82  LYS A O   1 
ATOM   598  C CB  . LYS A 1 83  ? -1.210  15.610  -6.054  1.00 10.60  ? 82  LYS A CB  1 
ATOM   599  C CG  . LYS A 1 83  ? -1.965  15.865  -4.795  1.00 13.88  ? 82  LYS A CG  1 
ATOM   600  C CD  . LYS A 1 83  ? -1.273  15.264  -3.583  1.00 17.22  ? 82  LYS A CD  1 
ATOM   601  C CE  . LYS A 1 83  ? -1.826  15.952  -2.319  1.00 27.70  ? 82  LYS A CE  1 
ATOM   602  N NZ  . LYS A 1 83  ? -1.247  15.416  -1.065  1.00 67.60  ? 82  LYS A NZ  1 
ATOM   603  N N   . GLY A 1 84  ? -1.225  14.845  -9.328  1.00 10.73  ? 83  GLY A N   1 
ATOM   604  C CA  . GLY A 1 84  ? -0.294  14.548  -10.423 1.00 10.75  ? 83  GLY A CA  1 
ATOM   605  C C   . GLY A 1 84  ? 0.931   13.730  -10.020 1.00 10.26  ? 83  GLY A C   1 
ATOM   606  O O   . GLY A 1 84  ? 1.881   13.567  -10.812 1.00 11.17  ? 83  GLY A O   1 
ATOM   607  N N   . TYR A 1 85  ? 0.964   13.286  -8.758  1.00 9.85   ? 84  TYR A N   1 
ATOM   608  C CA  . TYR A 1 85  ? 1.914   12.330  -8.235  1.00 9.39   ? 84  TYR A CA  1 
ATOM   609  C C   . TYR A 1 85  ? 1.313   11.820  -6.908  1.00 8.97   ? 84  TYR A C   1 
ATOM   610  O O   . TYR A 1 85  ? 0.302   12.371  -6.452  1.00 9.11   ? 84  TYR A O   1 
ATOM   611  C CB  . TYR A 1 85  ? 3.260   12.974  -8.024  1.00 9.88   ? 84  TYR A CB  1 
ATOM   612  C CG  . TYR A 1 85  ? 3.256   13.960  -6.934  1.00 13.64  ? 84  TYR A CG  1 
ATOM   613  C CD1 . TYR A 1 85  ? 2.761   15.239  -7.104  1.00 19.76  ? 84  TYR A CD1 1 
ATOM   614  C CD2 . TYR A 1 85  ? 3.785   13.624  -5.713  1.00 23.43  ? 84  TYR A CD2 1 
ATOM   615  C CE1 . TYR A 1 85  ? 2.758   16.135  -6.048  1.00 25.34  ? 84  TYR A CE1 1 
ATOM   616  C CE2 . TYR A 1 85  ? 3.834   14.523  -4.700  1.00 25.57  ? 84  TYR A CE2 1 
ATOM   617  C CZ  . TYR A 1 85  ? 3.280   15.744  -4.854  1.00 25.97  ? 84  TYR A CZ  1 
ATOM   618  O OH  . TYR A 1 85  ? 3.380   16.575  -3.774  1.00 37.82  ? 84  TYR A OH  1 
ATOM   619  N N   . SER A 1 86  ? 1.886   10.770  -6.313  1.00 8.53   ? 85  SER A N   1 
ATOM   620  C CA  . SER A 1 86  ? 1.482   10.258  -5.000  1.00 8.20   ? 85  SER A CA  1 
ATOM   621  C C   . SER A 1 86  ? 2.573   10.442  -3.902  1.00 8.99   ? 85  SER A C   1 
ATOM   622  O O   . SER A 1 86  ? 3.621   9.791   -3.940  1.00 8.23   ? 85  SER A O   1 
ATOM   623  C CB  . SER A 1 86  ? 1.132   8.786   -5.134  1.00 7.68   ? 85  SER A CB  1 
ATOM   624  O OG  . SER A 1 86  ? 0.902   8.257   -3.862  1.00 7.56   ? 85  SER A OG  1 
ATOM   625  N N   . PRO A 1 87  ? 2.316   11.321  -2.930  1.00 10.00  ? 86  PRO A N   1 
ATOM   626  C CA  . PRO A 1 87  ? 3.267   11.460  -1.788  1.00 12.49  ? 86  PRO A CA  1 
ATOM   627  C C   . PRO A 1 87  ? 3.433   10.123  -1.039  1.00 10.31  ? 86  PRO A C   1 
ATOM   628  O O   . PRO A 1 87  ? 4.529   9.830   -0.578  1.00 11.02  ? 86  PRO A O   1 
ATOM   629  C CB  . PRO A 1 87  ? 2.582   12.465  -0.907  1.00 14.30  ? 86  PRO A CB  1 
ATOM   630  C CG  . PRO A 1 87  ? 1.778   13.324  -1.819  1.00 18.73  ? 86  PRO A CG  1 
ATOM   631  C CD  . PRO A 1 87  ? 1.303   12.390  -2.915  1.00 13.50  ? 86  PRO A CD  1 
ATOM   632  N N   . THR A 1 88  ? 2.414   9.281   -1.015  1.00 9.58   ? 87  THR A N   1 
ATOM   633  C CA  . THR A 1 88  ? 2.492   7.983   -0.322  1.00 8.41   ? 87  THR A CA  1 
ATOM   634  C C   . THR A 1 88  ? 3.365   7.013   -1.053  1.00 9.55   ? 87  THR A C   1 
ATOM   635  O O   . THR A 1 88  ? 4.205   6.336   -0.480  1.00 10.36  ? 87  THR A O   1 
ATOM   636  C CB  . THR A 1 88  ? 1.095   7.415   -0.051  1.00 9.24   ? 87  THR A CB  1 
ATOM   637  O OG1 . THR A 1 88  ? 0.391   8.346   0.747   1.00 12.63  ? 87  THR A OG1 1 
ATOM   638  C CG2 . THR A 1 88  ? 1.164   6.104   0.635   1.00 13.23  ? 87  THR A CG2 1 
ATOM   639  N N   . LEU A 1 89  ? 3.221   6.954   -2.383  1.00 7.36   ? 88  LEU A N   1 
ATOM   640  C CA  . LEU A 1 89  ? 4.090   6.127   -3.171  1.00 7.22   ? 88  LEU A CA  1 
ATOM   641  C C   . LEU A 1 89  ? 5.516   6.584   -3.031  1.00 9.23   ? 88  LEU A C   1 
ATOM   642  O O   . LEU A 1 89  ? 6.403   5.734   -2.925  1.00 13.00  ? 88  LEU A O   1 
ATOM   643  C CB  . LEU A 1 89  ? 3.660   6.096   -4.618  1.00 7.44   ? 88  LEU A CB  1 
ATOM   644  C CG  . LEU A 1 89  ? 4.428   5.161   -5.538  1.00 8.40   ? 88  LEU A CG  1 
ATOM   645  C CD1 . LEU A 1 89  ? 4.166   3.705   -5.101  1.00 9.04   ? 88  LEU A CD1 1 
ATOM   646  C CD2 . LEU A 1 89  ? 3.940   5.342   -6.963  1.00 10.37  ? 88  LEU A CD2 1 
ATOM   647  N N   . ASN A 1 90  ? 5.756   7.886   -3.069  1.00 9.65   ? 89  ASN A N   1 
ATOM   648  C CA  . ASN A 1 90  ? 7.119   8.444   -2.999  1.00 10.85  ? 89  ASN A CA  1 
ATOM   649  C C   . ASN A 1 90  ? 7.797   8.125   -1.671  1.00 17.18  ? 89  ASN A C   1 
ATOM   650  O O   . ASN A 1 90  ? 9.013   8.086   -1.595  1.00 19.45  ? 89  ASN A O   1 
ATOM   651  C CB  . ASN A 1 90  ? 7.057   9.972   -3.150  1.00 13.01  ? 89  ASN A CB  1 
ATOM   652  C CG  . ASN A 1 90  ? 6.805   10.437  -4.629  1.00 15.64  ? 89  ASN A CG  1 
ATOM   653  O OD1 . ASN A 1 90  ? 6.651   9.633   -5.523  1.00 17.79  ? 89  ASN A OD1 1 
ATOM   654  N ND2 . ASN A 1 90  ? 6.695   11.736  -4.829  1.00 17.65  ? 89  ASN A ND2 1 
ATOM   655  N N   . ASP A 1 91  ? 7.000   7.909   -0.650  1.00 10.63  ? 90  ASP A N   1 
ATOM   656  C CA  . ASP A 1 91  ? 7.491   7.557   0.707   1.00 18.42  ? 90  ASP A CA  1 
ATOM   657  C C   . ASP A 1 91  ? 6.997   6.180   1.122   1.00 12.87  ? 90  ASP A C   1 
ATOM   658  O O   . ASP A 1 91  ? 6.597   5.953   2.281   1.00 11.05  ? 90  ASP A O   1 
ATOM   659  C CB  . ASP A 1 91  ? 6.920   8.572   1.685   1.00 25.65  ? 90  ASP A CB  1 
ATOM   660  C CG  . ASP A 1 91  ? 7.951   9.175   2.580   1.00 53.30  ? 90  ASP A CG  1 
ATOM   661  O OD1 . ASP A 1 91  ? 9.155   8.869   2.434   1.00 54.85  ? 90  ASP A OD1 1 
ATOM   662  O OD2 . ASP A 1 91  ? 7.536   9.971   3.446   1.00 49.14  ? 90  ASP A OD2 1 
ATOM   663  N N   . PHE A 1 92  ? 6.963   5.229   0.185   1.00 12.34  ? 91  PHE A N   1 
ATOM   664  C CA  . PHE A 1 92  ? 6.253   4.001   0.510   1.00 10.16  ? 91  PHE A CA  1 
ATOM   665  C C   . PHE A 1 92  ? 6.928   3.192   1.640   1.00 8.80   ? 91  PHE A C   1 
ATOM   666  O O   . PHE A 1 92  ? 6.267   2.453   2.332   1.00 12.61  ? 91  PHE A O   1 
ATOM   667  C CB  . PHE A 1 92  ? 6.068   3.140   -0.753  1.00 10.46  ? 91  PHE A CB  1 
ATOM   668  C CG  . PHE A 1 92  ? 5.062   2.066   -0.566  1.00 9.04   ? 91  PHE A CG  1 
ATOM   669  C CD1 . PHE A 1 92  ? 3.739   2.363   -0.496  1.00 8.26   ? 91  PHE A CD1 1 
ATOM   670  C CD2 . PHE A 1 92  ? 5.460   0.776   -0.383  1.00 8.82   ? 91  PHE A CD2 1 
ATOM   671  C CE1 . PHE A 1 92  ? 2.828   1.388   -0.272  1.00 13.05  ? 91  PHE A CE1 1 
ATOM   672  C CE2 . PHE A 1 92  ? 4.543   -0.216  -0.139  1.00 9.59   ? 91  PHE A CE2 1 
ATOM   673  C CZ  . PHE A 1 92  ? 3.233   0.088   -0.074  1.00 10.84  ? 91  PHE A CZ  1 
ATOM   674  N N   . GLY A 1 93  ? 8.250   3.223   1.705   1.00 9.36   ? 92  GLY A N   1 
ATOM   675  C CA  . GLY A 1 93  ? 8.982   2.509   2.746   1.00 13.09  ? 92  GLY A CA  1 
ATOM   676  C C   . GLY A 1 93  ? 8.418   2.841   4.148   1.00 13.25  ? 92  GLY A C   1 
ATOM   677  O O   . GLY A 1 93  ? 8.215   1.955   4.991   1.00 13.80  ? 92  GLY A O   1 
ATOM   678  N N   . LYS A 1 94  ? 8.162   4.115   4.405   1.00 11.93  ? 93  LYS A N   1 
ATOM   679  C CA  . LYS A 1 94  ? 7.577   4.521   5.702   1.00 10.95  ? 93  LYS A CA  1 
ATOM   680  C C   . LYS A 1 94  ? 6.136   4.059   5.839   1.00 10.10  ? 93  LYS A C   1 
ATOM   681  O O   . LYS A 1 94  ? 5.741   3.551   6.915   1.00 9.49   ? 93  LYS A O   1 
ATOM   682  C CB  . LYS A 1 94  ? 7.635   6.055   5.896   1.00 15.18  ? 93  LYS A CB  1 
ATOM   683  C CG  . LYS A 1 94  ? 8.990   6.747   5.887   1.00 25.08  ? 93  LYS A CG  1 
ATOM   684  C CD  . LYS A 1 94  ? 8.814   8.141   6.525   1.00 31.07  ? 93  LYS A CD  1 
ATOM   685  C CE  . LYS A 1 94  ? 9.660   9.250   5.925   1.00 47.72  ? 93  LYS A CE  1 
ATOM   686  N NZ  . LYS A 1 94  ? 11.056  9.236   6.434   1.00 58.78  ? 93  LYS A NZ  1 
ATOM   687  N N   . PHE A 1 95  ? 5.348   4.122   4.737   1.00 7.73   ? 94  PHE A N   1 
ATOM   688  C CA  . PHE A 1 95  ? 3.990   3.672   4.746   1.00 7.90   ? 94  PHE A CA  1 
ATOM   689  C C   . PHE A 1 95  ? 3.974   2.167   5.087   1.00 9.03   ? 94  PHE A C   1 
ATOM   690  O O   . PHE A 1 95  ? 3.188   1.700   5.918   1.00 8.62   ? 94  PHE A O   1 
ATOM   691  C CB  . PHE A 1 95  ? 3.289   3.897   3.393   1.00 10.11  ? 94  PHE A CB  1 
ATOM   692  C CG  . PHE A 1 95  ? 1.832   3.508   3.421   1.00 8.32   ? 94  PHE A CG  1 
ATOM   693  C CD1 . PHE A 1 95  ? 1.458   2.202   3.215   1.00 10.82  ? 94  PHE A CD1 1 
ATOM   694  C CD2 . PHE A 1 95  ? 0.849   4.438   3.747   1.00 9.15   ? 94  PHE A CD2 1 
ATOM   695  C CE1 . PHE A 1 95  ? 0.132   1.825   3.293   1.00 12.24  ? 94  PHE A CE1 1 
ATOM   696  C CE2 . PHE A 1 95  ? -0.494  4.074   3.783   1.00 8.93   ? 94  PHE A CE2 1 
ATOM   697  C CZ  . PHE A 1 95  ? -0.844  2.777   3.599   1.00 10.07  ? 94  PHE A CZ  1 
ATOM   698  N N   . ASP A 1 96  ? 4.796   1.388   4.366   1.00 7.72   ? 95  ASP A N   1 
ATOM   699  C CA  . ASP A 1 96  ? 4.859   -0.085  4.528   1.00 8.35   ? 95  ASP A CA  1 
ATOM   700  C C   . ASP A 1 96  ? 5.204   -0.472  5.933   1.00 11.24  ? 95  ASP A C   1 
ATOM   701  O O   . ASP A 1 96  ? 4.614   -1.399  6.527   1.00 8.88   ? 95  ASP A O   1 
ATOM   702  C CB  . ASP A 1 96  ? 5.901   -0.620  3.531   1.00 9.98   ? 95  ASP A CB  1 
ATOM   703  C CG  . ASP A 1 96  ? 5.910   -2.138  3.441   1.00 21.26  ? 95  ASP A CG  1 
ATOM   704  O OD1 . ASP A 1 96  ? 4.840   -2.723  3.212   1.00 31.27  ? 95  ASP A OD1 1 
ATOM   705  O OD2 . ASP A 1 96  ? 7.004   -2.709  3.602   1.00 30.07  ? 95  ASP A OD2 1 
ATOM   706  N N   . LYS A 1 97  ? 6.153   0.254   6.538   1.00 8.99   ? 96  LYS A N   1 
ATOM   707  C CA  . LYS A 1 97  ? 6.584   -0.103  7.920   1.00 8.68   ? 96  LYS A CA  1 
ATOM   708  C C   . LYS A 1 97  ? 5.463   0.200   8.917   1.00 8.77   ? 96  LYS A C   1 
ATOM   709  O O   . LYS A 1 97  ? 5.166   -0.642  9.770   1.00 9.60   ? 96  LYS A O   1 
ATOM   710  C CB  . LYS A 1 97  ? 7.899   0.579   8.263   1.00 11.11  ? 96  LYS A CB  1 
ATOM   711  C CG  . LYS A 1 97  ? 8.443   0.267   9.647   1.00 24.91  ? 96  LYS A CG  1 
ATOM   712  C CD  . LYS A 1 97  ? 8.650   -1.210  9.929   1.00 30.00  ? 96  LYS A CD  1 
ATOM   713  C CE  . LYS A 1 97  ? 9.495   -1.400  11.190  1.00 43.35  ? 96  LYS A CE  1 
ATOM   714  N NZ  . LYS A 1 97  ? 9.633   -2.839  11.539  1.00 65.66  ? 96  LYS A NZ  1 
ATOM   715  N N   . MET A 1 98  ? 4.785   1.341   8.773   1.00 8.06   ? 97  MET A N   1 
ATOM   716  C CA  . MET A 1 98  ? 3.670   1.661   9.672   1.00 8.32   ? 97  MET A CA  1 
ATOM   717  C C   . MET A 1 98  ? 2.500   0.687   9.441   1.00 7.62   ? 97  MET A C   1 
ATOM   718  O O   . MET A 1 98  ? 1.912   0.210   10.409  1.00 7.87   ? 97  MET A O   1 
ATOM   719  C CB  . MET A 1 98  ? 3.184   3.065   9.461   1.00 7.88   ? 97  MET A CB  1 
ATOM   720  C CG  . MET A 1 98  ? 2.084   3.474   10.427  1.00 8.36   ? 97  MET A CG  1 
ATOM   721  S SD  . MET A 1 98  ? 2.475   3.269   12.208  1.00 11.28  ? 97  MET A SD  1 
ATOM   722  C CE  . MET A 1 98  ? 3.531   4.666   12.374  1.00 11.82  ? 97  MET A CE  1 
ATOM   723  N N   . TYR A 1 99  ? 2.228   0.386   8.172   1.00 7.35   ? 98  TYR A N   1 
ATOM   724  C CA  . TYR A 1 99  ? 1.122   -0.518  7.754   1.00 9.81   ? 98  TYR A CA  1 
ATOM   725  C C   . TYR A 1 99  ? 1.256   -1.886  8.382   1.00 11.01  ? 98  TYR A C   1 
ATOM   726  O O   . TYR A 1 99  ? 0.260   -2.492  8.769   1.00 7.28   ? 98  TYR A O   1 
ATOM   727  C CB  . TYR A 1 99  ? 1.021   -0.656  6.240   1.00 10.46  ? 98  TYR A CB  1 
ATOM   728  C CG  . TYR A 1 99  ? -0.282  -1.278  5.923   1.00 9.88   ? 98  TYR A CG  1 
ATOM   729  C CD1 . TYR A 1 99  ? -1.438  -0.540  6.110   1.00 12.17  ? 98  TYR A CD1 1 
ATOM   730  C CD2 . TYR A 1 99  ? -0.378  -2.621  5.517   1.00 16.82  ? 98  TYR A CD2 1 
ATOM   731  C CE1 . TYR A 1 99  ? -2.683  -1.110  5.930   1.00 24.93  ? 98  TYR A CE1 1 
ATOM   732  C CE2 . TYR A 1 99  ? -1.642  -3.199  5.332   1.00 15.06  ? 98  TYR A CE2 1 
ATOM   733  C CZ  . TYR A 1 99  ? -2.774  -2.426  5.563   1.00 16.52  ? 98  TYR A CZ  1 
ATOM   734  O OH  . TYR A 1 99  ? -4.099  -2.923  5.356   1.00 30.13  ? 98  TYR A OH  1 
ATOM   735  N N   . SER A 1 100 ? 2.487   -2.369  8.508   1.00 10.85  ? 99  SER A N   1 
ATOM   736  C CA  . SER A 1 100 ? 2.747   -3.640  9.166   1.00 10.22  ? 99  SER A CA  1 
ATOM   737  C C   . SER A 1 100 ? 2.197   -3.699  10.585  1.00 11.38  ? 99  SER A C   1 
ATOM   738  O O   . SER A 1 100 ? 1.570   -4.718  10.953  1.00 9.86   ? 99  SER A O   1 
ATOM   739  C CB  . SER A 1 100 ? 4.232   -4.062  9.145   1.00 14.08  ? 99  SER A CB  1 
ATOM   740  O OG  . SER A 1 100 ? 5.011   -3.384  10.149  1.00 23.80  ? 99  SER A OG  1 
ATOM   741  N N   . TYR A 1 101 ? 2.342   -2.636  11.362  1.00 8.67   ? 100 TYR A N   1 
ATOM   742  C CA  . TYR A 1 101 ? 1.765   -2.537  12.701  1.00 9.17   ? 100 TYR A CA  1 
ATOM   743  C C   . TYR A 1 101 ? 0.260   -2.300  12.709  1.00 8.64   ? 100 TYR A C   1 
ATOM   744  O O   . TYR A 1 101 ? -0.458  -2.872  13.550  1.00 8.31   ? 100 TYR A O   1 
ATOM   745  C CB  . TYR A 1 101 ? 2.457   -1.441  13.498  1.00 9.57   ? 100 TYR A CB  1 
ATOM   746  C CG  . TYR A 1 101 ? 3.926   -1.649  13.662  1.00 9.62   ? 100 TYR A CG  1 
ATOM   747  C CD1 . TYR A 1 101 ? 4.419   -2.664  14.446  1.00 12.58  ? 100 TYR A CD1 1 
ATOM   748  C CD2 . TYR A 1 101 ? 4.821   -0.797  13.046  1.00 15.01  ? 100 TYR A CD2 1 
ATOM   749  C CE1 . TYR A 1 101 ? 5.780   -2.818  14.675  1.00 15.64  ? 100 TYR A CE1 1 
ATOM   750  C CE2 . TYR A 1 101 ? 6.174   -0.953  13.218  1.00 18.54  ? 100 TYR A CE2 1 
ATOM   751  C CZ  . TYR A 1 101 ? 6.644   -1.973  14.018  1.00 19.57  ? 100 TYR A CZ  1 
ATOM   752  O OH  . TYR A 1 101 ? 7.975   -2.112  14.215  1.00 19.59  ? 100 TYR A OH  1 
ATOM   753  N N   . VAL A 1 102 ? -0.217  -1.487  11.792  1.00 7.75   ? 101 VAL A N   1 
ATOM   754  C CA  . VAL A 1 102 ? -1.654  -1.261  11.613  1.00 8.05   ? 101 VAL A CA  1 
ATOM   755  C C   . VAL A 1 102 ? -2.379  -2.569  11.292  1.00 8.39   ? 101 VAL A C   1 
ATOM   756  O O   . VAL A 1 102 ? -3.371  -2.895  11.913  1.00 10.13  ? 101 VAL A O   1 
ATOM   757  C CB  . VAL A 1 102 ? -1.909  -0.176  10.538  1.00 8.78   ? 101 VAL A CB  1 
ATOM   758  C CG1 . VAL A 1 102 ? -3.364  -0.139  10.104  1.00 9.83   ? 101 VAL A CG1 1 
ATOM   759  C CG2 . VAL A 1 102 ? -1.458  1.191   11.130  1.00 11.11  ? 101 VAL A CG2 1 
ATOM   760  N N   . ASN A 1 103 ? -1.837  -3.333  10.380  1.00 7.45   ? 102 ASN A N   1 
ATOM   761  C CA  . ASN A 1 103 ? -2.401  -4.615  9.993   1.00 8.70   ? 102 ASN A CA  1 
ATOM   762  C C   . ASN A 1 103 ? -2.401  -5.569  11.127  1.00 8.60   ? 102 ASN A C   1 
ATOM   763  O O   . ASN A 1 103 ? -3.432  -6.220  11.414  1.00 9.95   ? 102 ASN A O   1 
ATOM   764  C CB  . ASN A 1 103 ? -1.595  -5.161  8.810   1.00 14.20  ? 102 ASN A CB  1 
ATOM   765  C CG  . ASN A 1 103 ? -1.985  -6.576  8.464   1.00 20.08  ? 102 ASN A CG  1 
ATOM   766  O OD1 . ASN A 1 103 ? -1.421  -7.559  8.979   1.00 22.40  ? 102 ASN A OD1 1 
ATOM   767  N ND2 . ASN A 1 103 ? -3.005  -6.679  7.703   1.00 14.20  ? 102 ASN A ND2 1 
ATOM   768  N N   . LYS A 1 104 ? -1.291  -5.643  11.888  1.00 8.21   ? 103 LYS A N   1 
ATOM   769  C CA  . LYS A 1 104 ? -1.264  -6.508  13.052  1.00 10.58  ? 103 LYS A CA  1 
ATOM   770  C C   . LYS A 1 104 ? -2.302  -6.145  14.101  1.00 10.84  ? 103 LYS A C   1 
ATOM   771  O O   . LYS A 1 104 ? -2.961  -7.056  14.645  1.00 11.71  ? 103 LYS A O   1 
ATOM   772  C CB  . LYS A 1 104 ? 0.135   -6.538  13.674  1.00 10.40  ? 103 LYS A CB  1 
ATOM   773  C CG  . LYS A 1 104 ? 0.266   -7.366  14.944  1.00 14.29  ? 103 LYS A CG  1 
ATOM   774  C CD  . LYS A 1 104 ? 1.688   -7.404  15.476  1.00 20.59  ? 103 LYS A CD  1 
ATOM   775  C CE  . LYS A 1 104 ? 1.731   -8.267  16.730  1.00 29.19  ? 103 LYS A CE  1 
ATOM   776  N NZ  . LYS A 1 104 ? 3.114   -8.368  17.275  1.00 29.15  ? 103 LYS A NZ  1 
ATOM   777  N N   . ALA A 1 105 ? -2.454  -4.840  14.372  1.00 9.55   ? 104 ALA A N   1 
ATOM   778  C CA  . ALA A 1 105 ? -3.377  -4.339  15.362  1.00 9.85   ? 104 ALA A CA  1 
ATOM   779  C C   . ALA A 1 105 ? -4.825  -4.646  14.957  1.00 9.02   ? 104 ALA A C   1 
ATOM   780  O O   . ALA A 1 105 ? -5.597  -5.065  15.802  1.00 11.48  ? 104 ALA A O   1 
ATOM   781  C CB  . ALA A 1 105 ? -3.165  -2.844  15.548  1.00 9.79   ? 104 ALA A CB  1 
ATOM   782  N N   . TYR A 1 106 ? -5.136  -4.449  13.680  1.00 8.30   ? 105 TYR A N   1 
ATOM   783  C CA  . TYR A 1 106 ? -6.469  -4.658  13.168  1.00 8.76   ? 105 TYR A CA  1 
ATOM   784  C C   . TYR A 1 106 ? -6.851  -6.127  13.303  1.00 15.45  ? 105 TYR A C   1 
ATOM   785  O O   . TYR A 1 106 ? -7.980  -6.439  13.721  1.00 11.77  ? 105 TYR A O   1 
ATOM   786  C CB  . TYR A 1 106 ? -6.569  -4.187  11.738  1.00 9.10   ? 105 TYR A CB  1 
ATOM   787  C CG  . TYR A 1 106 ? -7.907  -4.387  11.055  1.00 7.95   ? 105 TYR A CG  1 
ATOM   788  C CD1 . TYR A 1 106 ? -8.944  -3.547  11.334  1.00 8.04   ? 105 TYR A CD1 1 
ATOM   789  C CD2 . TYR A 1 106 ? -8.120  -5.406  10.203  1.00 8.01   ? 105 TYR A CD2 1 
ATOM   790  C CE1 . TYR A 1 106 ? -10.155 -3.683  10.692  1.00 8.19   ? 105 TYR A CE1 1 
ATOM   791  C CE2 . TYR A 1 106 ? -9.334  -5.573  9.544   1.00 8.15   ? 105 TYR A CE2 1 
ATOM   792  C CZ  . TYR A 1 106 ? -10.346 -4.664  9.796   1.00 8.76   ? 105 TYR A CZ  1 
ATOM   793  O OH  . TYR A 1 106 ? -11.579 -4.873  9.203   1.00 9.73   ? 105 TYR A OH  1 
ATOM   794  N N   . TYR A 1 107 ? -5.919  -7.035  13.008  1.00 9.34   ? 106 TYR A N   1 
ATOM   795  C CA  . TYR A 1 107 ? -6.245  -8.474  13.077  1.00 12.12  ? 106 TYR A CA  1 
ATOM   796  C C   . TYR A 1 107 ? -6.029  -9.168  14.398  1.00 20.92  ? 106 TYR A C   1 
ATOM   797  O O   . TYR A 1 107 ? -6.362  -10.348 14.517  1.00 22.44  ? 106 TYR A O   1 
ATOM   798  C CB  . TYR A 1 107 ? -5.493  -9.216  11.994  1.00 10.74  ? 106 TYR A CB  1 
ATOM   799  C CG  . TYR A 1 107 ? -6.065  -9.028  10.679  1.00 13.56  ? 106 TYR A CG  1 
ATOM   800  C CD1 . TYR A 1 107 ? -7.387  -9.446  10.404  1.00 19.51  ? 106 TYR A CD1 1 
ATOM   801  C CD2 . TYR A 1 107 ? -5.375  -8.362  9.708   1.00 13.97  ? 106 TYR A CD2 1 
ATOM   802  C CE1 . TYR A 1 107 ? -7.962  -9.225  9.174   1.00 17.01  ? 106 TYR A CE1 1 
ATOM   803  C CE2 . TYR A 1 107 ? -5.928  -8.135  8.463   1.00 22.66  ? 106 TYR A CE2 1 
ATOM   804  C CZ  . TYR A 1 107 ? -7.214  -8.586  8.183   1.00 24.20  ? 106 TYR A CZ  1 
ATOM   805  O OH  . TYR A 1 107 ? -7.715  -8.329  6.930   1.00 22.33  ? 106 TYR A OH  1 
ATOM   806  N N   . ASN A 1 108 ? -5.506  -8.479  15.395  1.00 13.01  ? 107 ASN A N   1 
ATOM   807  C CA  . ASN A 1 108 ? -5.197  -9.057  16.704  1.00 16.96  ? 107 ASN A CA  1 
ATOM   808  C C   . ASN A 1 108 ? -5.765  -8.321  17.887  1.00 20.87  ? 107 ASN A C   1 
ATOM   809  O O   . ASN A 1 108 ? -5.745  -8.840  19.013  1.00 18.92  ? 107 ASN A O   1 
ATOM   810  C CB  . ASN A 1 108 ? -3.694  -9.211  16.835  1.00 19.10  ? 107 ASN A CB  1 
ATOM   811  C CG  . ASN A 1 108 ? -3.154  -10.234 15.886  1.00 30.25  ? 107 ASN A CG  1 
ATOM   812  O OD1 . ASN A 1 108 ? -3.196  -11.400 16.194  1.00 24.82  ? 107 ASN A OD1 1 
ATOM   813  N ND2 . ASN A 1 108 ? -2.731  -9.829  14.688  1.00 21.21  ? 107 ASN A ND2 1 
ATOM   814  N N   . ASP A 1 109 ? -6.334  -7.129  17.685  1.00 18.12  ? 108 ASP A N   1 
ATOM   815  C CA  . ASP A 1 109 ? -6.869  -6.360  18.790  1.00 19.40  ? 108 ASP A CA  1 
ATOM   816  C C   . ASP A 1 109 ? -8.292  -5.990  18.523  1.00 17.55  ? 108 ASP A C   1 
ATOM   817  O O   . ASP A 1 109 ? -8.552  -5.246  17.587  1.00 12.54  ? 108 ASP A O   1 
ATOM   818  C CB  . ASP A 1 109 ? -6.054  -5.097  18.988  1.00 14.64  ? 108 ASP A CB  1 
ATOM   819  C CG  . ASP A 1 109 ? -6.445  -4.369  20.215  1.00 21.96  ? 108 ASP A CG  1 
ATOM   820  O OD1 . ASP A 1 109 ? -7.544  -3.781  20.244  1.00 25.99  ? 108 ASP A OD1 1 
ATOM   821  O OD2 . ASP A 1 109 ? -5.654  -4.392  21.171  1.00 26.50  ? 108 ASP A OD2 1 
ATOM   822  N N   . GLY A 1 110 ? -9.212  -6.548  19.318  1.00 18.34  ? 109 GLY A N   1 
ATOM   823  C CA  . GLY A 1 110 ? -10.637 -6.340  19.093  1.00 20.89  ? 109 GLY A CA  1 
ATOM   824  C C   . GLY A 1 110 ? -11.046 -4.892  19.183  1.00 15.76  ? 109 GLY A C   1 
ATOM   825  O O   . GLY A 1 110 ? -11.885 -4.433  18.401  1.00 12.14  ? 109 GLY A O   1 
ATOM   826  N N   . ASP A 1 111 ? -10.454 -4.125  20.106  1.00 14.23  ? 110 ASP A N   1 
ATOM   827  C CA  . ASP A 1 111 ? -10.800 -2.691  20.188  1.00 12.99  ? 110 ASP A CA  1 
ATOM   828  C C   . ASP A 1 111 ? -10.508 -1.964  18.839  1.00 16.95  ? 110 ASP A C   1 
ATOM   829  O O   . ASP A 1 111 ? -11.329 -1.181  18.360  1.00 15.01  ? 110 ASP A O   1 
ATOM   830  C CB  . ASP A 1 111 ? -10.053 -1.957  21.282  1.00 20.57  ? 110 ASP A CB  1 
ATOM   831  C CG  . ASP A 1 111 ? -10.304 -2.537  22.656  1.00 44.30  ? 110 ASP A CG  1 
ATOM   832  O OD1 . ASP A 1 111 ? -11.487 -2.571  23.085  1.00 30.89  ? 110 ASP A OD1 1 
ATOM   833  O OD2 . ASP A 1 111 ? -9.307  -2.964  23.282  1.00 64.29  ? 110 ASP A OD2 1 
ATOM   834  N N   . ILE A 1 112 ? -9.382  -2.280  18.202  1.00 9.46   ? 111 ILE A N   1 
ATOM   835  C CA  . ILE A 1 112 ? -9.010  -1.669  16.907  1.00 9.42   ? 111 ILE A CA  1 
ATOM   836  C C   . ILE A 1 112 ? -9.918  -2.201  15.810  1.00 8.93   ? 111 ILE A C   1 
ATOM   837  O O   . ILE A 1 112 ? -10.433 -1.429  14.980  1.00 8.75   ? 111 ILE A O   1 
ATOM   838  C CB  . ILE A 1 112 ? -7.531  -1.950  16.530  1.00 9.20   ? 111 ILE A CB  1 
ATOM   839  C CG1 . ILE A 1 112 ? -6.584  -1.405  17.609  1.00 13.26  ? 111 ILE A CG1 1 
ATOM   840  C CG2 . ILE A 1 112 ? -7.225  -1.387  15.152  1.00 9.87   ? 111 ILE A CG2 1 
ATOM   841  C CD1 . ILE A 1 112 ? -6.803  0.041   17.873  1.00 15.04  ? 111 ILE A CD1 1 
ATOM   842  N N   . TYR A 1 113 ? -10.152 -3.509  15.793  1.00 9.16   ? 112 TYR A N   1 
ATOM   843  C CA  . TYR A 1 113 ? -10.970 -4.137  14.740  1.00 9.19   ? 112 TYR A CA  1 
ATOM   844  C C   . TYR A 1 113 ? -12.340 -3.477  14.674  1.00 9.39   ? 112 TYR A C   1 
ATOM   845  O O   . TYR A 1 113 ? -12.846 -3.170  13.567  1.00 9.28   ? 112 TYR A O   1 
ATOM   846  C CB  . TYR A 1 113 ? -11.133 -5.640  14.953  1.00 9.58   ? 112 TYR A CB  1 
ATOM   847  C CG  . TYR A 1 113 ? -11.886 -6.324  13.827  1.00 9.68   ? 112 TYR A CG  1 
ATOM   848  C CD1 . TYR A 1 113 ? -11.224 -6.654  12.643  1.00 9.35   ? 112 TYR A CD1 1 
ATOM   849  C CD2 . TYR A 1 113 ? -13.234 -6.613  13.929  1.00 10.63  ? 112 TYR A CD2 1 
ATOM   850  C CE1 . TYR A 1 113 ? -11.905 -7.247  11.559  1.00 9.48   ? 112 TYR A CE1 1 
ATOM   851  C CE2 . TYR A 1 113 ? -13.926 -7.236  12.872  1.00 12.25  ? 112 TYR A CE2 1 
ATOM   852  C CZ  . TYR A 1 113 ? -13.262 -7.532  11.685  1.00 10.52  ? 112 TYR A CZ  1 
ATOM   853  O OH  . TYR A 1 113 ? -13.976 -8.135  10.622  1.00 11.48  ? 112 TYR A OH  1 
ATOM   854  N N   . TYR A 1 114 ? -12.929 -3.229  15.827  1.00 9.75   ? 113 TYR A N   1 
ATOM   855  C CA  . TYR A 1 114 ? -14.295 -2.707  15.867  1.00 10.09  ? 113 TYR A CA  1 
ATOM   856  C C   . TYR A 1 114 ? -14.400 -1.165  15.934  1.00 12.68  ? 113 TYR A C   1 
ATOM   857  O O   . TYR A 1 114 ? -15.500 -0.646  15.841  1.00 13.60  ? 113 TYR A O   1 
ATOM   858  C CB  . TYR A 1 114 ? -15.120 -3.388  16.963  1.00 10.72  ? 113 TYR A CB  1 
ATOM   859  C CG  . TYR A 1 114 ? -15.404 -4.854  16.713  1.00 11.03  ? 113 TYR A CG  1 
ATOM   860  C CD1 . TYR A 1 114 ? -16.296 -5.245  15.745  1.00 11.25  ? 113 TYR A CD1 1 
ATOM   861  C CD2 . TYR A 1 114 ? -14.772 -5.857  17.441  1.00 11.21  ? 113 TYR A CD2 1 
ATOM   862  C CE1 . TYR A 1 114 ? -16.555 -6.573  15.501  1.00 11.63  ? 113 TYR A CE1 1 
ATOM   863  C CE2 . TYR A 1 114 ? -15.002 -7.187  17.161  1.00 11.58  ? 113 TYR A CE2 1 
ATOM   864  C CZ  . TYR A 1 114 ? -15.898 -7.550  16.209  1.00 11.80  ? 113 TYR A CZ  1 
ATOM   865  O OH  . TYR A 1 114 ? -16.156 -8.901  15.987  1.00 12.28  ? 113 TYR A OH  1 
ATOM   866  N N   . SER A 1 115 ? -13.282 -0.462  16.105  1.00 9.90   ? 114 SER A N   1 
ATOM   867  C CA  . SER A 1 115 ? -13.255 1.014   16.159  1.00 9.50   ? 114 SER A CA  1 
ATOM   868  C C   . SER A 1 115 ? -12.585 1.662   14.960  1.00 10.21  ? 114 SER A C   1 
ATOM   869  O O   . SER A 1 115 ? -12.810 2.833   14.758  1.00 10.45  ? 114 SER A O   1 
ATOM   870  C CB  . SER A 1 115 ? -12.510 1.534   17.417  1.00 13.00  ? 114 SER A CB  1 
ATOM   871  O OG  . SER A 1 115 ? -13.270 1.258   18.535  1.00 24.25  ? 114 SER A OG  1 
ATOM   872  N N   . SER A 1 116 ? -11.801 0.924   14.179  1.00 8.74   ? 115 SER A N   1 
ATOM   873  C CA  . SER A 1 116 ? -11.166 1.488   13.010  1.00 8.39   ? 115 SER A CA  1 
ATOM   874  C C   . SER A 1 116 ? -12.216 1.913   11.994  1.00 8.50   ? 115 SER A C   1 
ATOM   875  O O   . SER A 1 116 ? -13.356 1.365   11.954  1.00 8.83   ? 115 SER A O   1 
ATOM   876  C CB  . SER A 1 116 ? -10.202 0.492   12.392  1.00 12.34  ? 115 SER A CB  1 
ATOM   877  O OG  . SER A 1 116 ? -10.853 -0.759  12.198  1.00 17.68  ? 115 SER A OG  1 
ATOM   878  N N   . TYR A 1 117 ? -11.849 2.927   11.197  1.00 8.33   ? 116 TYR A N   1 
ATOM   879  C CA  . TYR A 1 117 ? -12.752 3.505   10.210  1.00 8.52   ? 116 TYR A CA  1 
ATOM   880  C C   . TYR A 1 117 ? -12.144 3.261   8.830   1.00 8.21   ? 116 TYR A C   1 
ATOM   881  O O   . TYR A 1 117 ? -12.629 2.474   8.101   1.00 8.26   ? 116 TYR A O   1 
ATOM   882  C CB  . TYR A 1 117 ? -13.014 4.968   10.505  1.00 8.75   ? 116 TYR A CB  1 
ATOM   883  C CG  . TYR A 1 117 ? -14.044 5.589   9.624   1.00 9.15   ? 116 TYR A CG  1 
ATOM   884  C CD1 . TYR A 1 117 ? -15.413 5.395   9.845   1.00 10.96  ? 116 TYR A CD1 1 
ATOM   885  C CD2 . TYR A 1 117 ? -13.692 6.319   8.503   1.00 9.62   ? 116 TYR A CD2 1 
ATOM   886  C CE1 . TYR A 1 117 ? -16.377 5.974   9.011   1.00 13.59  ? 116 TYR A CE1 1 
ATOM   887  C CE2 . TYR A 1 117 ? -14.672 6.862   7.631   1.00 11.75  ? 116 TYR A CE2 1 
ATOM   888  C CZ  . TYR A 1 117 ? -16.010 6.685   7.895   1.00 11.35  ? 116 TYR A CZ  1 
ATOM   889  O OH  . TYR A 1 117 ? -16.951 7.273   7.017   1.00 15.15  ? 116 TYR A OH  1 
ATOM   890  N N   . ASP A 1 118 ? -11.017 3.929   8.549   1.00 7.93   ? 117 ASP A N   1 
ATOM   891  C CA  . ASP A 1 118 ? -10.366 3.916   7.221   1.00 7.67   ? 117 ASP A CA  1 
ATOM   892  C C   . ASP A 1 118 ? -8.915  3.599   7.540   1.00 8.68   ? 117 ASP A C   1 
ATOM   893  O O   . ASP A 1 118 ? -8.161  4.459   8.052   1.00 7.35   ? 117 ASP A O   1 
ATOM   894  C CB  . ASP A 1 118 ? -10.541 5.288   6.548   1.00 7.85   ? 117 ASP A CB  1 
ATOM   895  C CG  . ASP A 1 118 ? -9.721  5.482   5.257   1.00 11.74  ? 117 ASP A CG  1 
ATOM   896  O OD1 . ASP A 1 118 ? -8.845  4.669   4.936   1.00 10.49  ? 117 ASP A OD1 1 
ATOM   897  O OD2 . ASP A 1 118 ? -10.018 6.483   4.566   1.00 12.32  ? 117 ASP A OD2 1 
ATOM   898  N N   . LEU A 1 119 ? -8.484  2.391   7.210   1.00 7.21   ? 118 LEU A N   1 
ATOM   899  C CA  . LEU A 1 119 ? -7.125  1.936   7.562   1.00 7.35   ? 118 LEU A CA  1 
ATOM   900  C C   . LEU A 1 119 ? -6.039  2.706   6.802   1.00 8.46   ? 118 LEU A C   1 
ATOM   901  O O   . LEU A 1 119 ? -4.910  2.841   7.289   1.00 8.11   ? 118 LEU A O   1 
ATOM   902  C CB  . LEU A 1 119 ? -6.920  0.419   7.305   1.00 10.03  ? 118 LEU A CB  1 
ATOM   903  C CG  . LEU A 1 119 ? -7.670  -0.553  8.247   1.00 17.13  ? 118 LEU A CG  1 
ATOM   904  C CD1 . LEU A 1 119 ? -7.085  -0.447  9.613   1.00 21.46  ? 118 LEU A CD1 1 
ATOM   905  C CD2 . LEU A 1 119 ? -9.150  -0.275  8.313   1.00 26.44  ? 118 LEU A CD2 1 
ATOM   906  N N   . TYR A 1 120 ? -6.333  3.186   5.598   1.00 6.77   ? 119 TYR A N   1 
ATOM   907  C CA  . TYR A 1 120 ? -5.352  3.978   4.877   1.00 7.61   ? 119 TYR A CA  1 
ATOM   908  C C   . TYR A 1 120 ? -5.121  5.323   5.480   1.00 6.96   ? 119 TYR A C   1 
ATOM   909  O O   . TYR A 1 120 ? -3.980  5.722   5.798   1.00 9.13   ? 119 TYR A O   1 
ATOM   910  C CB  . TYR A 1 120 ? -5.835  4.130   3.433   1.00 7.01   ? 119 TYR A CB  1 
ATOM   911  C CG  . TYR A 1 120 ? -4.816  4.801   2.526   1.00 9.16   ? 119 TYR A CG  1 
ATOM   912  C CD1 . TYR A 1 120 ? -4.833  6.166   2.343   1.00 10.77  ? 119 TYR A CD1 1 
ATOM   913  C CD2 . TYR A 1 120 ? -3.916  4.039   1.820   1.00 12.64  ? 119 TYR A CD2 1 
ATOM   914  C CE1 . TYR A 1 120 ? -3.929  6.778   1.466   1.00 13.29  ? 119 TYR A CE1 1 
ATOM   915  C CE2 . TYR A 1 120 ? -3.024  4.621   0.916   1.00 14.54  ? 119 TYR A CE2 1 
ATOM   916  C CZ  . TYR A 1 120 ? -3.022  5.990   0.774   1.00 14.87  ? 119 TYR A CZ  1 
ATOM   917  O OH  . TYR A 1 120 ? -2.129  6.525   -0.164  1.00 18.66  ? 119 TYR A OH  1 
ATOM   918  N N   . ASP A 1 121 ? -6.204  5.991   5.792   1.00 7.89   ? 120 ASP A N   1 
ATOM   919  C CA  . ASP A 1 121 ? -6.148  7.249   6.454   1.00 10.45  ? 120 ASP A CA  1 
ATOM   920  C C   . ASP A 1 121 ? -5.527  7.156   7.841   1.00 9.37   ? 120 ASP A C   1 
ATOM   921  O O   . ASP A 1 121 ? -4.762  8.059   8.234   1.00 9.00   ? 120 ASP A O   1 
ATOM   922  C CB  . ASP A 1 121 ? -7.534  7.795   6.583   1.00 14.13  ? 120 ASP A CB  1 
ATOM   923  C CG  . ASP A 1 121 ? -7.537  9.221   7.068   1.00 33.99  ? 120 ASP A CG  1 
ATOM   924  O OD1 . ASP A 1 121 ? -6.712  9.989   6.523   1.00 40.86  ? 120 ASP A OD1 1 
ATOM   925  O OD2 . ASP A 1 121 ? -8.366  9.574   7.943   1.00 45.32  ? 120 ASP A OD2 1 
ATOM   926  N N   . GLU A 1 122 ? -5.823  6.095   8.570   1.00 7.34   ? 121 GLU A N   1 
ATOM   927  C CA  . GLU A 1 122 ? -5.219  5.874   9.881   1.00 8.13   ? 121 GLU A CA  1 
ATOM   928  C C   . GLU A 1 122 ? -3.695  5.658   9.827   1.00 7.37   ? 121 GLU A C   1 
ATOM   929  O O   . GLU A 1 122 ? -2.907  6.183   10.681  1.00 7.60   ? 121 GLU A O   1 
ATOM   930  C CB  . GLU A 1 122 ? -5.935  4.708   10.589  1.00 8.94   ? 121 GLU A CB  1 
ATOM   931  C CG  . GLU A 1 122 ? -7.342  5.160   11.022  1.00 10.11  ? 121 GLU A CG  1 
ATOM   932  C CD  . GLU A 1 122 ? -8.406  4.070   11.111  1.00 10.20  ? 121 GLU A CD  1 
ATOM   933  O OE1 . GLU A 1 122 ? -8.073  2.866   11.176  1.00 12.17  ? 121 GLU A OE1 1 
ATOM   934  O OE2 . GLU A 1 122 ? -9.587  4.473   11.105  1.00 9.97   ? 121 GLU A OE2 1 
ATOM   935  N N   . THR A 1 123 ? -3.221  4.914   8.827   1.00 7.14   ? 122 THR A N   1 
ATOM   936  C CA  . THR A 1 123 ? -1.771  4.730   8.625   1.00 7.14   ? 122 THR A CA  1 
ATOM   937  C C   . THR A 1 123 ? -1.100  6.092   8.349   1.00 7.49   ? 122 THR A C   1 
ATOM   938  O O   . THR A 1 123 ? -0.067  6.415   8.963   1.00 7.61   ? 122 THR A O   1 
ATOM   939  C CB  . THR A 1 123 ? -1.465  3.767   7.457   1.00 6.89   ? 122 THR A CB  1 
ATOM   940  O OG1 . THR A 1 123 ? -2.087  2.504   7.726   1.00 7.37   ? 122 THR A OG1 1 
ATOM   941  C CG2 . THR A 1 123 ? 0.004   3.536   7.214   1.00 6.96   ? 122 THR A CG2 1 
ATOM   942  N N   . ILE A 1 124 ? -1.715  6.906   7.515   1.00 7.46   ? 123 ILE A N   1 
ATOM   943  C CA  . ILE A 1 124 ? -1.171  8.259   7.226   1.00 8.53   ? 123 ILE A CA  1 
ATOM   944  C C   . ILE A 1 124 ? -1.159  9.153   8.470   1.00 8.92   ? 123 ILE A C   1 
ATOM   945  O O   . ILE A 1 124 ? -0.166  9.902   8.700   1.00 11.19  ? 123 ILE A O   1 
ATOM   946  C CB  . ILE A 1 124 ? -1.999  8.943   6.128   1.00 9.96   ? 123 ILE A CB  1 
ATOM   947  C CG1 . ILE A 1 124 ? -1.952  8.158   4.828   1.00 18.84  ? 123 ILE A CG1 1 
ATOM   948  C CG2 . ILE A 1 124 ? -1.528  10.365  5.859   1.00 15.78  ? 123 ILE A CG2 1 
ATOM   949  C CD1 . ILE A 1 124 ? -0.603  7.868   4.318   1.00 19.72  ? 123 ILE A CD1 1 
ATOM   950  N N   . LYS A 1 125 ? -2.250  9.127   9.235   1.00 8.02   ? 124 LYS A N   1 
ATOM   951  C CA  . LYS A 1 125 ? -2.372  9.894   10.487  1.00 11.10  ? 124 LYS A CA  1 
ATOM   952  C C   . LYS A 1 125 ? -1.340  9.454   11.490  1.00 11.06  ? 124 LYS A C   1 
ATOM   953  O O   . LYS A 1 125 ? -0.712  10.355  12.116  1.00 9.34   ? 124 LYS A O   1 
ATOM   954  C CB  . LYS A 1 125 ? -3.756  9.779   11.110  1.00 12.71  ? 124 LYS A CB  1 
ATOM   955  C CG  . LYS A 1 125 ? -3.969  10.608  12.383  1.00 23.21  ? 124 LYS A CG  1 
ATOM   956  C CD  . LYS A 1 125 ? -3.610  12.081  12.176  1.00 44.09  ? 124 LYS A CD  1 
ATOM   957  C CE  . LYS A 1 125 ? -4.379  12.991  13.121  1.00 62.17  ? 124 LYS A CE  1 
ATOM   958  N NZ  . LYS A 1 125 ? -4.166  12.563  14.530  1.00 39.98  ? 124 LYS A NZ  1 
ATOM   959  N N   . LEU A 1 126 ? -1.096  8.138   11.609  1.00 8.26   ? 125 LEU A N   1 
ATOM   960  C CA  . LEU A 1 126 ? -0.021  7.656   12.545  1.00 8.49   ? 125 LEU A CA  1 
ATOM   961  C C   . LEU A 1 126 ? 1.385   8.185   12.097  1.00 8.77   ? 125 LEU A C   1 
ATOM   962  O O   . LEU A 1 126 ? 2.226   8.612   12.924  1.00 9.23   ? 125 LEU A O   1 
ATOM   963  C CB  . LEU A 1 126 ? -0.003  6.136   12.638  1.00 8.26   ? 125 LEU A CB  1 
ATOM   964  C CG  . LEU A 1 126 ? -1.220  5.608   13.409  1.00 9.25   ? 125 LEU A CG  1 
ATOM   965  C CD1 . LEU A 1 126 ? -1.418  4.084   13.133  1.00 12.70  ? 125 LEU A CD1 1 
ATOM   966  C CD2 . LEU A 1 126 ? -1.123  5.850   14.898  1.00 11.78  ? 125 LEU A CD2 1 
ATOM   967  N N   . LEU A 1 127 ? 1.668   8.136   10.795  1.00 8.56   ? 126 LEU A N   1 
ATOM   968  C CA  . LEU A 1 127 ? 2.933   8.687   10.270  1.00 9.14   ? 126 LEU A CA  1 
ATOM   969  C C   . LEU A 1 127 ? 3.082   10.167  10.541  1.00 10.11  ? 126 LEU A C   1 
ATOM   970  O O   . LEU A 1 127 ? 4.203   10.644  10.876  1.00 10.09  ? 126 LEU A O   1 
ATOM   971  C CB  . LEU A 1 127 ? 3.085   8.412   8.751   1.00 8.73   ? 126 LEU A CB  1 
ATOM   972  C CG  . LEU A 1 127 ? 3.430   6.956   8.503   1.00 10.50  ? 126 LEU A CG  1 
ATOM   973  C CD1 . LEU A 1 127 ? 3.197   6.688   7.038   1.00 15.60  ? 126 LEU A CD1 1 
ATOM   974  C CD2 . LEU A 1 127 ? 4.838   6.584   8.943   1.00 15.31  ? 126 LEU A CD2 1 
ATOM   975  N N   . GLU A 1 128 ? 1.980   10.900  10.515  1.00 9.32   ? 127 GLU A N   1 
ATOM   976  C CA  . GLU A 1 128 ? 1.997   12.337  10.771  1.00 10.95  ? 127 GLU A CA  1 
ATOM   977  C C   . GLU A 1 128 ? 2.294   12.625  12.238  1.00 11.56  ? 127 GLU A C   1 
ATOM   978  O O   . GLU A 1 128 ? 3.031   13.564  12.544  1.00 14.44  ? 127 GLU A O   1 
ATOM   979  C CB  . GLU A 1 128 ? 0.672   12.993  10.462  1.00 16.15  ? 127 GLU A CB  1 
ATOM   980  C CG  . GLU A 1 128 ? 0.444   13.079  8.975   1.00 21.63  ? 127 GLU A CG  1 
ATOM   981  C CD  . GLU A 1 128 ? -0.956  13.484  8.555   1.00 48.65  ? 127 GLU A CD  1 
ATOM   982  O OE1 . GLU A 1 128 ? -1.902  13.433  9.402   1.00 53.60  ? 127 GLU A OE1 1 
ATOM   983  O OE2 . GLU A 1 128 ? -1.080  13.813  7.335   1.00 35.24  ? 127 GLU A OE2 1 
ATOM   984  N N   . LEU A 1 129 ? 1.758   11.787  13.129  1.00 11.17  ? 128 LEU A N   1 
ATOM   985  C CA  . LEU A 1 129 ? 2.057   11.879  14.551  1.00 10.65  ? 128 LEU A CA  1 
ATOM   986  C C   . LEU A 1 129 ? 3.545   11.634  14.801  1.00 11.80  ? 128 LEU A C   1 
ATOM   987  O O   . LEU A 1 129 ? 4.170   12.359  15.611  1.00 11.46  ? 128 LEU A O   1 
ATOM   988  C CB  . LEU A 1 129 ? 1.252   10.838  15.371  1.00 11.88  ? 128 LEU A CB  1 
ATOM   989  C CG  . LEU A 1 129 ? -0.237  11.111  15.548  1.00 12.47  ? 128 LEU A CG  1 
ATOM   990  C CD1 . LEU A 1 129 ? -0.909  9.986   16.328  1.00 15.59  ? 128 LEU A CD1 1 
ATOM   991  C CD2 . LEU A 1 129 ? -0.415  12.428  16.298  1.00 17.94  ? 128 LEU A CD2 1 
ATOM   992  N N   . LEU A 1 130 ? 4.127   10.635  14.151  1.00 10.56  ? 129 LEU A N   1 
ATOM   993  C CA  . LEU A 1 130 ? 5.582   10.377  14.302  1.00 11.03  ? 129 LEU A CA  1 
ATOM   994  C C   . LEU A 1 130 ? 6.449   11.534  13.812  1.00 12.59  ? 129 LEU A C   1 
ATOM   995  O O   . LEU A 1 130 ? 7.449   11.922  14.472  1.00 12.68  ? 129 LEU A O   1 
ATOM   996  C CB  . LEU A 1 130 ? 6.035   9.140   13.527  1.00 11.98  ? 129 LEU A CB  1 
ATOM   997  C CG  . LEU A 1 130 ? 5.503   7.765   13.957  1.00 13.18  ? 129 LEU A CG  1 
ATOM   998  C CD1 . LEU A 1 130 ? 6.268   6.678   13.278  1.00 16.77  ? 129 LEU A CD1 1 
ATOM   999  C CD2 . LEU A 1 130 ? 5.567   7.547   15.422  1.00 15.89  ? 129 LEU A CD2 1 
ATOM   1000 N N   . LYS A 1 131 ? 6.055   12.080  12.672  1.00 11.88  ? 130 LYS A N   1 
ATOM   1001 C CA  . LYS A 1 131 ? 6.771   13.232  12.121  1.00 13.30  ? 130 LYS A CA  1 
ATOM   1002 C C   . LYS A 1 131 ? 6.696   14.420  13.061  1.00 12.83  ? 130 LYS A C   1 
ATOM   1003 O O   . LYS A 1 131 ? 7.687   15.079  13.293  1.00 13.86  ? 130 LYS A O   1 
ATOM   1004 C CB  . LYS A 1 131 ? 6.184   13.579  10.755  1.00 14.83  ? 130 LYS A CB  1 
ATOM   1005 C CG  . LYS A 1 131 ? 6.814   14.788  10.058  1.00 21.82  ? 130 LYS A CG  1 
ATOM   1006 C CD  . LYS A 1 131 ? 6.350   14.948  8.610   1.00 31.53  ? 130 LYS A CD  1 
ATOM   1007 C CE  . LYS A 1 131 ? 7.225   15.950  7.866   1.00 41.70  ? 130 LYS A CE  1 
ATOM   1008 N NZ  . LYS A 1 131 ? 6.802   16.153  6.461   1.00 85.53  ? 130 LYS A NZ  1 
ATOM   1009 N N   . GLU A 1 132 ? 5.555   14.677  13.659  1.00 13.47  ? 131 GLU A N   1 
ATOM   1010 C CA  . GLU A 1 132 ? 5.401   15.774  14.625  1.00 18.08  ? 131 GLU A CA  1 
ATOM   1011 C C   . GLU A 1 132 ? 6.334   15.580  15.858  1.00 15.99  ? 131 GLU A C   1 
ATOM   1012 O O   . GLU A 1 132 ? 6.905   16.542  16.405  1.00 16.43  ? 131 GLU A O   1 
ATOM   1013 C CB  . GLU A 1 132 ? 3.965   15.873  15.137  1.00 20.01  ? 131 GLU A CB  1 
ATOM   1014 C CG  . GLU A 1 132 ? 2.887   16.488  14.247  1.00 53.26  ? 131 GLU A CG  1 
ATOM   1015 C CD  . GLU A 1 132 ? 1.441   16.180  14.728  1.00 94.93  ? 131 GLU A CD  1 
ATOM   1016 O OE1 . GLU A 1 132 ? 1.168   15.923  15.946  1.00 46.55  ? 131 GLU A OE1 1 
ATOM   1017 O OE2 . GLU A 1 132 ? 0.545   16.192  13.861  1.00 57.42  ? 131 GLU A OE2 1 
ATOM   1018 N N   . SER A 1 133 ? 6.442   14.327  16.279  1.00 13.25  ? 132 SER A N   1 
ATOM   1019 C CA  . SER A 1 133 ? 7.270   13.870  17.423  1.00 16.52  ? 132 SER A CA  1 
ATOM   1020 C C   . SER A 1 133 ? 8.716   13.627  17.124  1.00 14.46  ? 132 SER A C   1 
ATOM   1021 O O   . SER A 1 133 ? 9.497   13.289  18.024  1.00 14.83  ? 132 SER A O   1 
ATOM   1022 C CB  . SER A 1 133 ? 6.693   12.567  17.965  1.00 15.04  ? 132 SER A CB  1 
ATOM   1023 O OG  . SER A 1 133 ? 5.408   12.766  18.542  1.00 18.56  ? 132 SER A OG  1 
ATOM   1024 N N   . LYS A 1 134 ? 9.107   13.845  15.875  1.00 15.46  ? 133 LYS A N   1 
ATOM   1025 C CA  . LYS A 1 134 ? 10.466  13.594  15.376  1.00 17.08  ? 133 LYS A CA  1 
ATOM   1026 C C   . LYS A 1 134 ? 10.982  12.183  15.588  1.00 15.63  ? 133 LYS A C   1 
ATOM   1027 O O   . LYS A 1 134 ? 12.163  11.972  15.853  1.00 16.28  ? 133 LYS A O   1 
ATOM   1028 C CB  . LYS A 1 134 ? 11.428  14.629  15.952  1.00 20.23  ? 133 LYS A CB  1 
ATOM   1029 C CG  . LYS A 1 134 ? 11.022  16.043  15.585  1.00 22.50  ? 133 LYS A CG  1 
ATOM   1030 C CD  . LYS A 1 134 ? 12.211  16.975  15.799  1.00 28.37  ? 133 LYS A CD  1 
ATOM   1031 C CE  . LYS A 1 134 ? 12.374  18.014  14.694  1.00 52.72  ? 133 LYS A CE  1 
ATOM   1032 N NZ  . LYS A 1 134 ? 11.330  19.065  14.807  1.00 51.03  ? 133 LYS A NZ  1 
ATOM   1033 N N   . ILE A 1 135 ? 10.091  11.218  15.399  1.00 14.59  ? 134 ILE A N   1 
ATOM   1034 C CA  . ILE A 1 135 ? 10.398  9.808   15.611  1.00 14.74  ? 134 ILE A CA  1 
ATOM   1035 C C   . ILE A 1 135 ? 10.553  9.159   14.257  1.00 13.56  ? 134 ILE A C   1 
ATOM   1036 O O   . ILE A 1 135 ? 9.730   9.376   13.369  1.00 16.08  ? 134 ILE A O   1 
ATOM   1037 C CB  . ILE A 1 135 ? 9.229   9.111   16.387  1.00 14.49  ? 134 ILE A CB  1 
ATOM   1038 C CG1 . ILE A 1 135 ? 9.120   9.661   17.802  1.00 18.81  ? 134 ILE A CG1 1 
ATOM   1039 C CG2 . ILE A 1 135 ? 9.435   7.621   16.456  1.00 13.85  ? 134 ILE A CG2 1 
ATOM   1040 C CD1 . ILE A 1 135 ? 7.764   9.346   18.407  1.00 20.20  ? 134 ILE A CD1 1 
ATOM   1041 N N   . ASN A 1 136 ? 11.576  8.315   14.115  1.00 15.22  ? 135 ASN A N   1 
ATOM   1042 C CA  . ASN A 1 136 ? 11.819  7.503   12.912  1.00 16.59  ? 135 ASN A CA  1 
ATOM   1043 C C   . ASN A 1 136 ? 10.995  6.242   12.986  1.00 13.58  ? 135 ASN A C   1 
ATOM   1044 O O   . ASN A 1 136 ? 11.001  5.534   14.017  1.00 14.43  ? 135 ASN A O   1 
ATOM   1045 C CB  . ASN A 1 136 ? 13.282  7.141   12.805  1.00 17.38  ? 135 ASN A CB  1 
ATOM   1046 C CG  . ASN A 1 136 ? 13.668  6.462   11.479  1.00 20.49  ? 135 ASN A CG  1 
ATOM   1047 O OD1 . ASN A 1 136 ? 12.967  5.599   10.931  1.00 24.11  ? 135 ASN A OD1 1 
ATOM   1048 N ND2 . ASN A 1 136 ? 14.822  6.881   10.946  1.00 35.13  ? 135 ASN A ND2 1 
ATOM   1049 N N   . VAL A 1 137 ? 10.231  5.968   11.922  1.00 13.13  ? 136 VAL A N   1 
ATOM   1050 C CA  . VAL A 1 137 ? 9.418   4.728   11.857  1.00 15.55  ? 136 VAL A CA  1 
ATOM   1051 C C   . VAL A 1 137 ? 10.222  3.436   12.099  1.00 18.07  ? 136 VAL A C   1 
ATOM   1052 O O   . VAL A 1 137 ? 9.694   2.461   12.589  1.00 18.53  ? 136 VAL A O   1 
ATOM   1053 C CB  . VAL A 1 137 ? 8.639   4.663   10.524  1.00 24.61  ? 136 VAL A CB  1 
ATOM   1054 C CG1 . VAL A 1 137 ? 9.571   4.224   9.414   1.00 26.24  ? 136 VAL A CG1 1 
ATOM   1055 C CG2 . VAL A 1 137 ? 7.433   3.752   10.676  1.00 30.40  ? 136 VAL A CG2 1 
ATOM   1056 N N   . ASN A 1 138 ? 11.537  3.453   11.883  1.00 16.75  ? 137 ASN A N   1 
ATOM   1057 C CA  . ASN A 1 138 ? 12.358  2.284   12.221  1.00 19.39  ? 137 ASN A CA  1 
ATOM   1058 C C   . ASN A 1 138 ? 12.659  2.067   13.695  1.00 19.62  ? 137 ASN A C   1 
ATOM   1059 O O   . ASN A 1 138 ? 13.187  1.021   14.066  1.00 26.00  ? 137 ASN A O   1 
ATOM   1060 C CB  . ASN A 1 138 ? 13.639  2.292   11.392  1.00 29.24  ? 137 ASN A CB  1 
ATOM   1061 C CG  . ASN A 1 138 ? 13.364  2.055   9.922   1.00 25.83  ? 137 ASN A CG  1 
ATOM   1062 O OD1 . ASN A 1 138 ? 12.418  1.344   9.563   1.00 35.20  ? 137 ASN A OD1 1 
ATOM   1063 N ND2 . ASN A 1 138 ? 14.193  2.650   9.051   1.00 41.63  ? 137 ASN A ND2 1 
ATOM   1064 N N   . ASP A 1 139 ? 12.315  3.039   14.542  1.00 15.73  ? 138 ASP A N   1 
ATOM   1065 C CA  . ASP A 1 139 ? 12.608  3.008   15.939  1.00 19.42  ? 138 ASP A CA  1 
ATOM   1066 C C   . ASP A 1 139 ? 11.420  2.622   16.810  1.00 25.93  ? 138 ASP A C   1 
ATOM   1067 O O   . ASP A 1 139 ? 11.570  2.539   18.002  1.00 33.88  ? 138 ASP A O   1 
ATOM   1068 C CB  . ASP A 1 139 ? 13.106  4.395   16.384  1.00 25.23  ? 138 ASP A CB  1 
ATOM   1069 C CG  . ASP A 1 139 ? 14.510  4.721   15.848  1.00 36.94  ? 138 ASP A CG  1 
ATOM   1070 O OD1 . ASP A 1 139 ? 15.109  3.843   15.203  1.00 47.14  ? 138 ASP A OD1 1 
ATOM   1071 O OD2 . ASP A 1 139 ? 15.014  5.861   16.057  1.00 47.91  ? 138 ASP A OD2 1 
ATOM   1072 N N   . ILE A 1 140 ? 10.243  2.439   16.235  1.00 19.86  ? 139 ILE A N   1 
ATOM   1073 C CA  . ILE A 1 140 ? 9.052   2.173   17.059  1.00 21.67  ? 139 ILE A CA  1 
ATOM   1074 C C   . ILE A 1 140 ? 8.837   0.653   17.193  1.00 27.86  ? 139 ILE A C   1 
ATOM   1075 O O   . ILE A 1 140 ? 9.544   -0.133  16.577  1.00 20.58  ? 139 ILE A O   1 
ATOM   1076 C CB  . ILE A 1 140 ? 7.793   2.820   16.444  1.00 26.50  ? 139 ILE A CB  1 
ATOM   1077 C CG1 . ILE A 1 140 ? 7.416   2.174   15.110  1.00 22.52  ? 139 ILE A CG1 1 
ATOM   1078 C CG2 . ILE A 1 140 ? 8.024   4.317   16.291  1.00 26.67  ? 139 ILE A CG2 1 
ATOM   1079 C CD1 . ILE A 1 140 ? 6.373   2.914   14.306  1.00 38.18  ? 139 ILE A CD1 1 
ATOM   1080 N N   . ASP A 1 141 ? 7.859   0.247   18.005  1.00 22.04  ? 140 ASP A N   1 
ATOM   1081 C CA  . ASP A 1 141 ? 7.434   -1.144  18.058  1.00 20.03  ? 140 ASP A CA  1 
ATOM   1082 C C   . ASP A 1 141 ? 5.910   -1.229  18.132  1.00 18.50  ? 140 ASP A C   1 
ATOM   1083 O O   . ASP A 1 141 ? 5.221   -0.221  18.183  1.00 13.70  ? 140 ASP A O   1 
ATOM   1084 C CB  . ASP A 1 141 ? 8.077   -1.887  19.227  1.00 18.49  ? 140 ASP A CB  1 
ATOM   1085 C CG  . ASP A 1 141 ? 7.688   -1.365  20.579  1.00 28.53  ? 140 ASP A CG  1 
ATOM   1086 O OD1 . ASP A 1 141 ? 6.823   -0.462  20.709  1.00 23.30  ? 140 ASP A OD1 1 
ATOM   1087 O OD2 . ASP A 1 141 ? 8.262   -1.891  21.578  1.00 33.46  ? 140 ASP A OD2 1 
ATOM   1088 N N   . TYR A 1 142 ? 5.395   -2.440  18.184  1.00 17.57  ? 141 TYR A N   1 
ATOM   1089 C CA  . TYR A 1 142 ? 3.943   -2.623  18.091  1.00 13.75  ? 141 TYR A CA  1 
ATOM   1090 C C   . TYR A 1 142 ? 3.262   -1.977  19.307  1.00 13.40  ? 141 TYR A C   1 
ATOM   1091 O O   . TYR A 1 142 ? 2.241   -1.294  19.152  1.00 13.53  ? 141 TYR A O   1 
ATOM   1092 C CB  . TYR A 1 142 ? 3.646   -4.116  17.965  1.00 14.23  ? 141 TYR A CB  1 
ATOM   1093 C CG  . TYR A 1 142 ? 2.186   -4.440  18.031  1.00 14.01  ? 141 TYR A CG  1 
ATOM   1094 C CD1 . TYR A 1 142 ? 1.352   -4.269  16.910  1.00 13.92  ? 141 TYR A CD1 1 
ATOM   1095 C CD2 . TYR A 1 142 ? 1.621   -4.890  19.212  1.00 17.62  ? 141 TYR A CD2 1 
ATOM   1096 C CE1 . TYR A 1 142 ? -0.014  -4.578  16.999  1.00 15.35  ? 141 TYR A CE1 1 
ATOM   1097 C CE2 . TYR A 1 142 ? 0.260   -5.208  19.301  1.00 21.67  ? 141 TYR A CE2 1 
ATOM   1098 C CZ  . TYR A 1 142 ? -0.546  -5.044  18.199  1.00 23.36  ? 141 TYR A CZ  1 
ATOM   1099 O OH  . TYR A 1 142 ? -1.895  -5.337  18.350  1.00 18.58  ? 141 TYR A OH  1 
ATOM   1100 N N   . ASP A 1 143 ? 3.779   -2.141  20.526  1.00 12.21  ? 142 ASP A N   1 
ATOM   1101 C CA  . ASP A 1 143 ? 3.124   -1.585  21.666  1.00 13.85  ? 142 ASP A CA  1 
ATOM   1102 C C   . ASP A 1 143 ? 2.908   -0.093  21.580  1.00 12.71  ? 142 ASP A C   1 
ATOM   1103 O O   . ASP A 1 143 ? 1.829   0.418   22.007  1.00 13.20  ? 142 ASP A O   1 
ATOM   1104 C CB  . ASP A 1 143 ? 3.828   -1.901  22.987  1.00 14.85  ? 142 ASP A CB  1 
ATOM   1105 C CG  . ASP A 1 143 ? 3.714   -3.381  23.390  1.00 29.42  ? 142 ASP A CG  1 
ATOM   1106 O OD1 . ASP A 1 143 ? 2.757   -4.065  22.965  1.00 25.65  ? 142 ASP A OD1 1 
ATOM   1107 O OD2 . ASP A 1 143 ? 4.586   -3.866  24.130  1.00 38.07  ? 142 ASP A OD2 1 
ATOM   1108 N N   . TYR A 1 144 ? 3.927   0.606   21.072  1.00 16.20  ? 143 TYR A N   1 
ATOM   1109 C CA  . TYR A 1 144 ? 3.845   2.037   20.907  1.00 13.10  ? 143 TYR A CA  1 
ATOM   1110 C C   . TYR A 1 144 ? 2.833   2.419   19.869  1.00 10.84  ? 143 TYR A C   1 
ATOM   1111 O O   . TYR A 1 144 ? 1.986   3.286   20.127  1.00 11.61  ? 143 TYR A O   1 
ATOM   1112 C CB  . TYR A 1 144 ? 5.216   2.633   20.553  1.00 15.09  ? 143 TYR A CB  1 
ATOM   1113 C CG  . TYR A 1 144 ? 5.153   4.124   20.408  1.00 12.94  ? 143 TYR A CG  1 
ATOM   1114 C CD1 . TYR A 1 144 ? 4.786   4.915   21.458  1.00 14.51  ? 143 TYR A CD1 1 
ATOM   1115 C CD2 . TYR A 1 144 ? 5.485   4.748   19.198  1.00 16.30  ? 143 TYR A CD2 1 
ATOM   1116 C CE1 . TYR A 1 144 ? 4.722   6.309   21.343  1.00 13.15  ? 143 TYR A CE1 1 
ATOM   1117 C CE2 . TYR A 1 144 ? 5.475   6.130   19.075  1.00 13.03  ? 143 TYR A CE2 1 
ATOM   1118 C CZ  . TYR A 1 144 ? 5.042   6.909   20.132  1.00 13.93  ? 143 TYR A CZ  1 
ATOM   1119 O OH  . TYR A 1 144 ? 4.953   8.307   20.051  1.00 13.91  ? 143 TYR A OH  1 
ATOM   1120 N N   . VAL A 1 145 ? 2.830   1.732   18.709  1.00 11.08  ? 144 VAL A N   1 
ATOM   1121 C CA  . VAL A 1 145 ? 1.846   2.024   17.693  1.00 11.49  ? 144 VAL A CA  1 
ATOM   1122 C C   . VAL A 1 145 ? 0.441   1.808   18.209  1.00 11.10  ? 144 VAL A C   1 
ATOM   1123 O O   . VAL A 1 145 ? -0.456  2.569   17.895  1.00 10.82  ? 144 VAL A O   1 
ATOM   1124 C CB  . VAL A 1 145 ? 2.074   1.216   16.396  1.00 11.95  ? 144 VAL A CB  1 
ATOM   1125 C CG1 . VAL A 1 145 ? 0.983   1.479   15.387  1.00 10.75  ? 144 VAL A CG1 1 
ATOM   1126 C CG2 . VAL A 1 145 ? 3.428   1.571   15.803  1.00 17.47  ? 144 VAL A CG2 1 
ATOM   1127 N N   . LEU A 1 146 ? 0.216   0.723   18.916  1.00 12.73  ? 145 LEU A N   1 
ATOM   1128 C CA  . LEU A 1 146 ? -1.104  0.461   19.419  1.00 14.07  ? 145 LEU A CA  1 
ATOM   1129 C C   . LEU A 1 146 ? -1.565  1.585   20.371  1.00 11.91  ? 145 LEU A C   1 
ATOM   1130 O O   . LEU A 1 146 ? -2.741  1.939   20.366  1.00 12.53  ? 145 LEU A O   1 
ATOM   1131 C CB  . LEU A 1 146 ? -1.099  -0.892  20.107  1.00 13.22  ? 145 LEU A CB  1 
ATOM   1132 C CG  . LEU A 1 146 ? -2.452  -1.445  20.524  1.00 19.92  ? 145 LEU A CG  1 
ATOM   1133 C CD1 . LEU A 1 146 ? -3.326  -1.650  19.285  1.00 17.01  ? 145 LEU A CD1 1 
ATOM   1134 C CD2 . LEU A 1 146 ? -2.189  -2.778  21.214  1.00 24.71  ? 145 LEU A CD2 1 
ATOM   1135 N N   . LYS A 1 147 ? -0.676  2.178   21.196  1.00 11.31  ? 146 LYS A N   1 
ATOM   1136 C CA  . LYS A 1 147 ? -1.085  3.293   22.047  1.00 12.59  ? 146 LYS A CA  1 
ATOM   1137 C C   . LYS A 1 147 ? -1.565  4.510   21.246  1.00 12.51  ? 146 LYS A C   1 
ATOM   1138 O O   . LYS A 1 147 ? -2.602  5.148   21.561  1.00 11.58  ? 146 LYS A O   1 
ATOM   1139 C CB  . LYS A 1 147 ? 0.075   3.785   22.980  1.00 16.49  ? 146 LYS A CB  1 
ATOM   1140 C CG  . LYS A 1 147 ? 0.497   2.884   24.107  1.00 30.01  ? 146 LYS A CG  1 
ATOM   1141 C CD  . LYS A 1 147 ? 1.527   3.637   24.965  1.00 27.25  ? 146 LYS A CD  1 
ATOM   1142 C CE  . LYS A 1 147 ? 1.814   2.912   26.272  1.00 54.09  ? 146 LYS A CE  1 
ATOM   1143 N NZ  . LYS A 1 147 ? 2.695   1.720   26.089  1.00 53.91  ? 146 LYS A NZ  1 
ATOM   1144 N N   . LEU A 1 148 ? -0.829  4.839   20.178  1.00 10.15  ? 147 LEU A N   1 
ATOM   1145 C CA  . LEU A 1 148 ? -1.181  5.942   19.312  1.00 10.18  ? 147 LEU A CA  1 
ATOM   1146 C C   . LEU A 1 148 ? -2.459  5.649   18.532  1.00 10.87  ? 147 LEU A C   1 
ATOM   1147 O O   . LEU A 1 148 ? -3.275  6.532   18.388  1.00 11.62  ? 147 LEU A O   1 
ATOM   1148 C CB  . LEU A 1 148 ? -0.051  6.259   18.348  1.00 11.02  ? 147 LEU A CB  1 
ATOM   1149 C CG  . LEU A 1 148 ? 1.277   6.722   18.950  1.00 15.01  ? 147 LEU A CG  1 
ATOM   1150 C CD1 . LEU A 1 148 ? 2.247   7.029   17.792  1.00 16.25  ? 147 LEU A CD1 1 
ATOM   1151 C CD2 . LEU A 1 148 ? 1.083   7.932   19.802  1.00 14.11  ? 147 LEU A CD2 1 
ATOM   1152 N N   . TYR A 1 149 ? -2.650  4.397   18.116  1.00 9.10   ? 148 TYR A N   1 
ATOM   1153 C CA  . TYR A 1 149 ? -3.797  4.027   17.286  1.00 9.05   ? 148 TYR A CA  1 
ATOM   1154 C C   . TYR A 1 149 ? -5.010  4.128   18.160  1.00 9.98   ? 148 TYR A C   1 
ATOM   1155 O O   . TYR A 1 149 ? -6.000  4.702   17.761  1.00 9.27   ? 148 TYR A O   1 
ATOM   1156 C CB  . TYR A 1 149 ? -3.595  2.624   16.740  1.00 8.79   ? 148 TYR A CB  1 
ATOM   1157 C CG  . TYR A 1 149 ? -4.348  2.268   15.461  1.00 8.34   ? 148 TYR A CG  1 
ATOM   1158 C CD1 . TYR A 1 149 ? -5.346  3.067   14.944  1.00 8.36   ? 148 TYR A CD1 1 
ATOM   1159 C CD2 . TYR A 1 149 ? -4.102  1.057   14.856  1.00 9.55   ? 148 TYR A CD2 1 
ATOM   1160 C CE1 . TYR A 1 149 ? -6.048  2.690   13.776  1.00 11.14  ? 148 TYR A CE1 1 
ATOM   1161 C CE2 . TYR A 1 149 ? -4.752  0.685   13.710  1.00 10.19  ? 148 TYR A CE2 1 
ATOM   1162 C CZ  . TYR A 1 149 ? -5.751  1.475   13.200  1.00 10.42  ? 148 TYR A CZ  1 
ATOM   1163 O OH  . TYR A 1 149 ? -6.373  1.079   12.035  1.00 16.64  ? 148 TYR A OH  1 
ATOM   1164 N N   . LYS A 1 150 ? -4.971  3.570   19.361  1.00 10.75  ? 149 LYS A N   1 
ATOM   1165 C CA  . LYS A 1 150 ? -6.133  3.752   20.276  1.00 15.42  ? 149 LYS A CA  1 
ATOM   1166 C C   . LYS A 1 150 ? -6.508  5.207   20.529  1.00 15.80  ? 149 LYS A C   1 
ATOM   1167 O O   . LYS A 1 150 ? -7.685  5.590   20.594  1.00 14.02  ? 149 LYS A O   1 
ATOM   1168 C CB  . LYS A 1 150 ? -5.879  3.009   21.591  1.00 15.27  ? 149 LYS A CB  1 
ATOM   1169 C CG  . LYS A 1 150 ? -5.871  1.533   21.357  1.00 19.25  ? 149 LYS A CG  1 
ATOM   1170 C CD  . LYS A 1 150 ? -5.457  0.792   22.615  1.00 41.29  ? 149 LYS A CD  1 
ATOM   1171 C CE  . LYS A 1 150 ? -5.488  -0.712  22.389  1.00 50.46  ? 149 LYS A CE  1 
ATOM   1172 N NZ  . LYS A 1 150 ? -6.859  -1.256  22.236  1.00 72.98  ? 149 LYS A NZ  1 
ATOM   1173 N N   . GLN A 1 151 ? -5.503  6.052   20.672  1.00 13.98  ? 150 GLN A N   1 
ATOM   1174 C CA  . GLN A 1 151 ? -5.753  7.462   20.814  1.00 14.40  ? 150 GLN A CA  1 
ATOM   1175 C C   . GLN A 1 151 ? -6.408  8.148   19.629  1.00 15.19  ? 150 GLN A C   1 
ATOM   1176 O O   . GLN A 1 151 ? -7.370  8.912   19.816  1.00 15.15  ? 150 GLN A O   1 
ATOM   1177 C CB  . GLN A 1 151 ? -4.413  8.193   21.099  1.00 18.69  ? 150 GLN A CB  1 
ATOM   1178 C CG  . GLN A 1 151 ? -4.570  9.700   21.204  1.00 23.19  ? 150 GLN A CG  1 
ATOM   1179 C CD  . GLN A 1 151 ? -3.342  10.316  21.838  1.00 50.94  ? 150 GLN A CD  1 
ATOM   1180 O OE1 . GLN A 1 151 ? -2.224  10.029  21.413  1.00 21.08  ? 150 GLN A OE1 1 
ATOM   1181 N NE2 . GLN A 1 151 ? -3.536  11.157  22.865  1.00 45.32  ? 150 GLN A NE2 1 
ATOM   1182 N N   . ILE A 1 152 ? -5.972  7.843   18.405  1.00 13.80  ? 151 ILE A N   1 
ATOM   1183 C CA  . ILE A 1 152 ? -6.634  8.441   17.231  1.00 15.75  ? 151 ILE A CA  1 
ATOM   1184 C C   . ILE A 1 152 ? -8.061  7.903   17.068  1.00 18.40  ? 151 ILE A C   1 
ATOM   1185 O O   . ILE A 1 152 ? -8.893  8.600   16.523  1.00 19.18  ? 151 ILE A O   1 
ATOM   1186 C CB  . ILE A 1 152 ? -5.850  8.330   15.914  1.00 17.47  ? 151 ILE A CB  1 
ATOM   1187 C CG1 . ILE A 1 152 ? -5.657  6.929   15.454  1.00 19.03  ? 151 ILE A CG1 1 
ATOM   1188 C CG2 . ILE A 1 152 ? -4.489  9.002   16.017  1.00 14.84  ? 151 ILE A CG2 1 
ATOM   1189 C CD1 . ILE A 1 152 ? -4.879  6.882   14.145  1.00 26.91  ? 151 ILE A CD1 1 
ATOM   1190 N N   . LEU A 1 153 ? -8.328  6.691   17.527  1.00 12.12  ? 152 LEU A N   1 
ATOM   1191 C CA  . LEU A 1 153 ? -9.686  6.149   17.393  1.00 12.81  ? 152 LEU A CA  1 
ATOM   1192 C C   . LEU A 1 153 ? -10.605 6.535   18.570  1.00 19.67  ? 152 LEU A C   1 
ATOM   1193 O O   . LEU A 1 153 ? -11.802 6.307   18.496  1.00 21.52  ? 152 LEU A O   1 
ATOM   1194 C CB  . LEU A 1 153 ? -9.659  4.639   17.222  1.00 13.40  ? 152 LEU A CB  1 
ATOM   1195 C CG  . LEU A 1 153 ? -8.926  4.120   16.047  1.00 10.92  ? 152 LEU A CG  1 
ATOM   1196 C CD1 . LEU A 1 153 ? -8.906  2.613   16.082  1.00 17.47  ? 152 LEU A CD1 1 
ATOM   1197 C CD2 . LEU A 1 153 ? -9.539  4.651   14.748  1.00 13.29  ? 152 LEU A CD2 1 
ATOM   1198 N N   . SER A 1 154 ? -10.056 7.115   19.631  1.00 17.13  ? 153 SER A N   1 
ATOM   1199 C CA  . SER A 1 154 ? -10.840 7.561   20.820  1.00 27.36  ? 153 SER A CA  1 
ATOM   1200 C C   . SER A 1 154 ? -11.756 8.724   20.436  1.00 40.24  ? 153 SER A C   1 
ATOM   1201 O O   . SER A 1 154 ? -11.395 9.514   19.550  1.00 48.07  ? 153 SER A O   1 
ATOM   1202 C CB  . SER A 1 154 ? -9.928  8.092   21.942  1.00 40.96  ? 153 SER A CB  1 
ATOM   1203 O OG  . SER A 1 154 ? -9.170  7.087   22.572  1.00 45.23  ? 153 SER A OG  1 
HETATM 1204 S S   . SO4 B 2 .   ? 10.310  -3.323  -19.755 0.50 17.81  ? 201 SO4 A S   1 
HETATM 1205 O O1  . SO4 B 2 .   ? 9.777   -2.613  -20.951 0.50 14.49  ? 201 SO4 A O1  1 
HETATM 1206 O O2  . SO4 B 2 .   ? 11.165  -2.390  -18.977 0.50 20.82  ? 201 SO4 A O2  1 
HETATM 1207 O O3  . SO4 B 2 .   ? 9.140   -3.792  -18.927 0.50 7.44   ? 201 SO4 A O3  1 
HETATM 1208 O O4  . SO4 B 2 .   ? 11.101  -4.510  -20.190 0.50 19.17  ? 201 SO4 A O4  1 
HETATM 1209 S S   . SO4 C 2 .   ? -3.219  7.794   -17.140 0.50 16.09  ? 202 SO4 A S   1 
HETATM 1210 O O1  . SO4 C 2 .   ? -3.744  6.640   -17.903 0.50 11.14  ? 202 SO4 A O1  1 
HETATM 1211 O O2  . SO4 C 2 .   ? -2.154  8.469   -17.954 0.50 12.85  ? 202 SO4 A O2  1 
HETATM 1212 O O3  . SO4 C 2 .   ? -4.343  8.713   -16.796 0.50 18.53  ? 202 SO4 A O3  1 
HETATM 1213 O O4  . SO4 C 2 .   ? -2.553  7.345   -15.892 0.50 19.84  ? 202 SO4 A O4  1 
HETATM 1214 O O   . HOH D 3 .   ? -4.928  10.871  7.565   1.00 32.37  ? 301 HOH A O   1 
HETATM 1215 O O   . HOH D 3 .   ? -10.256 4.788   -4.376  1.00 36.24  ? 302 HOH A O   1 
HETATM 1216 O O   . HOH D 3 .   ? 10.454  -6.852  -19.546 1.00 23.53  ? 303 HOH A O   1 
HETATM 1217 O O   . HOH D 3 .   ? 14.188  -3.614  -6.654  1.00 30.30  ? 304 HOH A O   1 
HETATM 1218 O O   . HOH D 3 .   ? -14.045 -1.015  19.389  1.00 22.71  ? 305 HOH A O   1 
HETATM 1219 O O   . HOH D 3 .   ? 0.400   -0.761  23.762  1.00 30.00  ? 306 HOH A O   1 
HETATM 1220 O O   . HOH D 3 .   ? 5.500   -19.112 -6.769  1.00 76.69  ? 307 HOH A O   1 
HETATM 1221 O O   . HOH D 3 .   ? 6.263   11.659  0.016   1.00 25.38  ? 308 HOH A O   1 
HETATM 1222 O O   . HOH D 3 .   ? 13.103  -2.112  -1.212  1.00 27.24  ? 309 HOH A O   1 
HETATM 1223 O O   . HOH D 3 .   ? 0.385   -3.499  23.855  1.00 26.46  ? 310 HOH A O   1 
HETATM 1224 O O   . HOH D 3 .   ? -8.853  8.327   -1.901  1.00 25.25  ? 311 HOH A O   1 
HETATM 1225 O O   . HOH D 3 .   ? 10.400  1.224   -6.008  1.00 20.70  ? 312 HOH A O   1 
HETATM 1226 O O   . HOH D 3 .   ? -11.879 -6.566  7.244   1.00 25.23  ? 313 HOH A O   1 
HETATM 1227 O O   . HOH D 3 .   ? 6.481   -0.521  -24.059 1.00 29.81  ? 314 HOH A O   1 
HETATM 1228 O O   . HOH D 3 .   ? 13.315  7.810   16.417  1.00 18.10  ? 315 HOH A O   1 
HETATM 1229 O O   . HOH D 3 .   ? 8.527   -5.173  -22.854 1.00 30.00  ? 316 HOH A O   1 
HETATM 1230 O O   . HOH D 3 .   ? 1.289   -7.094  9.858   1.00 22.64  ? 317 HOH A O   1 
HETATM 1231 O O   . HOH D 3 .   ? 13.346  -13.764 -9.817  1.00 27.13  ? 318 HOH A O   1 
HETATM 1232 O O   . HOH D 3 .   ? -10.563 8.324   8.743   1.00 33.67  ? 319 HOH A O   1 
HETATM 1233 O O   . HOH D 3 .   ? -4.359  10.067  0.076   1.00 28.29  ? 320 HOH A O   1 
HETATM 1234 O O   . HOH D 3 .   ? -8.417  6.684   -8.786  1.00 28.01  ? 321 HOH A O   1 
HETATM 1235 O O   . HOH D 3 .   ? 8.586   -2.345  -16.743 1.00 21.66  ? 322 HOH A O   1 
HETATM 1236 O O   . HOH D 3 .   ? -10.083 7.060   11.615  1.00 20.77  ? 323 HOH A O   1 
HETATM 1237 O O   . HOH D 3 .   ? -10.737 -2.367  -9.555  1.00 31.92  ? 324 HOH A O   1 
HETATM 1238 O O   . HOH D 3 .   ? -8.557  11.852  -6.671  1.00 30.00  ? 325 HOH A O   1 
HETATM 1239 O O   . HOH D 3 .   ? 14.295  10.315  15.810  1.00 23.99  ? 326 HOH A O   1 
HETATM 1240 O O   . HOH D 3 .   ? 0.038   11.440  20.978  1.00 25.87  ? 327 HOH A O   1 
HETATM 1241 O O   . HOH D 3 .   ? 4.324   4.170   -20.754 1.00 30.00  ? 328 HOH A O   1 
HETATM 1242 O O   . HOH D 3 .   ? -2.976  -6.128  20.721  1.00 28.42  ? 329 HOH A O   1 
HETATM 1243 O O   . HOH D 3 .   ? 8.615   9.871   10.933  1.00 33.36  ? 330 HOH A O   1 
HETATM 1244 O O   . HOH D 3 .   ? 6.469   9.741   9.647   1.00 30.00  ? 331 HOH A O   1 
HETATM 1245 O O   . HOH D 3 .   ? -14.369 -1.069  12.702  1.00 30.00  ? 332 HOH A O   1 
HETATM 1246 O O   . HOH D 3 .   ? -3.763  4.906   24.031  1.00 18.39  ? 333 HOH A O   1 
HETATM 1247 O O   . HOH D 3 .   ? -8.606  -8.337  21.308  1.00 34.16  ? 334 HOH A O   1 
HETATM 1248 O O   . HOH D 3 .   ? -9.980  9.795   -7.289  1.00 32.34  ? 335 HOH A O   1 
HETATM 1249 O O   . HOH D 3 .   ? 6.593   -6.574  -23.867 1.00 16.54  ? 336 HOH A O   1 
HETATM 1250 O O   . HOH D 3 .   ? -9.708  16.205  -5.793  1.00 29.47  ? 337 HOH A O   1 
HETATM 1251 O O   . HOH D 3 .   ? 10.095  0.032   13.831  1.00 29.19  ? 338 HOH A O   1 
HETATM 1252 O O   . HOH D 3 .   ? 6.903   0.533   23.279  1.00 29.71  ? 339 HOH A O   1 
HETATM 1253 O O   . HOH D 3 .   ? 4.746   -17.871 -14.146 1.00 32.70  ? 340 HOH A O   1 
HETATM 1254 O O   . HOH D 3 .   ? 14.731  -9.413  -7.119  1.00 22.27  ? 341 HOH A O   1 
HETATM 1255 O O   . HOH D 3 .   ? 0.124   19.075  -7.217  1.00 20.77  ? 342 HOH A O   1 
HETATM 1256 O O   . HOH D 3 .   ? 8.793   -4.024  16.079  1.00 33.93  ? 343 HOH A O   1 
HETATM 1257 O O   . HOH D 3 .   ? 4.309   9.367   -7.040  1.00 10.07  ? 344 HOH A O   1 
HETATM 1258 O O   . HOH D 3 .   ? 4.084   10.265  18.215  1.00 18.50  ? 345 HOH A O   1 
HETATM 1259 O O   . HOH D 3 .   ? 12.299  -8.083  -13.934 1.00 30.00  ? 346 HOH A O   1 
HETATM 1260 O O   . HOH D 3 .   ? -13.738 -4.360  11.159  1.00 30.00  ? 347 HOH A O   1 
HETATM 1261 O O   . HOH D 3 .   ? 10.169  4.558   0.108   1.00 27.66  ? 348 HOH A O   1 
HETATM 1262 O O   . HOH D 3 .   ? -5.921  8.826   -1.647  1.00 15.45  ? 349 HOH A O   1 
HETATM 1263 O O   . HOH D 3 .   ? 4.754   1.673   24.122  1.00 28.18  ? 350 HOH A O   1 
HETATM 1264 O O   . HOH D 3 .   ? 9.579   -11.705 -1.376  1.00 79.57  ? 351 HOH A O   1 
HETATM 1265 O O   . HOH D 3 .   ? 8.885   4.266   -3.041  1.00 33.80  ? 352 HOH A O   1 
HETATM 1266 O O   . HOH D 3 .   ? -7.253  8.980   1.401   1.00 25.99  ? 353 HOH A O   1 
HETATM 1267 O O   . HOH D 3 .   ? 0.609   -9.310  -23.003 1.00 30.00  ? 354 HOH A O   1 
HETATM 1268 O O   . HOH D 3 .   ? 1.667   11.117  6.788   1.00 19.71  ? 355 HOH A O   1 
HETATM 1269 O O   . HOH D 3 .   ? 10.536  7.840   9.710   1.00 24.66  ? 356 HOH A O   1 
HETATM 1270 O O   . HOH D 3 .   ? 2.742   13.821  17.692  1.00 20.70  ? 357 HOH A O   1 
HETATM 1271 O O   . HOH D 3 .   ? 5.924   -4.044  21.079  1.00 24.35  ? 358 HOH A O   1 
HETATM 1272 O O   . HOH D 3 .   ? -2.759  18.093  -10.217 1.00 20.02  ? 359 HOH A O   1 
HETATM 1273 O O   . HOH D 3 .   ? 7.191   -2.334  24.286  1.00 41.49  ? 360 HOH A O   1 
HETATM 1274 O O   . HOH D 3 .   ? -10.755 -7.531  -14.696 1.00 37.47  ? 361 HOH A O   1 
HETATM 1275 O O   . HOH D 3 .   ? -8.684  15.456  -10.086 1.00 14.21  ? 362 HOH A O   1 
HETATM 1276 O O   . HOH D 3 .   ? -2.257  -13.405 -6.981  1.00 30.00  ? 363 HOH A O   1 
HETATM 1277 O O   . HOH D 3 .   ? 10.049  5.983   2.584   1.00 24.31  ? 364 HOH A O   1 
HETATM 1278 O O   . HOH D 3 .   ? -4.121  -8.971  -1.583  1.00 29.27  ? 365 HOH A O   1 
HETATM 1279 O O   . HOH D 3 .   ? -2.685  5.090   -22.494 1.00 39.05  ? 366 HOH A O   1 
HETATM 1280 O O   . HOH D 3 .   ? -5.678  4.178   -19.535 1.00 34.52  ? 367 HOH A O   1 
HETATM 1281 O O   . HOH D 3 .   ? 7.167   -4.941  17.611  1.00 25.39  ? 368 HOH A O   1 
HETATM 1282 O O   . HOH D 3 .   ? 13.268  -6.314  -12.771 1.00 35.08  ? 369 HOH A O   1 
HETATM 1283 O O   . HOH D 3 .   ? 6.551   13.418  -2.179  1.00 29.05  ? 370 HOH A O   1 
HETATM 1284 O O   . HOH D 3 .   ? 13.453  -5.790  -8.933  1.00 37.72  ? 371 HOH A O   1 
HETATM 1285 O O   . HOH D 3 .   ? 4.753   2.413   28.458  1.00 45.24  ? 372 HOH A O   1 
HETATM 1286 O O   . HOH D 3 .   ? 5.369   -6.332  16.028  1.00 35.27  ? 373 HOH A O   1 
HETATM 1287 O O   . HOH D 3 .   ? -3.889  11.334  -13.003 1.00 29.42  ? 374 HOH A O   1 
HETATM 1288 O O   . HOH D 3 .   ? -12.048 -9.019  8.000   1.00 43.05  ? 375 HOH A O   1 
HETATM 1289 O O   . HOH D 3 .   ? -7.393  -4.940  6.286   1.00 40.90  ? 376 HOH A O   1 
HETATM 1290 O O   . HOH D 3 .   ? 3.811   12.270  7.688   1.00 23.63  ? 377 HOH A O   1 
HETATM 1291 O O   . HOH D 3 .   ? -6.317  11.668  -2.811  1.00 26.46  ? 378 HOH A O   1 
HETATM 1292 O O   . HOH D 3 .   ? 4.356   -5.967  12.901  1.00 41.70  ? 379 HOH A O   1 
HETATM 1293 O O   . HOH D 3 .   ? 11.613  -15.990 -10.661 1.00 27.23  ? 380 HOH A O   1 
HETATM 1294 O O   . HOH D 3 .   ? 2.041   11.461  19.165  1.00 21.07  ? 381 HOH A O   1 
HETATM 1295 O O   . HOH D 3 .   ? 12.032  -12.645 -4.951  1.00 20.68  ? 382 HOH A O   1 
HETATM 1296 O O   . HOH D 3 .   ? 6.132   10.880  7.435   1.00 22.87  ? 383 HOH A O   1 
HETATM 1297 O O   . HOH D 3 .   ? 0.407   1.241   -26.813 1.00 38.55  ? 384 HOH A O   1 
HETATM 1298 O O   . HOH D 3 .   ? 12.604  7.596   19.079  1.00 40.45  ? 385 HOH A O   1 
# 
